data_2MAD
# 
_entry.id   2MAD 
# 
_audit_conform.dict_name       mmcif_pdbx.dic 
_audit_conform.dict_version    5.393 
_audit_conform.dict_location   http://mmcif.pdb.org/dictionaries/ascii/mmcif_pdbx.dic 
# 
loop_
_database_2.database_id 
_database_2.database_code 
_database_2.pdbx_database_accession 
_database_2.pdbx_DOI 
PDB   2MAD         pdb_00002mad 10.2210/pdb2mad/pdb 
WWPDB D_1000178328 ?            ?                   
# 
loop_
_pdbx_audit_revision_history.ordinal 
_pdbx_audit_revision_history.data_content_type 
_pdbx_audit_revision_history.major_revision 
_pdbx_audit_revision_history.minor_revision 
_pdbx_audit_revision_history.revision_date 
1 'Structure model' 1 0 1994-01-31 
2 'Structure model' 1 1 2008-03-24 
3 'Structure model' 1 2 2011-07-13 
4 'Structure model' 1 3 2024-06-05 
# 
_pdbx_audit_revision_details.ordinal             1 
_pdbx_audit_revision_details.revision_ordinal    1 
_pdbx_audit_revision_details.data_content_type   'Structure model' 
_pdbx_audit_revision_details.provider            repository 
_pdbx_audit_revision_details.type                'Initial release' 
_pdbx_audit_revision_details.description         ? 
_pdbx_audit_revision_details.details             ? 
# 
loop_
_pdbx_audit_revision_group.ordinal 
_pdbx_audit_revision_group.revision_ordinal 
_pdbx_audit_revision_group.data_content_type 
_pdbx_audit_revision_group.group 
1 2 'Structure model' 'Version format compliance' 
2 3 'Structure model' 'Version format compliance' 
3 4 'Structure model' 'Data collection'           
4 4 'Structure model' 'Database references'       
5 4 'Structure model' 'Derived calculations'      
6 4 'Structure model' Other                       
# 
loop_
_pdbx_audit_revision_category.ordinal 
_pdbx_audit_revision_category.revision_ordinal 
_pdbx_audit_revision_category.data_content_type 
_pdbx_audit_revision_category.category 
1 4 'Structure model' chem_comp_atom       
2 4 'Structure model' chem_comp_bond       
3 4 'Structure model' database_2           
4 4 'Structure model' pdbx_database_status 
5 4 'Structure model' struct_conn          
6 4 'Structure model' struct_sheet         
# 
loop_
_pdbx_audit_revision_item.ordinal 
_pdbx_audit_revision_item.revision_ordinal 
_pdbx_audit_revision_item.data_content_type 
_pdbx_audit_revision_item.item 
1  4 'Structure model' '_database_2.pdbx_DOI'                
2  4 'Structure model' '_database_2.pdbx_database_accession' 
3  4 'Structure model' '_pdbx_database_status.process_site'  
4  4 'Structure model' '_struct_conn.pdbx_dist_value'        
5  4 'Structure model' '_struct_conn.pdbx_leaving_atom_flag' 
6  4 'Structure model' '_struct_conn.ptnr1_label_atom_id'    
7  4 'Structure model' '_struct_conn.ptnr2_auth_comp_id'     
8  4 'Structure model' '_struct_conn.ptnr2_auth_seq_id'      
9  4 'Structure model' '_struct_conn.ptnr2_label_atom_id'    
10 4 'Structure model' '_struct_conn.ptnr2_label_comp_id'    
11 4 'Structure model' '_struct_conn.ptnr2_label_seq_id'     
12 4 'Structure model' '_struct_sheet.number_strands'        
# 
_pdbx_database_PDB_obs_spr.id               SPRSDE 
_pdbx_database_PDB_obs_spr.date             1994-01-31 
_pdbx_database_PDB_obs_spr.pdb_id           2MAD 
_pdbx_database_PDB_obs_spr.replace_pdb_id   1MAD 
_pdbx_database_PDB_obs_spr.details          ? 
# 
_pdbx_database_status.status_code                     REL 
_pdbx_database_status.entry_id                        2MAD 
_pdbx_database_status.recvd_initial_deposition_date   1992-05-20 
_pdbx_database_status.deposit_site                    ? 
_pdbx_database_status.process_site                    BNL 
_pdbx_database_status.SG_entry                        . 
_pdbx_database_status.pdb_format_compatible           Y 
_pdbx_database_status.status_code_mr                  ? 
_pdbx_database_status.status_code_sf                  ? 
_pdbx_database_status.status_code_cs                  ? 
_pdbx_database_status.status_code_nmr_data            ? 
_pdbx_database_status.methods_development_category    ? 
# 
loop_
_audit_author.name 
_audit_author.pdbx_ordinal 
'Huizinga, E.G.'   1 
'Vellieux, F.M.D.' 2 
'Hol, W.G.J.'      3 
# 
loop_
_citation.id 
_citation.title 
_citation.journal_abbrev 
_citation.journal_volume 
_citation.page_first 
_citation.page_last 
_citation.year 
_citation.journal_id_ASTM 
_citation.country 
_citation.journal_id_ISSN 
_citation.journal_id_CSD 
_citation.book_publisher 
_citation.pdbx_database_id_PubMed 
_citation.pdbx_database_id_DOI 
primary 
;Active site structure of methylamine dehydrogenase: hydrazines identify C6 as the reactive site of the tryptophan-derived quinone cofactor.
;
Biochemistry   31  9789 9795 1992 BICHAW US 0006-2960 0033 ? 1390754 10.1021/bi00155a036 
1       'Crystallographic Investigations of the Tryptophan-Derived Cofactor in the Quinoprotein Methylamine Dehydrogenase' 
'FEBS Lett.'   287 163  ?    1991 FEBLAL NE 0014-5793 0165 ? ?       ?                   
2       'Structure of Quinoprotein Methylamine Dehydrogenase at 2.25 Angstroms Resolution' 'Embo J.'      8   2171 ?    1989 
EMJODG UK 0261-4189 0897 ? ?       ?                   
3       
;Purification, Crystallization and Preliminary X-Ray Investigation of Quinoprotein Methylamine Dehydrogenase from Thiobacillius Versutus
;
Eur.J.Biochem. 154 383  ?    1986 EJBCAI IX 0014-2956 0262 ? ?       ?                   
# 
loop_
_citation_author.citation_id 
_citation_author.name 
_citation_author.ordinal 
_citation_author.identifier_ORCID 
primary 'Huizinga, E.G.'   1  ? 
primary 'van Zanten, B.A.' 2  ? 
primary 'Duine, J.A.'      3  ? 
primary 'Jongejan, J.A.'   4  ? 
primary 'Huitema, F.'      5  ? 
primary 'Wilson, K.S.'     6  ? 
primary 'Hol, W.G.'        7  ? 
1       'Chen, L.'         8  ? 
1       'Mathews, F.S.'    9  ? 
1       'Davidson, V.L.'   10 ? 
1       'Huizinga, E.G.'   11 ? 
1       'Vellieux, F.M.D.' 12 ? 
1       'Duine, J.A.'      13 ? 
1       'Hol, W.G.J.'      14 ? 
2       'Vellieux, F.M.D.' 15 ? 
2       'Huitema, F.'      16 ? 
2       'Groendijk, H.'    17 ? 
2       'Kalk, K.H.'       18 ? 
2       'Frank, J.'        19 ? 
2       'Jongejan, J.A.'   20 ? 
2       'Duine, J.A.'      21 ? 
2       'Petratos, K.'     22 ? 
2       'Drenth, J.'       23 ? 
2       'Hol, W.G.J.'      24 ? 
3       'Vellieux, F.M.D.' 25 ? 
3       'Frank, J.'        26 ? 
3       'Swarte, M.B.A.'   27 ? 
3       'Groendijk, H.'    28 ? 
3       'Duine, J.A.'      29 ? 
3       'Drenth, J.'       30 ? 
3       'Hol, W.G.J.'      31 ? 
# 
loop_
_entity.id 
_entity.type 
_entity.src_method 
_entity.pdbx_description 
_entity.formula_weight 
_entity.pdbx_number_of_molecules 
_entity.pdbx_ec 
_entity.pdbx_mutation 
_entity.pdbx_fragment 
_entity.details 
1 polymer man 'METHYLAMINE DEHYDROGENASE (LIGHT SUBUNIT)' 13668.154 1  1.4.99.3 ? ? ? 
2 polymer man 'METHYLAMINE DEHYDROGENASE (HEAVY SUBUNIT)' 38031.996 1  1.4.99.3 ? ? ? 
3 water   nat water                                       18.015    86 ?        ? ? ? 
# 
loop_
_entity_poly.entity_id 
_entity_poly.type 
_entity_poly.nstd_linkage 
_entity_poly.nstd_monomer 
_entity_poly.pdbx_seq_one_letter_code 
_entity_poly.pdbx_seq_one_letter_code_can 
_entity_poly.pdbx_strand_id 
_entity_poly.pdbx_target_identifier 
1 'polypeptide(L)' no yes 
;VDPRAKWQPQDNDIQACDYWRHCSIDGNICDCSGGSLTNCPPGTKLATAS(TRQ)VASCYNPTDGQSYLIAYRDCCGYNV
SGRCPCLNTEGELPVYRPEFANDIIWCFGAEDDAMTYHCTISPIVGKA
;
;VDPRAKWQPQDNDIQACDYWRHCSIDGNICDCSGGSLTNCPPGTKLATASWVASCYNPTDGQSYLIAYRDCCGYNVSGRC
PCLNTEGELPVYRPEFANDIIWCFGAEDDAMTYHCTISPIVGKA
;
L ? 
2 'polypeptide(L)' no no  
;SSASAAAAAAAAALAAGAADGPTNDEAPGADGRRSYINLPAHHSAIIQQWVLDAGSGSILGHVNGGFLPNPVAAHSGSEF
ALASTSFSRIAKGKRTDYVEVFDPVTFLPIADIELPDAPRFDVGPYSWMNANTPNNADLLFFQFAAGPAVGLVVQGGSSD
DQLLSSPTCYHIHPGAPSTFYLLCAQGGLAKTDHAGGAAGAGLVGAMLTAAQNLLTQPAQANKSGRIVWPVYSGKILQAD
ISAAGATNKAPIDALSGGRKADTWRPGGWQQVAYLKSSDGIYLLTSEQSAWKLHAAAKEVTSVTGLVGQTSSQISLGHDV
DAISVAQDGGPDLYALSAGTEVLHIYDAGAGDQDQSTVELGSGPQVLSVMNEA
;
;SSASAAAAAAAAALAAGAADGPTNDEAPGADGRRSYINLPAHHSAIIQQWVLDAGSGSILGHVNGGFLPNPVAAHSGSEF
ALASTSFSRIAKGKRTDYVEVFDPVTFLPIADIELPDAPRFDVGPYSWMNANTPNNADLLFFQFAAGPAVGLVVQGGSSD
DQLLSSPTCYHIHPGAPSTFYLLCAQGGLAKTDHAGGAAGAGLVGAMLTAAQNLLTQPAQANKSGRIVWPVYSGKILQAD
ISAAGATNKAPIDALSGGRKADTWRPGGWQQVAYLKSSDGIYLLTSEQSAWKLHAAAKEVTSVTGLVGQTSSQISLGHDV
DAISVAQDGGPDLYALSAGTEVLHIYDAGAGDQDQSTVELGSGPQVLSVMNEA
;
H ? 
# 
_pdbx_entity_nonpoly.entity_id   3 
_pdbx_entity_nonpoly.name        water 
_pdbx_entity_nonpoly.comp_id     HOH 
# 
loop_
_entity_poly_seq.entity_id 
_entity_poly_seq.num 
_entity_poly_seq.mon_id 
_entity_poly_seq.hetero 
1 1   VAL n 
1 2   ASP n 
1 3   PRO n 
1 4   ARG n 
1 5   ALA n 
1 6   LYS n 
1 7   TRP n 
1 8   GLN n 
1 9   PRO n 
1 10  GLN n 
1 11  ASP n 
1 12  ASN n 
1 13  ASP n 
1 14  ILE n 
1 15  GLN n 
1 16  ALA n 
1 17  CYS n 
1 18  ASP n 
1 19  TYR n 
1 20  TRP n 
1 21  ARG n 
1 22  HIS n 
1 23  CYS n 
1 24  SER n 
1 25  ILE n 
1 26  ASP n 
1 27  GLY n 
1 28  ASN n 
1 29  ILE n 
1 30  CYS n 
1 31  ASP n 
1 32  CYS n 
1 33  SER n 
1 34  GLY n 
1 35  GLY n 
1 36  SER n 
1 37  LEU n 
1 38  THR n 
1 39  ASN n 
1 40  CYS n 
1 41  PRO n 
1 42  PRO n 
1 43  GLY n 
1 44  THR n 
1 45  LYS n 
1 46  LEU n 
1 47  ALA n 
1 48  THR n 
1 49  ALA n 
1 50  SER n 
1 51  TRQ n 
1 52  VAL n 
1 53  ALA n 
1 54  SER n 
1 55  CYS n 
1 56  TYR n 
1 57  ASN n 
1 58  PRO n 
1 59  THR n 
1 60  ASP n 
1 61  GLY n 
1 62  GLN n 
1 63  SER n 
1 64  TYR n 
1 65  LEU n 
1 66  ILE n 
1 67  ALA n 
1 68  TYR n 
1 69  ARG n 
1 70  ASP n 
1 71  CYS n 
1 72  CYS n 
1 73  GLY n 
1 74  TYR n 
1 75  ASN n 
1 76  VAL n 
1 77  SER n 
1 78  GLY n 
1 79  ARG n 
1 80  CYS n 
1 81  PRO n 
1 82  CYS n 
1 83  LEU n 
1 84  ASN n 
1 85  THR n 
1 86  GLU n 
1 87  GLY n 
1 88  GLU n 
1 89  LEU n 
1 90  PRO n 
1 91  VAL n 
1 92  TYR n 
1 93  ARG n 
1 94  PRO n 
1 95  GLU n 
1 96  PHE n 
1 97  ALA n 
1 98  ASN n 
1 99  ASP n 
1 100 ILE n 
1 101 ILE n 
1 102 TRP n 
1 103 CYS n 
1 104 PHE n 
1 105 GLY n 
1 106 ALA n 
1 107 GLU n 
1 108 ASP n 
1 109 ASP n 
1 110 ALA n 
1 111 MET n 
1 112 THR n 
1 113 TYR n 
1 114 HIS n 
1 115 CYS n 
1 116 THR n 
1 117 ILE n 
1 118 SER n 
1 119 PRO n 
1 120 ILE n 
1 121 VAL n 
1 122 GLY n 
1 123 LYS n 
1 124 ALA n 
2 1   SER n 
2 2   SER n 
2 3   ALA n 
2 4   SER n 
2 5   ALA n 
2 6   ALA n 
2 7   ALA n 
2 8   ALA n 
2 9   ALA n 
2 10  ALA n 
2 11  ALA n 
2 12  ALA n 
2 13  ALA n 
2 14  LEU n 
2 15  ALA n 
2 16  ALA n 
2 17  GLY n 
2 18  ALA n 
2 19  ALA n 
2 20  ASP n 
2 21  GLY n 
2 22  PRO n 
2 23  THR n 
2 24  ASN n 
2 25  ASP n 
2 26  GLU n 
2 27  ALA n 
2 28  PRO n 
2 29  GLY n 
2 30  ALA n 
2 31  ASP n 
2 32  GLY n 
2 33  ARG n 
2 34  ARG n 
2 35  SER n 
2 36  TYR n 
2 37  ILE n 
2 38  ASN n 
2 39  LEU n 
2 40  PRO n 
2 41  ALA n 
2 42  HIS n 
2 43  HIS n 
2 44  SER n 
2 45  ALA n 
2 46  ILE n 
2 47  ILE n 
2 48  GLN n 
2 49  GLN n 
2 50  TRP n 
2 51  VAL n 
2 52  LEU n 
2 53  ASP n 
2 54  ALA n 
2 55  GLY n 
2 56  SER n 
2 57  GLY n 
2 58  SER n 
2 59  ILE n 
2 60  LEU n 
2 61  GLY n 
2 62  HIS n 
2 63  VAL n 
2 64  ASN n 
2 65  GLY n 
2 66  GLY n 
2 67  PHE n 
2 68  LEU n 
2 69  PRO n 
2 70  ASN n 
2 71  PRO n 
2 72  VAL n 
2 73  ALA n 
2 74  ALA n 
2 75  HIS n 
2 76  SER n 
2 77  GLY n 
2 78  SER n 
2 79  GLU n 
2 80  PHE n 
2 81  ALA n 
2 82  LEU n 
2 83  ALA n 
2 84  SER n 
2 85  THR n 
2 86  SER n 
2 87  PHE n 
2 88  SER n 
2 89  ARG n 
2 90  ILE n 
2 91  ALA n 
2 92  LYS n 
2 93  GLY n 
2 94  LYS n 
2 95  ARG n 
2 96  THR n 
2 97  ASP n 
2 98  TYR n 
2 99  VAL n 
2 100 GLU n 
2 101 VAL n 
2 102 PHE n 
2 103 ASP n 
2 104 PRO n 
2 105 VAL n 
2 106 THR n 
2 107 PHE n 
2 108 LEU n 
2 109 PRO n 
2 110 ILE n 
2 111 ALA n 
2 112 ASP n 
2 113 ILE n 
2 114 GLU n 
2 115 LEU n 
2 116 PRO n 
2 117 ASP n 
2 118 ALA n 
2 119 PRO n 
2 120 ARG n 
2 121 PHE n 
2 122 ASP n 
2 123 VAL n 
2 124 GLY n 
2 125 PRO n 
2 126 TYR n 
2 127 SER n 
2 128 TRP n 
2 129 MET n 
2 130 ASN n 
2 131 ALA n 
2 132 ASN n 
2 133 THR n 
2 134 PRO n 
2 135 ASN n 
2 136 ASN n 
2 137 ALA n 
2 138 ASP n 
2 139 LEU n 
2 140 LEU n 
2 141 PHE n 
2 142 PHE n 
2 143 GLN n 
2 144 PHE n 
2 145 ALA n 
2 146 ALA n 
2 147 GLY n 
2 148 PRO n 
2 149 ALA n 
2 150 VAL n 
2 151 GLY n 
2 152 LEU n 
2 153 VAL n 
2 154 VAL n 
2 155 GLN n 
2 156 GLY n 
2 157 GLY n 
2 158 SER n 
2 159 SER n 
2 160 ASP n 
2 161 ASP n 
2 162 GLN n 
2 163 LEU n 
2 164 LEU n 
2 165 SER n 
2 166 SER n 
2 167 PRO n 
2 168 THR n 
2 169 CYS n 
2 170 TYR n 
2 171 HIS n 
2 172 ILE n 
2 173 HIS n 
2 174 PRO n 
2 175 GLY n 
2 176 ALA n 
2 177 PRO n 
2 178 SER n 
2 179 THR n 
2 180 PHE n 
2 181 TYR n 
2 182 LEU n 
2 183 LEU n 
2 184 CYS n 
2 185 ALA n 
2 186 GLN n 
2 187 GLY n 
2 188 GLY n 
2 189 LEU n 
2 190 ALA n 
2 191 LYS n 
2 192 THR n 
2 193 ASP n 
2 194 HIS n 
2 195 ALA n 
2 196 GLY n 
2 197 GLY n 
2 198 ALA n 
2 199 ALA n 
2 200 GLY n 
2 201 ALA n 
2 202 GLY n 
2 203 LEU n 
2 204 VAL n 
2 205 GLY n 
2 206 ALA n 
2 207 MET n 
2 208 LEU n 
2 209 THR n 
2 210 ALA n 
2 211 ALA n 
2 212 GLN n 
2 213 ASN n 
2 214 LEU n 
2 215 LEU n 
2 216 THR n 
2 217 GLN n 
2 218 PRO n 
2 219 ALA n 
2 220 GLN n 
2 221 ALA n 
2 222 ASN n 
2 223 LYS n 
2 224 SER n 
2 225 GLY n 
2 226 ARG n 
2 227 ILE n 
2 228 VAL n 
2 229 TRP n 
2 230 PRO n 
2 231 VAL n 
2 232 TYR n 
2 233 SER n 
2 234 GLY n 
2 235 LYS n 
2 236 ILE n 
2 237 LEU n 
2 238 GLN n 
2 239 ALA n 
2 240 ASP n 
2 241 ILE n 
2 242 SER n 
2 243 ALA n 
2 244 ALA n 
2 245 GLY n 
2 246 ALA n 
2 247 THR n 
2 248 ASN n 
2 249 LYS n 
2 250 ALA n 
2 251 PRO n 
2 252 ILE n 
2 253 ASP n 
2 254 ALA n 
2 255 LEU n 
2 256 SER n 
2 257 GLY n 
2 258 GLY n 
2 259 ARG n 
2 260 LYS n 
2 261 ALA n 
2 262 ASP n 
2 263 THR n 
2 264 TRP n 
2 265 ARG n 
2 266 PRO n 
2 267 GLY n 
2 268 GLY n 
2 269 TRP n 
2 270 GLN n 
2 271 GLN n 
2 272 VAL n 
2 273 ALA n 
2 274 TYR n 
2 275 LEU n 
2 276 LYS n 
2 277 SER n 
2 278 SER n 
2 279 ASP n 
2 280 GLY n 
2 281 ILE n 
2 282 TYR n 
2 283 LEU n 
2 284 LEU n 
2 285 THR n 
2 286 SER n 
2 287 GLU n 
2 288 GLN n 
2 289 SER n 
2 290 ALA n 
2 291 TRP n 
2 292 LYS n 
2 293 LEU n 
2 294 HIS n 
2 295 ALA n 
2 296 ALA n 
2 297 ALA n 
2 298 LYS n 
2 299 GLU n 
2 300 VAL n 
2 301 THR n 
2 302 SER n 
2 303 VAL n 
2 304 THR n 
2 305 GLY n 
2 306 LEU n 
2 307 VAL n 
2 308 GLY n 
2 309 GLN n 
2 310 THR n 
2 311 SER n 
2 312 SER n 
2 313 GLN n 
2 314 ILE n 
2 315 SER n 
2 316 LEU n 
2 317 GLY n 
2 318 HIS n 
2 319 ASP n 
2 320 VAL n 
2 321 ASP n 
2 322 ALA n 
2 323 ILE n 
2 324 SER n 
2 325 VAL n 
2 326 ALA n 
2 327 GLN n 
2 328 ASP n 
2 329 GLY n 
2 330 GLY n 
2 331 PRO n 
2 332 ASP n 
2 333 LEU n 
2 334 TYR n 
2 335 ALA n 
2 336 LEU n 
2 337 SER n 
2 338 ALA n 
2 339 GLY n 
2 340 THR n 
2 341 GLU n 
2 342 VAL n 
2 343 LEU n 
2 344 HIS n 
2 345 ILE n 
2 346 TYR n 
2 347 ASP n 
2 348 ALA n 
2 349 GLY n 
2 350 ALA n 
2 351 GLY n 
2 352 ASP n 
2 353 GLN n 
2 354 ASP n 
2 355 GLN n 
2 356 SER n 
2 357 THR n 
2 358 VAL n 
2 359 GLU n 
2 360 LEU n 
2 361 GLY n 
2 362 SER n 
2 363 GLY n 
2 364 PRO n 
2 365 GLN n 
2 366 VAL n 
2 367 LEU n 
2 368 SER n 
2 369 VAL n 
2 370 MET n 
2 371 ASN n 
2 372 GLU n 
2 373 ALA n 
# 
loop_
_entity_src_gen.entity_id 
_entity_src_gen.pdbx_src_id 
_entity_src_gen.pdbx_alt_source_flag 
_entity_src_gen.pdbx_seq_type 
_entity_src_gen.pdbx_beg_seq_num 
_entity_src_gen.pdbx_end_seq_num 
_entity_src_gen.gene_src_common_name 
_entity_src_gen.gene_src_genus 
_entity_src_gen.pdbx_gene_src_gene 
_entity_src_gen.gene_src_species 
_entity_src_gen.gene_src_strain 
_entity_src_gen.gene_src_tissue 
_entity_src_gen.gene_src_tissue_fraction 
_entity_src_gen.gene_src_details 
_entity_src_gen.pdbx_gene_src_fragment 
_entity_src_gen.pdbx_gene_src_scientific_name 
_entity_src_gen.pdbx_gene_src_ncbi_taxonomy_id 
_entity_src_gen.pdbx_gene_src_variant 
_entity_src_gen.pdbx_gene_src_cell_line 
_entity_src_gen.pdbx_gene_src_atcc 
_entity_src_gen.pdbx_gene_src_organ 
_entity_src_gen.pdbx_gene_src_organelle 
_entity_src_gen.pdbx_gene_src_cell 
_entity_src_gen.pdbx_gene_src_cellular_location 
_entity_src_gen.host_org_common_name 
_entity_src_gen.pdbx_host_org_scientific_name 
_entity_src_gen.pdbx_host_org_ncbi_taxonomy_id 
_entity_src_gen.host_org_genus 
_entity_src_gen.pdbx_host_org_gene 
_entity_src_gen.pdbx_host_org_organ 
_entity_src_gen.host_org_species 
_entity_src_gen.pdbx_host_org_tissue 
_entity_src_gen.pdbx_host_org_tissue_fraction 
_entity_src_gen.pdbx_host_org_strain 
_entity_src_gen.pdbx_host_org_variant 
_entity_src_gen.pdbx_host_org_cell_line 
_entity_src_gen.pdbx_host_org_atcc 
_entity_src_gen.pdbx_host_org_culture_collection 
_entity_src_gen.pdbx_host_org_cell 
_entity_src_gen.pdbx_host_org_organelle 
_entity_src_gen.pdbx_host_org_cellular_location 
_entity_src_gen.pdbx_host_org_vector_type 
_entity_src_gen.pdbx_host_org_vector 
_entity_src_gen.host_org_details 
_entity_src_gen.expression_system_id 
_entity_src_gen.plasmid_name 
_entity_src_gen.plasmid_details 
_entity_src_gen.pdbx_description 
1 1 sample ? ? ? ? Paracoccus ? ? ? ? ? ? ? 'Paracoccus versutus' 34007 ? ? ? ? ? ? ? ? ? ? ? ? ? ? ? ? ? ? ? ? ? ? ? ? ? ? ? ? ? 
? ? 
2 1 sample ? ? ? ? Paracoccus ? ? ? ? ? ? ? 'Paracoccus versutus' 34007 ? ? ? ? ? ? ? ? ? ? ? ? ? ? ? ? ? ? ? ? ? ? ? ? ? ? ? ? ? 
? ? 
# 
loop_
_chem_comp.id 
_chem_comp.type 
_chem_comp.mon_nstd_flag 
_chem_comp.name 
_chem_comp.pdbx_synonyms 
_chem_comp.formula 
_chem_comp.formula_weight 
ALA 'L-peptide linking' y ALANINE                                                          ? 'C3 H7 N O2'     89.093  
ARG 'L-peptide linking' y ARGININE                                                         ? 'C6 H15 N4 O2 1' 175.209 
ASN 'L-peptide linking' y ASPARAGINE                                                       ? 'C4 H8 N2 O3'    132.118 
ASP 'L-peptide linking' y 'ASPARTIC ACID'                                                  ? 'C4 H7 N O4'     133.103 
CYS 'L-peptide linking' y CYSTEINE                                                         ? 'C3 H7 N O2 S'   121.158 
GLN 'L-peptide linking' y GLUTAMINE                                                        ? 'C5 H10 N2 O3'   146.144 
GLU 'L-peptide linking' y 'GLUTAMIC ACID'                                                  ? 'C5 H9 N O4'     147.129 
GLY 'peptide linking'   y GLYCINE                                                          ? 'C2 H5 N O2'     75.067  
HIS 'L-peptide linking' y HISTIDINE                                                        ? 'C6 H10 N3 O2 1' 156.162 
HOH non-polymer         . WATER                                                            ? 'H2 O'           18.015  
ILE 'L-peptide linking' y ISOLEUCINE                                                       ? 'C6 H13 N O2'    131.173 
LEU 'L-peptide linking' y LEUCINE                                                          ? 'C6 H13 N O2'    131.173 
LYS 'L-peptide linking' y LYSINE                                                           ? 'C6 H15 N2 O2 1' 147.195 
MET 'L-peptide linking' y METHIONINE                                                       ? 'C5 H11 N O2 S'  149.211 
PHE 'L-peptide linking' y PHENYLALANINE                                                    ? 'C9 H11 N O2'    165.189 
PRO 'L-peptide linking' y PROLINE                                                          ? 'C5 H9 N O2'     115.130 
SER 'L-peptide linking' y SERINE                                                           ? 'C3 H7 N O3'     105.093 
THR 'L-peptide linking' y THREONINE                                                        ? 'C4 H9 N O3'     119.119 
TRP 'L-peptide linking' y TRYPTOPHAN                                                       ? 'C11 H12 N2 O2'  204.225 
TRQ 'L-peptide linking' n '2-AMINO-3-(6,7-DIOXO-6,7-DIHYDRO-1H-INDOL-3-YL)-PROPIONIC ACID' ? 'C11 H10 N2 O4'  234.208 
TYR 'L-peptide linking' y TYROSINE                                                         ? 'C9 H11 N O3'    181.189 
VAL 'L-peptide linking' y VALINE                                                           ? 'C5 H11 N O2'    117.146 
# 
loop_
_pdbx_poly_seq_scheme.asym_id 
_pdbx_poly_seq_scheme.entity_id 
_pdbx_poly_seq_scheme.seq_id 
_pdbx_poly_seq_scheme.mon_id 
_pdbx_poly_seq_scheme.ndb_seq_num 
_pdbx_poly_seq_scheme.pdb_seq_num 
_pdbx_poly_seq_scheme.auth_seq_num 
_pdbx_poly_seq_scheme.pdb_mon_id 
_pdbx_poly_seq_scheme.auth_mon_id 
_pdbx_poly_seq_scheme.pdb_strand_id 
_pdbx_poly_seq_scheme.pdb_ins_code 
_pdbx_poly_seq_scheme.hetero 
A 1 1   VAL 1   7   7   VAL VAL L . n 
A 1 2   ASP 2   8   8   ASP ASP L . n 
A 1 3   PRO 3   9   9   PRO PRO L . n 
A 1 4   ARG 4   10  10  ARG ARG L . n 
A 1 5   ALA 5   11  11  ALA ALA L . n 
A 1 6   LYS 6   12  12  LYS LYS L . n 
A 1 7   TRP 7   13  13  TRP TRP L . n 
A 1 8   GLN 8   14  14  GLN GLN L . n 
A 1 9   PRO 9   15  15  PRO PRO L . n 
A 1 10  GLN 10  16  16  GLN GLN L . n 
A 1 11  ASP 11  17  17  ASP ASP L . n 
A 1 12  ASN 12  18  18  ASN ASN L . n 
A 1 13  ASP 13  19  19  ASP ASP L . n 
A 1 14  ILE 14  20  20  ILE ILE L . n 
A 1 15  GLN 15  21  21  GLN GLN L . n 
A 1 16  ALA 16  22  22  ALA ALA L . n 
A 1 17  CYS 17  23  23  CYS CYS L . n 
A 1 18  ASP 18  24  24  ASP ASP L . n 
A 1 19  TYR 19  25  25  TYR TYR L . n 
A 1 20  TRP 20  26  26  TRP TRP L . n 
A 1 21  ARG 21  27  27  ARG ARG L . n 
A 1 22  HIS 22  28  28  HIS HIS L . n 
A 1 23  CYS 23  29  29  CYS CYS L . n 
A 1 24  SER 24  30  30  SER SER L . n 
A 1 25  ILE 25  31  31  ILE ILE L . n 
A 1 26  ASP 26  32  32  ASP ASP L . n 
A 1 27  GLY 27  33  33  GLY GLY L . n 
A 1 28  ASN 28  34  34  ASN ASN L . n 
A 1 29  ILE 29  35  35  ILE ILE L . n 
A 1 30  CYS 30  36  36  CYS CYS L . n 
A 1 31  ASP 31  37  37  ASP ASP L . n 
A 1 32  CYS 32  38  38  CYS CYS L . n 
A 1 33  SER 33  39  39  SER SER L . n 
A 1 34  GLY 34  40  40  GLY GLY L . n 
A 1 35  GLY 35  41  41  GLY GLY L . n 
A 1 36  SER 36  42  42  SER SER L . n 
A 1 37  LEU 37  43  43  LEU LEU L . n 
A 1 38  THR 38  44  44  THR THR L . n 
A 1 39  ASN 39  45  45  ASN ASN L . n 
A 1 40  CYS 40  46  46  CYS CYS L . n 
A 1 41  PRO 41  47  47  PRO PRO L . n 
A 1 42  PRO 42  48  48  PRO PRO L . n 
A 1 43  GLY 43  49  49  GLY GLY L . n 
A 1 44  THR 44  50  50  THR THR L . n 
A 1 45  LYS 45  51  51  LYS LYS L . n 
A 1 46  LEU 46  52  52  LEU LEU L . n 
A 1 47  ALA 47  53  53  ALA ALA L . n 
A 1 48  THR 48  54  54  THR THR L . n 
A 1 49  ALA 49  55  55  ALA ALA L . n 
A 1 50  SER 50  56  56  SER SER L . n 
A 1 51  TRQ 51  57  57  TRQ TRP L . n 
A 1 52  VAL 52  58  58  VAL VAL L . n 
A 1 53  ALA 53  59  59  ALA ALA L . n 
A 1 54  SER 54  60  60  SER SER L . n 
A 1 55  CYS 55  61  61  CYS CYS L . n 
A 1 56  TYR 56  62  62  TYR TYR L . n 
A 1 57  ASN 57  63  63  ASN ASN L . n 
A 1 58  PRO 58  64  64  PRO PRO L . n 
A 1 59  THR 59  65  65  THR THR L . n 
A 1 60  ASP 60  66  66  ASP ASP L . n 
A 1 61  GLY 61  67  67  GLY GLY L . n 
A 1 62  GLN 62  68  68  GLN GLN L . n 
A 1 63  SER 63  69  69  SER SER L . n 
A 1 64  TYR 64  70  70  TYR TYR L . n 
A 1 65  LEU 65  71  71  LEU LEU L . n 
A 1 66  ILE 66  72  72  ILE ILE L . n 
A 1 67  ALA 67  73  73  ALA ALA L . n 
A 1 68  TYR 68  74  74  TYR TYR L . n 
A 1 69  ARG 69  75  75  ARG ARG L . n 
A 1 70  ASP 70  76  76  ASP ASP L . n 
A 1 71  CYS 71  77  77  CYS CYS L . n 
A 1 72  CYS 72  78  78  CYS CYS L . n 
A 1 73  GLY 73  79  79  GLY GLY L . n 
A 1 74  TYR 74  80  80  TYR TYR L . n 
A 1 75  ASN 75  81  81  ASN ASN L . n 
A 1 76  VAL 76  82  82  VAL VAL L . n 
A 1 77  SER 77  83  83  SER SER L . n 
A 1 78  GLY 78  84  84  GLY GLY L . n 
A 1 79  ARG 79  85  85  ARG ARG L . n 
A 1 80  CYS 80  86  86  CYS CYS L . n 
A 1 81  PRO 81  87  87  PRO PRO L . n 
A 1 82  CYS 82  88  88  CYS CYS L . n 
A 1 83  LEU 83  89  89  LEU LEU L . n 
A 1 84  ASN 84  90  90  ASN ASN L . n 
A 1 85  THR 85  91  91  THR THR L . n 
A 1 86  GLU 86  92  92  GLU GLU L . n 
A 1 87  GLY 87  93  93  GLY GLY L . n 
A 1 88  GLU 88  94  94  GLU GLU L . n 
A 1 89  LEU 89  95  95  LEU LEU L . n 
A 1 90  PRO 90  96  96  PRO PRO L . n 
A 1 91  VAL 91  97  97  VAL VAL L . n 
A 1 92  TYR 92  98  98  TYR TYR L . n 
A 1 93  ARG 93  99  99  ARG ARG L . n 
A 1 94  PRO 94  100 100 PRO PRO L . n 
A 1 95  GLU 95  101 101 GLU GLU L . n 
A 1 96  PHE 96  102 102 PHE PHE L . n 
A 1 97  ALA 97  103 103 ALA ALA L . n 
A 1 98  ASN 98  104 104 ASN ASN L . n 
A 1 99  ASP 99  105 105 ASP ASP L . n 
A 1 100 ILE 100 106 106 ILE ILE L . n 
A 1 101 ILE 101 107 107 ILE ILE L . n 
A 1 102 TRP 102 108 108 TRP TRP L . n 
A 1 103 CYS 103 109 109 CYS CYS L . n 
A 1 104 PHE 104 110 110 PHE PHE L . n 
A 1 105 GLY 105 111 111 GLY GLY L . n 
A 1 106 ALA 106 112 112 ALA ALA L . n 
A 1 107 GLU 107 113 113 GLU GLU L . n 
A 1 108 ASP 108 114 114 ASP ASP L . n 
A 1 109 ASP 109 115 115 ASP ASP L . n 
A 1 110 ALA 110 116 116 ALA ALA L . n 
A 1 111 MET 111 117 117 MET MET L . n 
A 1 112 THR 112 118 118 THR THR L . n 
A 1 113 TYR 113 119 119 TYR TYR L . n 
A 1 114 HIS 114 120 120 HIS HIS L . n 
A 1 115 CYS 115 121 121 CYS CYS L . n 
A 1 116 THR 116 122 122 THR THR L . n 
A 1 117 ILE 117 123 123 ILE ILE L . n 
A 1 118 SER 118 124 124 SER SER L . n 
A 1 119 PRO 119 125 125 PRO PRO L . n 
A 1 120 ILE 120 126 126 ILE ILE L . n 
A 1 121 VAL 121 127 127 VAL VAL L . n 
A 1 122 GLY 122 128 128 GLY GLY L . n 
A 1 123 LYS 123 129 129 LYS LYS L . n 
A 1 124 ALA 124 130 130 ALA ALA L . n 
B 2 1   SER 1   1   1   SER SER H . n 
B 2 2   SER 2   2   2   SER SER H . n 
B 2 3   ALA 3   3   3   ALA ALA H . n 
B 2 4   SER 4   4   4   SER SER H . n 
B 2 5   ALA 5   5   5   ALA ALA H . n 
B 2 6   ALA 6   6   6   ALA ALA H . n 
B 2 7   ALA 7   7   7   ALA ALA H . n 
B 2 8   ALA 8   8   8   ALA ALA H . n 
B 2 9   ALA 9   9   9   ALA ALA H . n 
B 2 10  ALA 10  10  10  ALA ALA H . n 
B 2 11  ALA 11  11  11  ALA ALA H . n 
B 2 12  ALA 12  12  12  ALA ALA H . n 
B 2 13  ALA 13  13  13  ALA ALA H . n 
B 2 14  LEU 14  14  14  LEU LEU H . n 
B 2 15  ALA 15  15  15  ALA ALA H . n 
B 2 16  ALA 16  16  16  ALA ALA H . n 
B 2 17  GLY 17  17  17  GLY GLY H . n 
B 2 18  ALA 18  18  18  ALA ALA H . n 
B 2 19  ALA 19  19  19  ALA ALA H . n 
B 2 20  ASP 20  20  20  ASP ASP H . n 
B 2 21  GLY 21  21  21  GLY GLY H . n 
B 2 22  PRO 22  22  22  PRO PRO H . n 
B 2 23  THR 23  23  23  THR THR H . n 
B 2 24  ASN 24  24  24  ASN ASN H . n 
B 2 25  ASP 25  25  25  ASP ASP H . n 
B 2 26  GLU 26  26  26  GLU GLU H . n 
B 2 27  ALA 27  27  27  ALA ALA H . n 
B 2 28  PRO 28  28  28  PRO PRO H . n 
B 2 29  GLY 29  29  29  GLY GLY H . n 
B 2 30  ALA 30  30  30  ALA ALA H . n 
B 2 31  ASP 31  31  31  ASP ASP H . n 
B 2 32  GLY 32  32  32  GLY GLY H . n 
B 2 33  ARG 33  33  33  ARG ARG H . n 
B 2 34  ARG 34  34  34  ARG ARG H . n 
B 2 35  SER 35  35  35  SER SER H . n 
B 2 36  TYR 36  36  36  TYR TYR H . n 
B 2 37  ILE 37  37  37  ILE ILE H . n 
B 2 38  ASN 38  38  38  ASN ASN H . n 
B 2 39  LEU 39  39  39  LEU LEU H . n 
B 2 40  PRO 40  40  40  PRO PRO H . n 
B 2 41  ALA 41  41  41  ALA ALA H . n 
B 2 42  HIS 42  42  42  HIS HIS H . n 
B 2 43  HIS 43  43  43  HIS HIS H . n 
B 2 44  SER 44  44  44  SER SER H . n 
B 2 45  ALA 45  45  45  ALA ALA H . n 
B 2 46  ILE 46  46  46  ILE ILE H . n 
B 2 47  ILE 47  47  47  ILE ILE H . n 
B 2 48  GLN 48  48  48  GLN GLN H . n 
B 2 49  GLN 49  49  49  GLN GLN H . n 
B 2 50  TRP 50  50  50  TRP TRP H . n 
B 2 51  VAL 51  51  51  VAL VAL H . n 
B 2 52  LEU 52  52  52  LEU LEU H . n 
B 2 53  ASP 53  53  53  ASP ASP H . n 
B 2 54  ALA 54  54  54  ALA ALA H . n 
B 2 55  GLY 55  55  55  GLY GLY H . n 
B 2 56  SER 56  56  56  SER SER H . n 
B 2 57  GLY 57  57  57  GLY GLY H . n 
B 2 58  SER 58  58  58  SER SER H . n 
B 2 59  ILE 59  59  59  ILE ILE H . n 
B 2 60  LEU 60  60  60  LEU LEU H . n 
B 2 61  GLY 61  61  61  GLY GLY H . n 
B 2 62  HIS 62  62  62  HIS HIS H . n 
B 2 63  VAL 63  63  63  VAL VAL H . n 
B 2 64  ASN 64  64  64  ASN ASN H . n 
B 2 65  GLY 65  65  65  GLY GLY H . n 
B 2 66  GLY 66  66  66  GLY GLY H . n 
B 2 67  PHE 67  67  67  PHE PHE H . n 
B 2 68  LEU 68  68  68  LEU LEU H . n 
B 2 69  PRO 69  69  69  PRO PRO H . n 
B 2 70  ASN 70  70  70  ASN ASN H . n 
B 2 71  PRO 71  71  71  PRO PRO H . n 
B 2 72  VAL 72  72  72  VAL VAL H . n 
B 2 73  ALA 73  73  73  ALA ALA H . n 
B 2 74  ALA 74  74  74  ALA ALA H . n 
B 2 75  HIS 75  75  75  HIS HIS H . n 
B 2 76  SER 76  76  76  SER SER H . n 
B 2 77  GLY 77  77  77  GLY GLY H . n 
B 2 78  SER 78  78  78  SER SER H . n 
B 2 79  GLU 79  79  79  GLU GLU H . n 
B 2 80  PHE 80  80  80  PHE PHE H . n 
B 2 81  ALA 81  81  81  ALA ALA H . n 
B 2 82  LEU 82  82  82  LEU LEU H . n 
B 2 83  ALA 83  83  83  ALA ALA H . n 
B 2 84  SER 84  84  84  SER SER H . n 
B 2 85  THR 85  85  85  THR THR H . n 
B 2 86  SER 86  86  86  SER SER H . n 
B 2 87  PHE 87  87  87  PHE PHE H . n 
B 2 88  SER 88  88  88  SER SER H . n 
B 2 89  ARG 89  89  89  ARG ARG H . n 
B 2 90  ILE 90  90  90  ILE ILE H . n 
B 2 91  ALA 91  91  91  ALA ALA H . n 
B 2 92  LYS 92  92  92  LYS LYS H . n 
B 2 93  GLY 93  93  93  GLY GLY H . n 
B 2 94  LYS 94  94  94  LYS LYS H . n 
B 2 95  ARG 95  95  95  ARG ARG H . n 
B 2 96  THR 96  96  96  THR THR H . n 
B 2 97  ASP 97  97  97  ASP ASP H . n 
B 2 98  TYR 98  98  98  TYR TYR H . n 
B 2 99  VAL 99  99  99  VAL VAL H . n 
B 2 100 GLU 100 100 100 GLU GLU H . n 
B 2 101 VAL 101 101 101 VAL VAL H . n 
B 2 102 PHE 102 102 102 PHE PHE H . n 
B 2 103 ASP 103 103 103 ASP ASP H . n 
B 2 104 PRO 104 104 104 PRO PRO H . n 
B 2 105 VAL 105 105 105 VAL VAL H . n 
B 2 106 THR 106 106 106 THR THR H . n 
B 2 107 PHE 107 107 107 PHE PHE H . n 
B 2 108 LEU 108 108 108 LEU LEU H . n 
B 2 109 PRO 109 109 109 PRO PRO H . n 
B 2 110 ILE 110 110 110 ILE ILE H . n 
B 2 111 ALA 111 111 111 ALA ALA H . n 
B 2 112 ASP 112 112 112 ASP ASP H . n 
B 2 113 ILE 113 113 113 ILE ILE H . n 
B 2 114 GLU 114 114 114 GLU GLU H . n 
B 2 115 LEU 115 115 115 LEU LEU H . n 
B 2 116 PRO 116 116 116 PRO PRO H . n 
B 2 117 ASP 117 117 117 ASP ASP H . n 
B 2 118 ALA 118 118 118 ALA ALA H . n 
B 2 119 PRO 119 119 119 PRO PRO H . n 
B 2 120 ARG 120 120 120 ARG ARG H . n 
B 2 121 PHE 121 121 121 PHE PHE H . n 
B 2 122 ASP 122 122 122 ASP ASP H . n 
B 2 123 VAL 123 123 123 VAL VAL H . n 
B 2 124 GLY 124 124 124 GLY GLY H . n 
B 2 125 PRO 125 125 125 PRO PRO H . n 
B 2 126 TYR 126 126 126 TYR TYR H . n 
B 2 127 SER 127 127 127 SER SER H . n 
B 2 128 TRP 128 128 128 TRP TRP H . n 
B 2 129 MET 129 129 129 MET MET H . n 
B 2 130 ASN 130 130 130 ASN ASN H . n 
B 2 131 ALA 131 131 131 ALA ALA H . n 
B 2 132 ASN 132 132 132 ASN ASN H . n 
B 2 133 THR 133 133 133 THR THR H . n 
B 2 134 PRO 134 134 134 PRO PRO H . n 
B 2 135 ASN 135 135 135 ASN ASN H . n 
B 2 136 ASN 136 136 136 ASN ASN H . n 
B 2 137 ALA 137 137 137 ALA ALA H . n 
B 2 138 ASP 138 138 138 ASP ASP H . n 
B 2 139 LEU 139 139 139 LEU LEU H . n 
B 2 140 LEU 140 140 140 LEU LEU H . n 
B 2 141 PHE 141 141 141 PHE PHE H . n 
B 2 142 PHE 142 142 142 PHE PHE H . n 
B 2 143 GLN 143 143 143 GLN GLN H . n 
B 2 144 PHE 144 144 144 PHE PHE H . n 
B 2 145 ALA 145 145 145 ALA ALA H . n 
B 2 146 ALA 146 146 146 ALA ALA H . n 
B 2 147 GLY 147 147 147 GLY GLY H . n 
B 2 148 PRO 148 148 148 PRO PRO H . n 
B 2 149 ALA 149 149 149 ALA ALA H . n 
B 2 150 VAL 150 150 150 VAL VAL H . n 
B 2 151 GLY 151 151 151 GLY GLY H . n 
B 2 152 LEU 152 152 152 LEU LEU H . n 
B 2 153 VAL 153 153 153 VAL VAL H . n 
B 2 154 VAL 154 154 154 VAL VAL H . n 
B 2 155 GLN 155 155 155 GLN GLN H . n 
B 2 156 GLY 156 156 156 GLY GLY H . n 
B 2 157 GLY 157 157 157 GLY GLY H . n 
B 2 158 SER 158 158 158 SER SER H . n 
B 2 159 SER 159 159 159 SER SER H . n 
B 2 160 ASP 160 160 160 ASP ASP H . n 
B 2 161 ASP 161 161 161 ASP ASP H . n 
B 2 162 GLN 162 162 162 GLN GLN H . n 
B 2 163 LEU 163 163 163 LEU LEU H . n 
B 2 164 LEU 164 164 164 LEU LEU H . n 
B 2 165 SER 165 165 165 SER SER H . n 
B 2 166 SER 166 166 166 SER SER H . n 
B 2 167 PRO 167 167 167 PRO PRO H . n 
B 2 168 THR 168 168 168 THR THR H . n 
B 2 169 CYS 169 169 169 CYS CYS H . n 
B 2 170 TYR 170 170 170 TYR TYR H . n 
B 2 171 HIS 171 171 171 HIS HIS H . n 
B 2 172 ILE 172 172 172 ILE ILE H . n 
B 2 173 HIS 173 173 173 HIS HIS H . n 
B 2 174 PRO 174 174 174 PRO PRO H . n 
B 2 175 GLY 175 175 175 GLY GLY H . n 
B 2 176 ALA 176 176 176 ALA ALA H . n 
B 2 177 PRO 177 177 177 PRO PRO H . n 
B 2 178 SER 178 178 178 SER SER H . n 
B 2 179 THR 179 179 179 THR THR H . n 
B 2 180 PHE 180 180 180 PHE PHE H . n 
B 2 181 TYR 181 181 181 TYR TYR H . n 
B 2 182 LEU 182 182 182 LEU LEU H . n 
B 2 183 LEU 183 183 183 LEU LEU H . n 
B 2 184 CYS 184 184 184 CYS CYS H . n 
B 2 185 ALA 185 185 185 ALA ALA H . n 
B 2 186 GLN 186 186 186 GLN GLN H . n 
B 2 187 GLY 187 187 187 GLY GLY H . n 
B 2 188 GLY 188 188 188 GLY GLY H . n 
B 2 189 LEU 189 189 189 LEU LEU H . n 
B 2 190 ALA 190 190 190 ALA ALA H . n 
B 2 191 LYS 191 191 191 LYS LYS H . n 
B 2 192 THR 192 192 192 THR THR H . n 
B 2 193 ASP 193 193 193 ASP ASP H . n 
B 2 194 HIS 194 194 194 HIS HIS H . n 
B 2 195 ALA 195 195 195 ALA ALA H . n 
B 2 196 GLY 196 196 196 GLY GLY H . n 
B 2 197 GLY 197 197 197 GLY GLY H . n 
B 2 198 ALA 198 198 198 ALA ALA H . n 
B 2 199 ALA 199 199 199 ALA ALA H . n 
B 2 200 GLY 200 200 200 GLY GLY H . n 
B 2 201 ALA 201 201 201 ALA ALA H . n 
B 2 202 GLY 202 202 202 GLY GLY H . n 
B 2 203 LEU 203 203 203 LEU LEU H . n 
B 2 204 VAL 204 204 204 VAL VAL H . n 
B 2 205 GLY 205 205 205 GLY GLY H . n 
B 2 206 ALA 206 206 206 ALA ALA H . n 
B 2 207 MET 207 207 207 MET MET H . n 
B 2 208 LEU 208 208 208 LEU LEU H . n 
B 2 209 THR 209 209 209 THR THR H . n 
B 2 210 ALA 210 210 210 ALA ALA H . n 
B 2 211 ALA 211 211 211 ALA ALA H . n 
B 2 212 GLN 212 212 212 GLN GLN H . n 
B 2 213 ASN 213 213 213 ASN ASN H . n 
B 2 214 LEU 214 214 214 LEU LEU H . n 
B 2 215 LEU 215 215 215 LEU LEU H . n 
B 2 216 THR 216 216 216 THR THR H . n 
B 2 217 GLN 217 217 217 GLN GLN H . n 
B 2 218 PRO 218 218 218 PRO PRO H . n 
B 2 219 ALA 219 219 219 ALA ALA H . n 
B 2 220 GLN 220 220 220 GLN GLN H . n 
B 2 221 ALA 221 221 221 ALA ALA H . n 
B 2 222 ASN 222 222 222 ASN ASN H . n 
B 2 223 LYS 223 223 223 LYS LYS H . n 
B 2 224 SER 224 224 224 SER SER H . n 
B 2 225 GLY 225 225 225 GLY GLY H . n 
B 2 226 ARG 226 226 226 ARG ARG H . n 
B 2 227 ILE 227 227 227 ILE ILE H . n 
B 2 228 VAL 228 228 228 VAL VAL H . n 
B 2 229 TRP 229 229 229 TRP TRP H . n 
B 2 230 PRO 230 230 230 PRO PRO H . n 
B 2 231 VAL 231 231 231 VAL VAL H . n 
B 2 232 TYR 232 232 232 TYR TYR H . n 
B 2 233 SER 233 233 233 SER SER H . n 
B 2 234 GLY 234 234 234 GLY GLY H . n 
B 2 235 LYS 235 235 235 LYS LYS H . n 
B 2 236 ILE 236 236 236 ILE ILE H . n 
B 2 237 LEU 237 237 237 LEU LEU H . n 
B 2 238 GLN 238 238 238 GLN GLN H . n 
B 2 239 ALA 239 239 239 ALA ALA H . n 
B 2 240 ASP 240 240 240 ASP ASP H . n 
B 2 241 ILE 241 241 241 ILE ILE H . n 
B 2 242 SER 242 242 242 SER SER H . n 
B 2 243 ALA 243 243 243 ALA ALA H . n 
B 2 244 ALA 244 244 244 ALA ALA H . n 
B 2 245 GLY 245 245 245 GLY GLY H . n 
B 2 246 ALA 246 246 246 ALA ALA H . n 
B 2 247 THR 247 247 247 THR THR H . n 
B 2 248 ASN 248 248 248 ASN ASN H . n 
B 2 249 LYS 249 249 249 LYS LYS H . n 
B 2 250 ALA 250 250 250 ALA ALA H . n 
B 2 251 PRO 251 251 251 PRO PRO H . n 
B 2 252 ILE 252 252 252 ILE ILE H . n 
B 2 253 ASP 253 253 253 ASP ASP H . n 
B 2 254 ALA 254 254 254 ALA ALA H . n 
B 2 255 LEU 255 255 255 LEU LEU H . n 
B 2 256 SER 256 256 256 SER SER H . n 
B 2 257 GLY 257 257 257 GLY GLY H . n 
B 2 258 GLY 258 258 258 GLY GLY H . n 
B 2 259 ARG 259 259 259 ARG ARG H . n 
B 2 260 LYS 260 260 260 LYS LYS H . n 
B 2 261 ALA 261 261 261 ALA ALA H . n 
B 2 262 ASP 262 262 262 ASP ASP H . n 
B 2 263 THR 263 263 263 THR THR H . n 
B 2 264 TRP 264 264 264 TRP TRP H . n 
B 2 265 ARG 265 265 265 ARG ARG H . n 
B 2 266 PRO 266 266 266 PRO PRO H . n 
B 2 267 GLY 267 267 267 GLY GLY H . n 
B 2 268 GLY 268 268 268 GLY GLY H . n 
B 2 269 TRP 269 269 269 TRP TRP H . n 
B 2 270 GLN 270 270 270 GLN GLN H . n 
B 2 271 GLN 271 271 271 GLN GLN H . n 
B 2 272 VAL 272 272 272 VAL VAL H . n 
B 2 273 ALA 273 273 273 ALA ALA H . n 
B 2 274 TYR 274 274 274 TYR TYR H . n 
B 2 275 LEU 275 275 275 LEU LEU H . n 
B 2 276 LYS 276 276 276 LYS LYS H . n 
B 2 277 SER 277 277 277 SER SER H . n 
B 2 278 SER 278 278 278 SER SER H . n 
B 2 279 ASP 279 279 279 ASP ASP H . n 
B 2 280 GLY 280 280 280 GLY GLY H . n 
B 2 281 ILE 281 281 281 ILE ILE H . n 
B 2 282 TYR 282 282 282 TYR TYR H . n 
B 2 283 LEU 283 283 283 LEU LEU H . n 
B 2 284 LEU 284 284 284 LEU LEU H . n 
B 2 285 THR 285 285 285 THR THR H . n 
B 2 286 SER 286 286 286 SER SER H . n 
B 2 287 GLU 287 287 287 GLU GLU H . n 
B 2 288 GLN 288 288 288 GLN GLN H . n 
B 2 289 SER 289 289 289 SER SER H . n 
B 2 290 ALA 290 290 290 ALA ALA H . n 
B 2 291 TRP 291 291 291 TRP TRP H . n 
B 2 292 LYS 292 292 292 LYS LYS H . n 
B 2 293 LEU 293 293 293 LEU LEU H . n 
B 2 294 HIS 294 294 294 HIS HIS H . n 
B 2 295 ALA 295 295 295 ALA ALA H . n 
B 2 296 ALA 296 296 296 ALA ALA H . n 
B 2 297 ALA 297 297 297 ALA ALA H . n 
B 2 298 LYS 298 298 298 LYS LYS H . n 
B 2 299 GLU 299 299 299 GLU GLU H . n 
B 2 300 VAL 300 300 300 VAL VAL H . n 
B 2 301 THR 301 301 301 THR THR H . n 
B 2 302 SER 302 302 302 SER SER H . n 
B 2 303 VAL 303 303 303 VAL VAL H . n 
B 2 304 THR 304 304 304 THR THR H . n 
B 2 305 GLY 305 305 305 GLY GLY H . n 
B 2 306 LEU 306 306 306 LEU LEU H . n 
B 2 307 VAL 307 307 307 VAL VAL H . n 
B 2 308 GLY 308 308 308 GLY GLY H . n 
B 2 309 GLN 309 309 309 GLN GLN H . n 
B 2 310 THR 310 310 310 THR THR H . n 
B 2 311 SER 311 311 311 SER SER H . n 
B 2 312 SER 312 312 312 SER SER H . n 
B 2 313 GLN 313 313 313 GLN GLN H . n 
B 2 314 ILE 314 314 314 ILE ILE H . n 
B 2 315 SER 315 315 315 SER SER H . n 
B 2 316 LEU 316 316 316 LEU LEU H . n 
B 2 317 GLY 317 317 317 GLY GLY H . n 
B 2 318 HIS 318 318 318 HIS HIS H . n 
B 2 319 ASP 319 319 319 ASP ASP H . n 
B 2 320 VAL 320 320 320 VAL VAL H . n 
B 2 321 ASP 321 321 321 ASP ASP H . n 
B 2 322 ALA 322 322 322 ALA ALA H . n 
B 2 323 ILE 323 323 323 ILE ILE H . n 
B 2 324 SER 324 324 324 SER SER H . n 
B 2 325 VAL 325 325 325 VAL VAL H . n 
B 2 326 ALA 326 326 326 ALA ALA H . n 
B 2 327 GLN 327 327 327 GLN GLN H . n 
B 2 328 ASP 328 328 328 ASP ASP H . n 
B 2 329 GLY 329 329 329 GLY GLY H . n 
B 2 330 GLY 330 330 330 GLY GLY H . n 
B 2 331 PRO 331 331 331 PRO PRO H . n 
B 2 332 ASP 332 332 332 ASP ASP H . n 
B 2 333 LEU 333 333 333 LEU LEU H . n 
B 2 334 TYR 334 334 334 TYR TYR H . n 
B 2 335 ALA 335 335 335 ALA ALA H . n 
B 2 336 LEU 336 336 336 LEU LEU H . n 
B 2 337 SER 337 337 337 SER SER H . n 
B 2 338 ALA 338 338 338 ALA ALA H . n 
B 2 339 GLY 339 339 339 GLY GLY H . n 
B 2 340 THR 340 340 340 THR THR H . n 
B 2 341 GLU 341 341 341 GLU GLU H . n 
B 2 342 VAL 342 342 342 VAL VAL H . n 
B 2 343 LEU 343 343 343 LEU LEU H . n 
B 2 344 HIS 344 344 344 HIS HIS H . n 
B 2 345 ILE 345 345 345 ILE ILE H . n 
B 2 346 TYR 346 346 346 TYR TYR H . n 
B 2 347 ASP 347 347 347 ASP ASP H . n 
B 2 348 ALA 348 348 348 ALA ALA H . n 
B 2 349 GLY 349 349 349 GLY GLY H . n 
B 2 350 ALA 350 350 350 ALA ALA H . n 
B 2 351 GLY 351 351 351 GLY GLY H . n 
B 2 352 ASP 352 352 352 ASP ASP H . n 
B 2 353 GLN 353 353 353 GLN GLN H . n 
B 2 354 ASP 354 354 354 ASP ASP H . n 
B 2 355 GLN 355 355 355 GLN GLN H . n 
B 2 356 SER 356 356 356 SER SER H . n 
B 2 357 THR 357 357 357 THR THR H . n 
B 2 358 VAL 358 358 358 VAL VAL H . n 
B 2 359 GLU 359 359 359 GLU GLU H . n 
B 2 360 LEU 360 360 360 LEU LEU H . n 
B 2 361 GLY 361 361 361 GLY GLY H . n 
B 2 362 SER 362 362 362 SER SER H . n 
B 2 363 GLY 363 363 363 GLY GLY H . n 
B 2 364 PRO 364 364 364 PRO PRO H . n 
B 2 365 GLN 365 365 365 GLN GLN H . n 
B 2 366 VAL 366 366 366 VAL VAL H . n 
B 2 367 LEU 367 367 367 LEU LEU H . n 
B 2 368 SER 368 368 368 SER SER H . n 
B 2 369 VAL 369 369 369 VAL VAL H . n 
B 2 370 MET 370 370 370 MET MET H . n 
B 2 371 ASN 371 371 371 ASN ASN H . n 
B 2 372 GLU 372 372 372 GLU GLU H . n 
B 2 373 ALA 373 373 373 ALA ALA H . n 
# 
loop_
_pdbx_nonpoly_scheme.asym_id 
_pdbx_nonpoly_scheme.entity_id 
_pdbx_nonpoly_scheme.mon_id 
_pdbx_nonpoly_scheme.ndb_seq_num 
_pdbx_nonpoly_scheme.pdb_seq_num 
_pdbx_nonpoly_scheme.auth_seq_num 
_pdbx_nonpoly_scheme.pdb_mon_id 
_pdbx_nonpoly_scheme.auth_mon_id 
_pdbx_nonpoly_scheme.pdb_strand_id 
_pdbx_nonpoly_scheme.pdb_ins_code 
C 3 HOH 1  131 1  HOH HOH L . 
C 3 HOH 2  132 2  HOH HOH L . 
C 3 HOH 3  133 3  HOH HOH L . 
C 3 HOH 4  134 4  HOH HOH L . 
C 3 HOH 5  135 5  HOH HOH L . 
C 3 HOH 6  136 6  HOH HOH L . 
C 3 HOH 7  137 7  HOH HOH L . 
C 3 HOH 8  138 8  HOH HOH L . 
C 3 HOH 9  139 9  HOH HOH L . 
C 3 HOH 10 140 10 HOH HOH L . 
C 3 HOH 11 141 11 HOH HOH L . 
C 3 HOH 12 142 12 HOH HOH L . 
C 3 HOH 13 143 13 HOH HOH L . 
C 3 HOH 14 144 14 HOH HOH L . 
C 3 HOH 15 145 15 HOH HOH L . 
C 3 HOH 16 146 16 HOH HOH L . 
C 3 HOH 17 147 17 HOH HOH L . 
C 3 HOH 18 148 18 HOH HOH L . 
C 3 HOH 19 149 19 HOH HOH L . 
C 3 HOH 20 150 20 HOH HOH L . 
C 3 HOH 21 151 21 HOH HOH L . 
C 3 HOH 22 152 22 HOH HOH L . 
C 3 HOH 23 153 23 HOH HOH L . 
C 3 HOH 24 154 24 HOH HOH L . 
C 3 HOH 25 155 25 HOH HOH L . 
C 3 HOH 26 156 26 HOH HOH L . 
C 3 HOH 27 157 27 HOH HOH L . 
C 3 HOH 28 158 28 HOH HOH L . 
C 3 HOH 29 159 29 HOH HOH L . 
C 3 HOH 30 160 30 HOH HOH L . 
C 3 HOH 31 161 31 HOH HOH L . 
C 3 HOH 32 162 32 HOH HOH L . 
C 3 HOH 33 163 33 HOH HOH L . 
C 3 HOH 34 164 34 HOH HOH L . 
C 3 HOH 35 165 35 HOH HOH L . 
C 3 HOH 36 166 36 HOH HOH L . 
C 3 HOH 37 167 37 HOH HOH L . 
C 3 HOH 38 168 38 HOH HOH L . 
C 3 HOH 39 169 39 HOH HOH L . 
C 3 HOH 40 170 40 HOH HOH L . 
C 3 HOH 41 171 41 HOH HOH L . 
C 3 HOH 42 172 42 HOH HOH L . 
C 3 HOH 43 173 43 HOH HOH L . 
C 3 HOH 44 174 44 HOH HOH L . 
C 3 HOH 45 175 45 HOH HOH L . 
C 3 HOH 46 176 46 HOH HOH L . 
C 3 HOH 47 177 47 HOH HOH L . 
C 3 HOH 48 178 48 HOH HOH L . 
C 3 HOH 49 179 49 HOH HOH L . 
C 3 HOH 50 180 50 HOH HOH L . 
C 3 HOH 51 181 51 HOH HOH L . 
C 3 HOH 52 182 52 HOH HOH L . 
C 3 HOH 53 183 53 HOH HOH L . 
C 3 HOH 54 184 54 HOH HOH L . 
C 3 HOH 55 185 55 HOH HOH L . 
C 3 HOH 56 186 56 HOH HOH L . 
C 3 HOH 57 187 57 HOH HOH L . 
C 3 HOH 58 188 58 HOH HOH L . 
C 3 HOH 59 189 59 HOH HOH L . 
C 3 HOH 60 190 60 HOH HOH L . 
C 3 HOH 61 191 61 HOH HOH L . 
C 3 HOH 62 192 62 HOH HOH L . 
C 3 HOH 63 193 63 HOH HOH L . 
C 3 HOH 64 194 64 HOH HOH L . 
C 3 HOH 65 195 65 HOH HOH L . 
C 3 HOH 66 196 66 HOH HOH L . 
C 3 HOH 67 197 67 HOH HOH L . 
C 3 HOH 68 198 68 HOH HOH L . 
C 3 HOH 69 199 69 HOH HOH L . 
C 3 HOH 70 200 70 HOH HOH L . 
C 3 HOH 71 201 71 HOH HOH L . 
C 3 HOH 72 202 72 HOH HOH L . 
C 3 HOH 73 203 73 HOH HOH L . 
C 3 HOH 74 204 74 HOH HOH L . 
C 3 HOH 75 205 75 HOH HOH L . 
C 3 HOH 76 206 76 HOH HOH L . 
C 3 HOH 77 207 77 HOH HOH L . 
C 3 HOH 78 208 78 HOH HOH L . 
C 3 HOH 79 209 79 HOH HOH L . 
C 3 HOH 80 210 80 HOH HOH L . 
C 3 HOH 81 211 81 HOH HOH L . 
C 3 HOH 82 212 82 HOH HOH L . 
C 3 HOH 83 213 83 HOH HOH L . 
C 3 HOH 84 214 84 HOH HOH L . 
C 3 HOH 85 215 85 HOH HOH L . 
C 3 HOH 86 216 86 HOH HOH L . 
# 
_software.name             TNT 
_software.classification   refinement 
_software.version          . 
_software.citation_id      ? 
_software.pdbx_ordinal     1 
# 
_cell.entry_id           2MAD 
_cell.length_a           129.784 
_cell.length_b           129.784 
_cell.length_c           104.334 
_cell.angle_alpha        90.00 
_cell.angle_beta         90.00 
_cell.angle_gamma        120.00 
_cell.Z_PDB              6 
_cell.pdbx_unique_axis   ? 
# 
_symmetry.entry_id                         2MAD 
_symmetry.space_group_name_H-M             'P 31 2 1' 
_symmetry.pdbx_full_space_group_name_H-M   ? 
_symmetry.cell_setting                     ? 
_symmetry.Int_Tables_number                152 
# 
_exptl.entry_id          2MAD 
_exptl.method            'X-RAY DIFFRACTION' 
_exptl.crystals_number   ? 
# 
_exptl_crystal.id                    1 
_exptl_crystal.density_meas          ? 
_exptl_crystal.density_Matthews      4.90 
_exptl_crystal.density_percent_sol   74.92 
_exptl_crystal.description           ? 
# 
_diffrn.id                     1 
_diffrn.crystal_id             1 
_diffrn.ambient_temp           ? 
_diffrn.ambient_temp_details   ? 
# 
_refine.entry_id                                 2MAD 
_refine.ls_number_reflns_obs                     ? 
_refine.ls_number_reflns_all                     ? 
_refine.pdbx_ls_sigma_I                          ? 
_refine.pdbx_ls_sigma_F                          ? 
_refine.pdbx_data_cutoff_high_absF               ? 
_refine.pdbx_data_cutoff_low_absF                ? 
_refine.pdbx_data_cutoff_high_rms_absF           ? 
_refine.ls_d_res_low                             ? 
_refine.ls_d_res_high                            2.25 
_refine.ls_percent_reflns_obs                    ? 
_refine.ls_R_factor_obs                          0.209 
_refine.ls_R_factor_all                          ? 
_refine.ls_R_factor_R_work                       ? 
_refine.ls_R_factor_R_free                       ? 
_refine.ls_R_factor_R_free_error                 ? 
_refine.ls_R_factor_R_free_error_details         ? 
_refine.ls_percent_reflns_R_free                 ? 
_refine.ls_number_reflns_R_free                  ? 
_refine.ls_number_parameters                     ? 
_refine.ls_number_restraints                     ? 
_refine.occupancy_min                            ? 
_refine.occupancy_max                            ? 
_refine.B_iso_mean                               ? 
_refine.aniso_B[1][1]                            ? 
_refine.aniso_B[2][2]                            ? 
_refine.aniso_B[3][3]                            ? 
_refine.aniso_B[1][2]                            ? 
_refine.aniso_B[1][3]                            ? 
_refine.aniso_B[2][3]                            ? 
_refine.solvent_model_details                    ? 
_refine.solvent_model_param_ksol                 ? 
_refine.solvent_model_param_bsol                 ? 
_refine.pdbx_ls_cross_valid_method               ? 
_refine.details                                  ? 
_refine.pdbx_starting_model                      ? 
_refine.pdbx_method_to_determine_struct          ? 
_refine.pdbx_isotropic_thermal_model             ? 
_refine.pdbx_stereochemistry_target_values       ? 
_refine.pdbx_stereochem_target_val_spec_case     ? 
_refine.pdbx_R_Free_selection_details            ? 
_refine.pdbx_overall_ESU_R                       ? 
_refine.pdbx_overall_ESU_R_Free                  ? 
_refine.overall_SU_ML                            ? 
_refine.overall_SU_B                             ? 
_refine.pdbx_refine_id                           'X-RAY DIFFRACTION' 
_refine.pdbx_diffrn_id                           1 
_refine.pdbx_TLS_residual_ADP_flag               ? 
_refine.correlation_coeff_Fo_to_Fc               ? 
_refine.correlation_coeff_Fo_to_Fc_free          ? 
_refine.pdbx_solvent_vdw_probe_radii             ? 
_refine.pdbx_solvent_ion_probe_radii             ? 
_refine.pdbx_solvent_shrinkage_radii             ? 
_refine.pdbx_overall_phase_error                 ? 
_refine.overall_SU_R_Cruickshank_DPI             ? 
_refine.pdbx_overall_SU_R_free_Cruickshank_DPI   ? 
_refine.pdbx_overall_SU_R_Blow_DPI               ? 
_refine.pdbx_overall_SU_R_free_Blow_DPI          ? 
# 
_refine_hist.pdbx_refine_id                   'X-RAY DIFFRACTION' 
_refine_hist.cycle_id                         LAST 
_refine_hist.pdbx_number_atoms_protein        1325 
_refine_hist.pdbx_number_atoms_nucleic_acid   0 
_refine_hist.pdbx_number_atoms_ligand         0 
_refine_hist.number_atoms_solvent             86 
_refine_hist.number_atoms_total               1411 
_refine_hist.d_res_high                       2.25 
_refine_hist.d_res_low                        . 
# 
loop_
_refine_ls_restr.type 
_refine_ls_restr.dev_ideal 
_refine_ls_restr.dev_ideal_target 
_refine_ls_restr.weight 
_refine_ls_restr.number 
_refine_ls_restr.pdbx_refine_id 
_refine_ls_restr.pdbx_restraint_function 
t_bond_d           0.018 ? ? ? 'X-RAY DIFFRACTION' ? 
t_angle_deg        3.0   ? ? ? 'X-RAY DIFFRACTION' ? 
t_dihedral_angle_d ?     ? ? ? 'X-RAY DIFFRACTION' ? 
t_incorr_chiral_ct ?     ? ? ? 'X-RAY DIFFRACTION' ? 
t_pseud_angle      ?     ? ? ? 'X-RAY DIFFRACTION' ? 
t_trig_c_planes    ?     ? ? ? 'X-RAY DIFFRACTION' ? 
t_gen_planes       ?     ? ? ? 'X-RAY DIFFRACTION' ? 
t_it               ?     ? ? ? 'X-RAY DIFFRACTION' ? 
t_nbd              ?     ? ? ? 'X-RAY DIFFRACTION' ? 
# 
_struct.entry_id                  2MAD 
_struct.title                     
;THE ACTIVE SITE STRUCTURE OF METHYLAMINE DEHYDROGENASE: HYDRAZINES IDENTIFY C6 AS THE REACTIVE SITE OF THE TRYPTOPHAN DERIVED QUINONE COFACTOR
;
_struct.pdbx_model_details        ? 
_struct.pdbx_CASP_flag            ? 
_struct.pdbx_model_type_details   ? 
# 
_struct_keywords.entry_id        2MAD 
_struct_keywords.pdbx_keywords   'OXIDOREDUCTASE(CHNH2(D)-DEAMINATING)' 
_struct_keywords.text            'OXIDOREDUCTASE(CHNH2(D)-DEAMINATING)' 
# 
loop_
_struct_asym.id 
_struct_asym.pdbx_blank_PDB_chainid_flag 
_struct_asym.pdbx_modified 
_struct_asym.entity_id 
_struct_asym.details 
A N N 1 ? 
B N N 2 ? 
C N N 3 ? 
# 
loop_
_struct_ref.id 
_struct_ref.db_name 
_struct_ref.db_code 
_struct_ref.pdbx_db_accession 
_struct_ref.entity_id 
_struct_ref.pdbx_align_begin 
_struct_ref.pdbx_db_isoform 
_struct_ref.pdbx_seq_one_letter_code 
1 UNP DHML_PARVE P22641 1 64 ? ? 
2 UNP DHMH_PARVE P23006 2 59 ? ? 
# 
loop_
_struct_ref_seq.align_id 
_struct_ref_seq.ref_id 
_struct_ref_seq.pdbx_PDB_id_code 
_struct_ref_seq.pdbx_strand_id 
_struct_ref_seq.seq_align_beg 
_struct_ref_seq.pdbx_seq_align_beg_ins_code 
_struct_ref_seq.seq_align_end 
_struct_ref_seq.pdbx_seq_align_end_ins_code 
_struct_ref_seq.pdbx_db_accession 
_struct_ref_seq.db_align_beg 
_struct_ref_seq.pdbx_db_align_beg_ins_code 
_struct_ref_seq.db_align_end 
_struct_ref_seq.pdbx_db_align_end_ins_code 
_struct_ref_seq.pdbx_auth_seq_align_beg 
_struct_ref_seq.pdbx_auth_seq_align_end 
1 1 2MAD L 1 ? 124 ? P22641 64 ? 187 ? 7 130 
2 2 2MAD H 7 ? 348 ? P23006 59 ? 400 ? 7 348 
# 
_pdbx_struct_assembly.id                   1 
_pdbx_struct_assembly.details              author_defined_assembly 
_pdbx_struct_assembly.method_details       ? 
_pdbx_struct_assembly.oligomeric_details   tetrameric 
_pdbx_struct_assembly.oligomeric_count     4 
# 
_pdbx_struct_assembly_gen.assembly_id       1 
_pdbx_struct_assembly_gen.oper_expression   1,2 
_pdbx_struct_assembly_gen.asym_id_list      A,B,C 
# 
loop_
_pdbx_struct_oper_list.id 
_pdbx_struct_oper_list.type 
_pdbx_struct_oper_list.name 
_pdbx_struct_oper_list.symmetry_operation 
_pdbx_struct_oper_list.matrix[1][1] 
_pdbx_struct_oper_list.matrix[1][2] 
_pdbx_struct_oper_list.matrix[1][3] 
_pdbx_struct_oper_list.vector[1] 
_pdbx_struct_oper_list.matrix[2][1] 
_pdbx_struct_oper_list.matrix[2][2] 
_pdbx_struct_oper_list.matrix[2][3] 
_pdbx_struct_oper_list.vector[2] 
_pdbx_struct_oper_list.matrix[3][1] 
_pdbx_struct_oper_list.matrix[3][2] 
_pdbx_struct_oper_list.matrix[3][3] 
_pdbx_struct_oper_list.vector[3] 
1 'identity operation'         1_555 x,y,z    1.0000000000 0.0000000000 0.0000000000 0.0000000000  0.0000000000 1.0000000000  0.0000000000 0.0000000000   0.0000000000 0.0000000000 1.0000000000  0.0000000000  
2 'crystal symmetry operation' 4_557 y,x,-z+2 0.5658227655 0.7628472373 0.3129036445 -1.1184742133 0.7628472373 -0.6283513561 0.1524423364 -12.3004486931 0.3129036445 0.1524423364 -0.9374714094 35.5850623130 
# 
_struct_biol.id                    1 
_struct_biol.details               
;THE MOLECULE IS NORMALLY A TETRAMER.  THE CRYSTALLOGRAPHIC
ASYMMETRIC UNIT CONSISTS OF ONE-HALF OF THE TETRAMER,
NAMELY ONE LIGHT CHAIN *L* AND ONE HEAVY CHAIN *H*.  TO
GENERATE THE FULL MOLECULE, THE FOLLOWING CRYSTALLOGRAPHIC
TWO-FOLD OPERATION MUST BE APPLIED TO THE LIGHT AND HEAVY
CHAINS PRESENTED IN THIS ENTRY

        -0.5       0.866025   0.0            0.0
         0.866025  0.5        0.0            0.0
         0.0       0.0       -1.0          208.368
;
_struct_biol.pdbx_parent_biol_id   ? 
# 
loop_
_struct_conf.conf_type_id 
_struct_conf.id 
_struct_conf.pdbx_PDB_helix_id 
_struct_conf.beg_label_comp_id 
_struct_conf.beg_label_asym_id 
_struct_conf.beg_label_seq_id 
_struct_conf.pdbx_beg_PDB_ins_code 
_struct_conf.end_label_comp_id 
_struct_conf.end_label_asym_id 
_struct_conf.end_label_seq_id 
_struct_conf.pdbx_end_PDB_ins_code 
_struct_conf.beg_auth_comp_id 
_struct_conf.beg_auth_asym_id 
_struct_conf.beg_auth_seq_id 
_struct_conf.end_auth_comp_id 
_struct_conf.end_auth_asym_id 
_struct_conf.end_auth_seq_id 
_struct_conf.pdbx_PDB_helix_class 
_struct_conf.details 
_struct_conf.pdbx_PDB_helix_length 
HELX_P HELX_P1 1 TRP A 20  ? CYS A 23  ? TRP L 26  CYS L 29  5 ? 4 
HELX_P HELX_P2 2 CYS A 30  ? SER A 33  ? CYS L 36  SER L 39  5 ? 4 
HELX_P HELX_P3 3 ARG A 93  ? ALA A 97  ? ARG L 99  ALA L 103 5 ? 5 
HELX_P HELX_P4 4 ALA A 106 ? ALA A 110 ? ALA L 112 ALA L 116 5 ? 5 
# 
_struct_conf_type.id          HELX_P 
_struct_conf_type.criteria    ? 
_struct_conf_type.reference   ? 
# 
loop_
_struct_conn.id 
_struct_conn.conn_type_id 
_struct_conn.pdbx_leaving_atom_flag 
_struct_conn.pdbx_PDB_id 
_struct_conn.ptnr1_label_asym_id 
_struct_conn.ptnr1_label_comp_id 
_struct_conn.ptnr1_label_seq_id 
_struct_conn.ptnr1_label_atom_id 
_struct_conn.pdbx_ptnr1_label_alt_id 
_struct_conn.pdbx_ptnr1_PDB_ins_code 
_struct_conn.pdbx_ptnr1_standard_comp_id 
_struct_conn.ptnr1_symmetry 
_struct_conn.ptnr2_label_asym_id 
_struct_conn.ptnr2_label_comp_id 
_struct_conn.ptnr2_label_seq_id 
_struct_conn.ptnr2_label_atom_id 
_struct_conn.pdbx_ptnr2_label_alt_id 
_struct_conn.pdbx_ptnr2_PDB_ins_code 
_struct_conn.ptnr1_auth_asym_id 
_struct_conn.ptnr1_auth_comp_id 
_struct_conn.ptnr1_auth_seq_id 
_struct_conn.ptnr2_auth_asym_id 
_struct_conn.ptnr2_auth_comp_id 
_struct_conn.ptnr2_auth_seq_id 
_struct_conn.ptnr2_symmetry 
_struct_conn.pdbx_ptnr3_label_atom_id 
_struct_conn.pdbx_ptnr3_label_seq_id 
_struct_conn.pdbx_ptnr3_label_comp_id 
_struct_conn.pdbx_ptnr3_label_asym_id 
_struct_conn.pdbx_ptnr3_label_alt_id 
_struct_conn.pdbx_ptnr3_PDB_ins_code 
_struct_conn.details 
_struct_conn.pdbx_dist_value 
_struct_conn.pdbx_value_order 
_struct_conn.pdbx_role 
disulf1 disulf ?    ? A CYS 17 SG  ? ? ? 1_555 A CYS 82  SG  ? ? L CYS 23 L CYS 88  1_555 ? ? ? ? ? ? ? 2.049 ? ? 
disulf2 disulf ?    ? A CYS 23 SG  ? ? ? 1_555 A CYS 55  SG  ? ? L CYS 29 L CYS 61  1_555 ? ? ? ? ? ? ? 2.016 ? ? 
disulf3 disulf ?    ? A CYS 30 SG  ? ? ? 1_555 A CYS 115 SG  ? ? L CYS 36 L CYS 121 1_555 ? ? ? ? ? ? ? 1.984 ? ? 
disulf4 disulf ?    ? A CYS 32 SG  ? ? ? 1_555 A CYS 80  SG  ? ? L CYS 38 L CYS 86  1_555 ? ? ? ? ? ? ? 1.997 ? ? 
disulf5 disulf ?    ? A CYS 40 SG  ? ? ? 1_555 A CYS 71  SG  ? ? L CYS 46 L CYS 77  1_555 ? ? ? ? ? ? ? 1.997 ? ? 
disulf6 disulf ?    ? A CYS 72 SG  ? ? ? 1_555 A CYS 103 SG  ? ? L CYS 78 L CYS 109 1_555 ? ? ? ? ? ? ? 1.997 ? ? 
covale1 covale both ? A SER 50 C   ? ? ? 1_555 A TRQ 51  N   ? ? L SER 56 L TRQ 57  1_555 ? ? ? ? ? ? ? 1.331 ? ? 
covale2 covale both ? A TRQ 51 C   ? ? ? 1_555 A VAL 52  N   ? ? L TRQ 57 L VAL 58  1_555 ? ? ? ? ? ? ? 1.300 ? ? 
covale3 covale none ? A TRQ 51 CE3 ? ? ? 1_555 A TRP 102 CD1 ? ? L TRQ 57 L TRP 108 1_555 ? ? ? ? ? ? ? 1.472 ? ? 
# 
loop_
_struct_conn_type.id 
_struct_conn_type.criteria 
_struct_conn_type.reference 
disulf ? ? 
covale ? ? 
# 
_struct_mon_prot_cis.pdbx_id                1 
_struct_mon_prot_cis.label_comp_id          LYS 
_struct_mon_prot_cis.label_seq_id           123 
_struct_mon_prot_cis.label_asym_id          A 
_struct_mon_prot_cis.label_alt_id           . 
_struct_mon_prot_cis.pdbx_PDB_ins_code      ? 
_struct_mon_prot_cis.auth_comp_id           LYS 
_struct_mon_prot_cis.auth_seq_id            129 
_struct_mon_prot_cis.auth_asym_id           L 
_struct_mon_prot_cis.pdbx_label_comp_id_2   ALA 
_struct_mon_prot_cis.pdbx_label_seq_id_2    124 
_struct_mon_prot_cis.pdbx_label_asym_id_2   A 
_struct_mon_prot_cis.pdbx_PDB_ins_code_2    ? 
_struct_mon_prot_cis.pdbx_auth_comp_id_2    ALA 
_struct_mon_prot_cis.pdbx_auth_seq_id_2     130 
_struct_mon_prot_cis.pdbx_auth_asym_id_2    L 
_struct_mon_prot_cis.pdbx_PDB_model_num     1 
_struct_mon_prot_cis.pdbx_omega_angle       0.90 
# 
loop_
_struct_sheet.id 
_struct_sheet.type 
_struct_sheet.number_strands 
_struct_sheet.details 
A ? 2 ? 
B ? 3 ? 
C ? 2 ? 
# 
loop_
_struct_sheet_order.sheet_id 
_struct_sheet_order.range_id_1 
_struct_sheet_order.range_id_2 
_struct_sheet_order.offset 
_struct_sheet_order.sense 
A 1 2 ? anti-parallel 
B 1 2 ? anti-parallel 
B 2 3 ? anti-parallel 
C 1 2 ? anti-parallel 
# 
loop_
_struct_sheet_range.sheet_id 
_struct_sheet_range.id 
_struct_sheet_range.beg_label_comp_id 
_struct_sheet_range.beg_label_asym_id 
_struct_sheet_range.beg_label_seq_id 
_struct_sheet_range.pdbx_beg_PDB_ins_code 
_struct_sheet_range.end_label_comp_id 
_struct_sheet_range.end_label_asym_id 
_struct_sheet_range.end_label_seq_id 
_struct_sheet_range.pdbx_end_PDB_ins_code 
_struct_sheet_range.beg_auth_comp_id 
_struct_sheet_range.beg_auth_asym_id 
_struct_sheet_range.beg_auth_seq_id 
_struct_sheet_range.end_auth_comp_id 
_struct_sheet_range.end_auth_asym_id 
_struct_sheet_range.end_auth_seq_id 
A 1 ASP A 26  ? ASN A 28  ? ASP L 32  ASN L 34  
A 2 PRO A 81  ? LEU A 83  ? PRO L 87  LEU L 89  
B 1 LYS A 45  ? LEU A 46  ? LYS L 51  LEU L 52  
B 2 ASP A 70  ? CYS A 72  ? ASP L 76  CYS L 78  
B 3 TYR A 113 ? THR A 116 ? TYR L 119 THR L 122 
C 1 GLN A 62  ? TYR A 68  ? GLN L 68  TYR L 74  
C 2 ILE A 120 ? LYS A 123 ? ILE L 126 LYS L 129 
# 
loop_
_pdbx_struct_sheet_hbond.sheet_id 
_pdbx_struct_sheet_hbond.range_id_1 
_pdbx_struct_sheet_hbond.range_id_2 
_pdbx_struct_sheet_hbond.range_1_label_atom_id 
_pdbx_struct_sheet_hbond.range_1_label_comp_id 
_pdbx_struct_sheet_hbond.range_1_label_asym_id 
_pdbx_struct_sheet_hbond.range_1_label_seq_id 
_pdbx_struct_sheet_hbond.range_1_PDB_ins_code 
_pdbx_struct_sheet_hbond.range_1_auth_atom_id 
_pdbx_struct_sheet_hbond.range_1_auth_comp_id 
_pdbx_struct_sheet_hbond.range_1_auth_asym_id 
_pdbx_struct_sheet_hbond.range_1_auth_seq_id 
_pdbx_struct_sheet_hbond.range_2_label_atom_id 
_pdbx_struct_sheet_hbond.range_2_label_comp_id 
_pdbx_struct_sheet_hbond.range_2_label_asym_id 
_pdbx_struct_sheet_hbond.range_2_label_seq_id 
_pdbx_struct_sheet_hbond.range_2_PDB_ins_code 
_pdbx_struct_sheet_hbond.range_2_auth_atom_id 
_pdbx_struct_sheet_hbond.range_2_auth_comp_id 
_pdbx_struct_sheet_hbond.range_2_auth_asym_id 
_pdbx_struct_sheet_hbond.range_2_auth_seq_id 
A 1 2 O GLY A 27 ? O GLY L 33 N CYS A 82  ? N CYS L 88  
B 1 2 O LYS A 45 ? O LYS L 51 N CYS A 72  ? N CYS L 78  
B 2 3 O CYS A 71 ? O CYS L 77 N HIS A 114 ? N HIS L 120 
C 1 2 O LEU A 65 ? O LEU L 71 N VAL A 121 ? N VAL L 127 
# 
_pdbx_validate_close_contact.id               1 
_pdbx_validate_close_contact.PDB_model_num    1 
_pdbx_validate_close_contact.auth_atom_id_1   O 
_pdbx_validate_close_contact.auth_asym_id_1   L 
_pdbx_validate_close_contact.auth_comp_id_1   HOH 
_pdbx_validate_close_contact.auth_seq_id_1    210 
_pdbx_validate_close_contact.PDB_ins_code_1   ? 
_pdbx_validate_close_contact.label_alt_id_1   ? 
_pdbx_validate_close_contact.auth_atom_id_2   O 
_pdbx_validate_close_contact.auth_asym_id_2   L 
_pdbx_validate_close_contact.auth_comp_id_2   HOH 
_pdbx_validate_close_contact.auth_seq_id_2    211 
_pdbx_validate_close_contact.PDB_ins_code_2   ? 
_pdbx_validate_close_contact.label_alt_id_2   ? 
_pdbx_validate_close_contact.dist             2.15 
# 
loop_
_pdbx_validate_rmsd_bond.id 
_pdbx_validate_rmsd_bond.PDB_model_num 
_pdbx_validate_rmsd_bond.auth_atom_id_1 
_pdbx_validate_rmsd_bond.auth_asym_id_1 
_pdbx_validate_rmsd_bond.auth_comp_id_1 
_pdbx_validate_rmsd_bond.auth_seq_id_1 
_pdbx_validate_rmsd_bond.PDB_ins_code_1 
_pdbx_validate_rmsd_bond.label_alt_id_1 
_pdbx_validate_rmsd_bond.auth_atom_id_2 
_pdbx_validate_rmsd_bond.auth_asym_id_2 
_pdbx_validate_rmsd_bond.auth_comp_id_2 
_pdbx_validate_rmsd_bond.auth_seq_id_2 
_pdbx_validate_rmsd_bond.PDB_ins_code_2 
_pdbx_validate_rmsd_bond.label_alt_id_2 
_pdbx_validate_rmsd_bond.bond_value 
_pdbx_validate_rmsd_bond.bond_target_value 
_pdbx_validate_rmsd_bond.bond_deviation 
_pdbx_validate_rmsd_bond.bond_standard_deviation 
_pdbx_validate_rmsd_bond.linker_flag 
1 1 CD L GLU 92  ? ? OE2 L GLU 92  ? ? 1.337 1.252 0.085 0.011 N 
2 1 CD L GLU 101 ? ? OE1 L GLU 101 ? ? 1.318 1.252 0.066 0.011 N 
3 1 CD L GLU 113 ? ? OE1 L GLU 113 ? ? 1.321 1.252 0.069 0.011 N 
# 
loop_
_pdbx_validate_rmsd_angle.id 
_pdbx_validate_rmsd_angle.PDB_model_num 
_pdbx_validate_rmsd_angle.auth_atom_id_1 
_pdbx_validate_rmsd_angle.auth_asym_id_1 
_pdbx_validate_rmsd_angle.auth_comp_id_1 
_pdbx_validate_rmsd_angle.auth_seq_id_1 
_pdbx_validate_rmsd_angle.PDB_ins_code_1 
_pdbx_validate_rmsd_angle.label_alt_id_1 
_pdbx_validate_rmsd_angle.auth_atom_id_2 
_pdbx_validate_rmsd_angle.auth_asym_id_2 
_pdbx_validate_rmsd_angle.auth_comp_id_2 
_pdbx_validate_rmsd_angle.auth_seq_id_2 
_pdbx_validate_rmsd_angle.PDB_ins_code_2 
_pdbx_validate_rmsd_angle.label_alt_id_2 
_pdbx_validate_rmsd_angle.auth_atom_id_3 
_pdbx_validate_rmsd_angle.auth_asym_id_3 
_pdbx_validate_rmsd_angle.auth_comp_id_3 
_pdbx_validate_rmsd_angle.auth_seq_id_3 
_pdbx_validate_rmsd_angle.PDB_ins_code_3 
_pdbx_validate_rmsd_angle.label_alt_id_3 
_pdbx_validate_rmsd_angle.angle_value 
_pdbx_validate_rmsd_angle.angle_target_value 
_pdbx_validate_rmsd_angle.angle_deviation 
_pdbx_validate_rmsd_angle.angle_standard_deviation 
_pdbx_validate_rmsd_angle.linker_flag 
1  1 CB L ASP 17  ? ? CG L ASP 17  ? ? OD1 L ASP 17  ? ? 124.52 118.30 6.22   0.90 N 
2  1 CB L ASP 17  ? ? CG L ASP 17  ? ? OD2 L ASP 17  ? ? 111.45 118.30 -6.85  0.90 N 
3  1 CB L ASP 24  ? ? CG L ASP 24  ? ? OD1 L ASP 24  ? ? 124.43 118.30 6.13   0.90 N 
4  1 CB L ASP 24  ? ? CG L ASP 24  ? ? OD2 L ASP 24  ? ? 110.61 118.30 -7.69  0.90 N 
5  1 CA L VAL 58  ? ? CB L VAL 58  ? ? CG2 L VAL 58  ? ? 120.43 110.90 9.53   1.50 N 
6  1 N  L ALA 59  ? ? CA L ALA 59  ? ? CB  L ALA 59  ? ? 120.06 110.10 9.96   1.40 N 
7  1 NE L ARG 75  ? ? CZ L ARG 75  ? ? NH1 L ARG 75  ? ? 125.98 120.30 5.68   0.50 N 
8  1 NE L ARG 75  ? ? CZ L ARG 75  ? ? NH2 L ARG 75  ? ? 116.41 120.30 -3.89  0.50 N 
9  1 NE L ARG 85  ? ? CZ L ARG 85  ? ? NH1 L ARG 85  ? ? 123.89 120.30 3.59   0.50 N 
10 1 NE L ARG 99  ? ? CZ L ARG 99  ? ? NH1 L ARG 99  ? ? 125.10 120.30 4.80   0.50 N 
11 1 CB L GLU 113 ? ? CA L GLU 113 ? ? C   L GLU 113 ? ? 98.23  110.40 -12.17 2.00 N 
12 1 C  L LYS 129 ? ? N  L ALA 130 ? ? CA  L ALA 130 ? ? 137.78 121.70 16.08  2.50 Y 
# 
loop_
_pdbx_validate_torsion.id 
_pdbx_validate_torsion.PDB_model_num 
_pdbx_validate_torsion.auth_comp_id 
_pdbx_validate_torsion.auth_asym_id 
_pdbx_validate_torsion.auth_seq_id 
_pdbx_validate_torsion.PDB_ins_code 
_pdbx_validate_torsion.label_alt_id 
_pdbx_validate_torsion.phi 
_pdbx_validate_torsion.psi 
1 1 ASP L 8   ? ? 61.00   91.89 
2 1 SER L 39  ? ? -140.34 30.37 
3 1 GLU L 92  ? ? -68.24  98.41 
4 1 TRP L 108 ? ? -84.10  47.95 
5 1 ASP L 114 ? ? 55.93   8.12  
# 
_pdbx_struct_mod_residue.id               1 
_pdbx_struct_mod_residue.label_asym_id    A 
_pdbx_struct_mod_residue.label_comp_id    TRQ 
_pdbx_struct_mod_residue.label_seq_id     51 
_pdbx_struct_mod_residue.auth_asym_id     L 
_pdbx_struct_mod_residue.auth_comp_id     TRQ 
_pdbx_struct_mod_residue.auth_seq_id      57 
_pdbx_struct_mod_residue.PDB_ins_code     ? 
_pdbx_struct_mod_residue.parent_comp_id   TRP 
_pdbx_struct_mod_residue.details          ? 
# 
_pdbx_entry_details.entry_id                 2MAD 
_pdbx_entry_details.compound_details         
;THE L SUBUNIT CONTAINS THE SIDE CHAIN DERIVED COFACTOR
TRYPTOPHYL TRYTOPHAN-QUINONE (MCINTYRE ET AL. SCIENCE 252,
1-7) MADE UP OF TWO TRYPTOPHANS WHICH ARE AT POSITIONS 57
AND 108.  THESE ARE COVALENTLY LINKED THROUGH A
CE3 TRP 57 - CD1 TRP 108 BOND.  TRP57 CONTAINS AN
ORTHO-QUINONE FUNCTION ATTACHED TO ATOMS CH2 AND CZ2.
;
_pdbx_entry_details.source_details           ? 
_pdbx_entry_details.nonpolymer_details       ? 
_pdbx_entry_details.sequence_details         
;SEQUENCE ADVISORY NOTICE:
     DIFFERENCE BETWEEN SWISS-PROT AND PDB SEQUENCE.

     SWISS-PROT ENTRY NAME: DMHL_PARDE

     SWISS-PROT RESIDUE      PDB SEQRES
       NAME   NUMBER         NAME  CHAIN  SEQ/INSERT CODE
       VAL     71            GLN           14
;
_pdbx_entry_details.has_ligand_of_interest   ? 
# 
loop_
_chem_comp_atom.comp_id 
_chem_comp_atom.atom_id 
_chem_comp_atom.type_symbol 
_chem_comp_atom.pdbx_aromatic_flag 
_chem_comp_atom.pdbx_stereo_config 
_chem_comp_atom.pdbx_ordinal 
ALA N    N N N 1   
ALA CA   C N S 2   
ALA C    C N N 3   
ALA O    O N N 4   
ALA CB   C N N 5   
ALA OXT  O N N 6   
ALA H    H N N 7   
ALA H2   H N N 8   
ALA HA   H N N 9   
ALA HB1  H N N 10  
ALA HB2  H N N 11  
ALA HB3  H N N 12  
ALA HXT  H N N 13  
ARG N    N N N 14  
ARG CA   C N S 15  
ARG C    C N N 16  
ARG O    O N N 17  
ARG CB   C N N 18  
ARG CG   C N N 19  
ARG CD   C N N 20  
ARG NE   N N N 21  
ARG CZ   C N N 22  
ARG NH1  N N N 23  
ARG NH2  N N N 24  
ARG OXT  O N N 25  
ARG H    H N N 26  
ARG H2   H N N 27  
ARG HA   H N N 28  
ARG HB2  H N N 29  
ARG HB3  H N N 30  
ARG HG2  H N N 31  
ARG HG3  H N N 32  
ARG HD2  H N N 33  
ARG HD3  H N N 34  
ARG HE   H N N 35  
ARG HH11 H N N 36  
ARG HH12 H N N 37  
ARG HH21 H N N 38  
ARG HH22 H N N 39  
ARG HXT  H N N 40  
ASN N    N N N 41  
ASN CA   C N S 42  
ASN C    C N N 43  
ASN O    O N N 44  
ASN CB   C N N 45  
ASN CG   C N N 46  
ASN OD1  O N N 47  
ASN ND2  N N N 48  
ASN OXT  O N N 49  
ASN H    H N N 50  
ASN H2   H N N 51  
ASN HA   H N N 52  
ASN HB2  H N N 53  
ASN HB3  H N N 54  
ASN HD21 H N N 55  
ASN HD22 H N N 56  
ASN HXT  H N N 57  
ASP N    N N N 58  
ASP CA   C N S 59  
ASP C    C N N 60  
ASP O    O N N 61  
ASP CB   C N N 62  
ASP CG   C N N 63  
ASP OD1  O N N 64  
ASP OD2  O N N 65  
ASP OXT  O N N 66  
ASP H    H N N 67  
ASP H2   H N N 68  
ASP HA   H N N 69  
ASP HB2  H N N 70  
ASP HB3  H N N 71  
ASP HD2  H N N 72  
ASP HXT  H N N 73  
CYS N    N N N 74  
CYS CA   C N R 75  
CYS C    C N N 76  
CYS O    O N N 77  
CYS CB   C N N 78  
CYS SG   S N N 79  
CYS OXT  O N N 80  
CYS H    H N N 81  
CYS H2   H N N 82  
CYS HA   H N N 83  
CYS HB2  H N N 84  
CYS HB3  H N N 85  
CYS HG   H N N 86  
CYS HXT  H N N 87  
GLN N    N N N 88  
GLN CA   C N S 89  
GLN C    C N N 90  
GLN O    O N N 91  
GLN CB   C N N 92  
GLN CG   C N N 93  
GLN CD   C N N 94  
GLN OE1  O N N 95  
GLN NE2  N N N 96  
GLN OXT  O N N 97  
GLN H    H N N 98  
GLN H2   H N N 99  
GLN HA   H N N 100 
GLN HB2  H N N 101 
GLN HB3  H N N 102 
GLN HG2  H N N 103 
GLN HG3  H N N 104 
GLN HE21 H N N 105 
GLN HE22 H N N 106 
GLN HXT  H N N 107 
GLU N    N N N 108 
GLU CA   C N S 109 
GLU C    C N N 110 
GLU O    O N N 111 
GLU CB   C N N 112 
GLU CG   C N N 113 
GLU CD   C N N 114 
GLU OE1  O N N 115 
GLU OE2  O N N 116 
GLU OXT  O N N 117 
GLU H    H N N 118 
GLU H2   H N N 119 
GLU HA   H N N 120 
GLU HB2  H N N 121 
GLU HB3  H N N 122 
GLU HG2  H N N 123 
GLU HG3  H N N 124 
GLU HE2  H N N 125 
GLU HXT  H N N 126 
GLY N    N N N 127 
GLY CA   C N N 128 
GLY C    C N N 129 
GLY O    O N N 130 
GLY OXT  O N N 131 
GLY H    H N N 132 
GLY H2   H N N 133 
GLY HA2  H N N 134 
GLY HA3  H N N 135 
GLY HXT  H N N 136 
HIS N    N N N 137 
HIS CA   C N S 138 
HIS C    C N N 139 
HIS O    O N N 140 
HIS CB   C N N 141 
HIS CG   C Y N 142 
HIS ND1  N Y N 143 
HIS CD2  C Y N 144 
HIS CE1  C Y N 145 
HIS NE2  N Y N 146 
HIS OXT  O N N 147 
HIS H    H N N 148 
HIS H2   H N N 149 
HIS HA   H N N 150 
HIS HB2  H N N 151 
HIS HB3  H N N 152 
HIS HD1  H N N 153 
HIS HD2  H N N 154 
HIS HE1  H N N 155 
HIS HE2  H N N 156 
HIS HXT  H N N 157 
HOH O    O N N 158 
HOH H1   H N N 159 
HOH H2   H N N 160 
ILE N    N N N 161 
ILE CA   C N S 162 
ILE C    C N N 163 
ILE O    O N N 164 
ILE CB   C N S 165 
ILE CG1  C N N 166 
ILE CG2  C N N 167 
ILE CD1  C N N 168 
ILE OXT  O N N 169 
ILE H    H N N 170 
ILE H2   H N N 171 
ILE HA   H N N 172 
ILE HB   H N N 173 
ILE HG12 H N N 174 
ILE HG13 H N N 175 
ILE HG21 H N N 176 
ILE HG22 H N N 177 
ILE HG23 H N N 178 
ILE HD11 H N N 179 
ILE HD12 H N N 180 
ILE HD13 H N N 181 
ILE HXT  H N N 182 
LEU N    N N N 183 
LEU CA   C N S 184 
LEU C    C N N 185 
LEU O    O N N 186 
LEU CB   C N N 187 
LEU CG   C N N 188 
LEU CD1  C N N 189 
LEU CD2  C N N 190 
LEU OXT  O N N 191 
LEU H    H N N 192 
LEU H2   H N N 193 
LEU HA   H N N 194 
LEU HB2  H N N 195 
LEU HB3  H N N 196 
LEU HG   H N N 197 
LEU HD11 H N N 198 
LEU HD12 H N N 199 
LEU HD13 H N N 200 
LEU HD21 H N N 201 
LEU HD22 H N N 202 
LEU HD23 H N N 203 
LEU HXT  H N N 204 
LYS N    N N N 205 
LYS CA   C N S 206 
LYS C    C N N 207 
LYS O    O N N 208 
LYS CB   C N N 209 
LYS CG   C N N 210 
LYS CD   C N N 211 
LYS CE   C N N 212 
LYS NZ   N N N 213 
LYS OXT  O N N 214 
LYS H    H N N 215 
LYS H2   H N N 216 
LYS HA   H N N 217 
LYS HB2  H N N 218 
LYS HB3  H N N 219 
LYS HG2  H N N 220 
LYS HG3  H N N 221 
LYS HD2  H N N 222 
LYS HD3  H N N 223 
LYS HE2  H N N 224 
LYS HE3  H N N 225 
LYS HZ1  H N N 226 
LYS HZ2  H N N 227 
LYS HZ3  H N N 228 
LYS HXT  H N N 229 
MET N    N N N 230 
MET CA   C N S 231 
MET C    C N N 232 
MET O    O N N 233 
MET CB   C N N 234 
MET CG   C N N 235 
MET SD   S N N 236 
MET CE   C N N 237 
MET OXT  O N N 238 
MET H    H N N 239 
MET H2   H N N 240 
MET HA   H N N 241 
MET HB2  H N N 242 
MET HB3  H N N 243 
MET HG2  H N N 244 
MET HG3  H N N 245 
MET HE1  H N N 246 
MET HE2  H N N 247 
MET HE3  H N N 248 
MET HXT  H N N 249 
PHE N    N N N 250 
PHE CA   C N S 251 
PHE C    C N N 252 
PHE O    O N N 253 
PHE CB   C N N 254 
PHE CG   C Y N 255 
PHE CD1  C Y N 256 
PHE CD2  C Y N 257 
PHE CE1  C Y N 258 
PHE CE2  C Y N 259 
PHE CZ   C Y N 260 
PHE OXT  O N N 261 
PHE H    H N N 262 
PHE H2   H N N 263 
PHE HA   H N N 264 
PHE HB2  H N N 265 
PHE HB3  H N N 266 
PHE HD1  H N N 267 
PHE HD2  H N N 268 
PHE HE1  H N N 269 
PHE HE2  H N N 270 
PHE HZ   H N N 271 
PHE HXT  H N N 272 
PRO N    N N N 273 
PRO CA   C N S 274 
PRO C    C N N 275 
PRO O    O N N 276 
PRO CB   C N N 277 
PRO CG   C N N 278 
PRO CD   C N N 279 
PRO OXT  O N N 280 
PRO H    H N N 281 
PRO HA   H N N 282 
PRO HB2  H N N 283 
PRO HB3  H N N 284 
PRO HG2  H N N 285 
PRO HG3  H N N 286 
PRO HD2  H N N 287 
PRO HD3  H N N 288 
PRO HXT  H N N 289 
SER N    N N N 290 
SER CA   C N S 291 
SER C    C N N 292 
SER O    O N N 293 
SER CB   C N N 294 
SER OG   O N N 295 
SER OXT  O N N 296 
SER H    H N N 297 
SER H2   H N N 298 
SER HA   H N N 299 
SER HB2  H N N 300 
SER HB3  H N N 301 
SER HG   H N N 302 
SER HXT  H N N 303 
THR N    N N N 304 
THR CA   C N S 305 
THR C    C N N 306 
THR O    O N N 307 
THR CB   C N R 308 
THR OG1  O N N 309 
THR CG2  C N N 310 
THR OXT  O N N 311 
THR H    H N N 312 
THR H2   H N N 313 
THR HA   H N N 314 
THR HB   H N N 315 
THR HG1  H N N 316 
THR HG21 H N N 317 
THR HG22 H N N 318 
THR HG23 H N N 319 
THR HXT  H N N 320 
TRP N    N N N 321 
TRP CA   C N S 322 
TRP C    C N N 323 
TRP O    O N N 324 
TRP CB   C N N 325 
TRP CG   C Y N 326 
TRP CD1  C Y N 327 
TRP CD2  C Y N 328 
TRP NE1  N Y N 329 
TRP CE2  C Y N 330 
TRP CE3  C Y N 331 
TRP CZ2  C Y N 332 
TRP CZ3  C Y N 333 
TRP CH2  C Y N 334 
TRP OXT  O N N 335 
TRP H    H N N 336 
TRP H2   H N N 337 
TRP HA   H N N 338 
TRP HB2  H N N 339 
TRP HB3  H N N 340 
TRP HD1  H N N 341 
TRP HE1  H N N 342 
TRP HE3  H N N 343 
TRP HZ2  H N N 344 
TRP HZ3  H N N 345 
TRP HH2  H N N 346 
TRP HXT  H N N 347 
TRQ N    N N N 348 
TRQ CA   C N S 349 
TRQ C    C N N 350 
TRQ O    O N N 351 
TRQ OXT  O N N 352 
TRQ CB   C N N 353 
TRQ CG   C Y N 354 
TRQ CD1  C Y N 355 
TRQ NE1  N Y N 356 
TRQ CE2  C Y N 357 
TRQ CZ2  C N N 358 
TRQ CH2  C N N 359 
TRQ CZ3  C N N 360 
TRQ CE3  C N N 361 
TRQ CD2  C Y N 362 
TRQ O6   O N N 363 
TRQ O7   O N N 364 
TRQ H    H N N 365 
TRQ H2   H N N 366 
TRQ HA   H N N 367 
TRQ HXT  H N N 368 
TRQ HB2  H N N 369 
TRQ HB3  H N N 370 
TRQ HD1  H N N 371 
TRQ HE1  H N N 372 
TRQ HZ3  H N N 373 
TRQ HE3  H N N 374 
TYR N    N N N 375 
TYR CA   C N S 376 
TYR C    C N N 377 
TYR O    O N N 378 
TYR CB   C N N 379 
TYR CG   C Y N 380 
TYR CD1  C Y N 381 
TYR CD2  C Y N 382 
TYR CE1  C Y N 383 
TYR CE2  C Y N 384 
TYR CZ   C Y N 385 
TYR OH   O N N 386 
TYR OXT  O N N 387 
TYR H    H N N 388 
TYR H2   H N N 389 
TYR HA   H N N 390 
TYR HB2  H N N 391 
TYR HB3  H N N 392 
TYR HD1  H N N 393 
TYR HD2  H N N 394 
TYR HE1  H N N 395 
TYR HE2  H N N 396 
TYR HH   H N N 397 
TYR HXT  H N N 398 
VAL N    N N N 399 
VAL CA   C N S 400 
VAL C    C N N 401 
VAL O    O N N 402 
VAL CB   C N N 403 
VAL CG1  C N N 404 
VAL CG2  C N N 405 
VAL OXT  O N N 406 
VAL H    H N N 407 
VAL H2   H N N 408 
VAL HA   H N N 409 
VAL HB   H N N 410 
VAL HG11 H N N 411 
VAL HG12 H N N 412 
VAL HG13 H N N 413 
VAL HG21 H N N 414 
VAL HG22 H N N 415 
VAL HG23 H N N 416 
VAL HXT  H N N 417 
# 
loop_
_chem_comp_bond.comp_id 
_chem_comp_bond.atom_id_1 
_chem_comp_bond.atom_id_2 
_chem_comp_bond.value_order 
_chem_comp_bond.pdbx_aromatic_flag 
_chem_comp_bond.pdbx_stereo_config 
_chem_comp_bond.pdbx_ordinal 
ALA N   CA   sing N N 1   
ALA N   H    sing N N 2   
ALA N   H2   sing N N 3   
ALA CA  C    sing N N 4   
ALA CA  CB   sing N N 5   
ALA CA  HA   sing N N 6   
ALA C   O    doub N N 7   
ALA C   OXT  sing N N 8   
ALA CB  HB1  sing N N 9   
ALA CB  HB2  sing N N 10  
ALA CB  HB3  sing N N 11  
ALA OXT HXT  sing N N 12  
ARG N   CA   sing N N 13  
ARG N   H    sing N N 14  
ARG N   H2   sing N N 15  
ARG CA  C    sing N N 16  
ARG CA  CB   sing N N 17  
ARG CA  HA   sing N N 18  
ARG C   O    doub N N 19  
ARG C   OXT  sing N N 20  
ARG CB  CG   sing N N 21  
ARG CB  HB2  sing N N 22  
ARG CB  HB3  sing N N 23  
ARG CG  CD   sing N N 24  
ARG CG  HG2  sing N N 25  
ARG CG  HG3  sing N N 26  
ARG CD  NE   sing N N 27  
ARG CD  HD2  sing N N 28  
ARG CD  HD3  sing N N 29  
ARG NE  CZ   sing N N 30  
ARG NE  HE   sing N N 31  
ARG CZ  NH1  sing N N 32  
ARG CZ  NH2  doub N N 33  
ARG NH1 HH11 sing N N 34  
ARG NH1 HH12 sing N N 35  
ARG NH2 HH21 sing N N 36  
ARG NH2 HH22 sing N N 37  
ARG OXT HXT  sing N N 38  
ASN N   CA   sing N N 39  
ASN N   H    sing N N 40  
ASN N   H2   sing N N 41  
ASN CA  C    sing N N 42  
ASN CA  CB   sing N N 43  
ASN CA  HA   sing N N 44  
ASN C   O    doub N N 45  
ASN C   OXT  sing N N 46  
ASN CB  CG   sing N N 47  
ASN CB  HB2  sing N N 48  
ASN CB  HB3  sing N N 49  
ASN CG  OD1  doub N N 50  
ASN CG  ND2  sing N N 51  
ASN ND2 HD21 sing N N 52  
ASN ND2 HD22 sing N N 53  
ASN OXT HXT  sing N N 54  
ASP N   CA   sing N N 55  
ASP N   H    sing N N 56  
ASP N   H2   sing N N 57  
ASP CA  C    sing N N 58  
ASP CA  CB   sing N N 59  
ASP CA  HA   sing N N 60  
ASP C   O    doub N N 61  
ASP C   OXT  sing N N 62  
ASP CB  CG   sing N N 63  
ASP CB  HB2  sing N N 64  
ASP CB  HB3  sing N N 65  
ASP CG  OD1  doub N N 66  
ASP CG  OD2  sing N N 67  
ASP OD2 HD2  sing N N 68  
ASP OXT HXT  sing N N 69  
CYS N   CA   sing N N 70  
CYS N   H    sing N N 71  
CYS N   H2   sing N N 72  
CYS CA  C    sing N N 73  
CYS CA  CB   sing N N 74  
CYS CA  HA   sing N N 75  
CYS C   O    doub N N 76  
CYS C   OXT  sing N N 77  
CYS CB  SG   sing N N 78  
CYS CB  HB2  sing N N 79  
CYS CB  HB3  sing N N 80  
CYS SG  HG   sing N N 81  
CYS OXT HXT  sing N N 82  
GLN N   CA   sing N N 83  
GLN N   H    sing N N 84  
GLN N   H2   sing N N 85  
GLN CA  C    sing N N 86  
GLN CA  CB   sing N N 87  
GLN CA  HA   sing N N 88  
GLN C   O    doub N N 89  
GLN C   OXT  sing N N 90  
GLN CB  CG   sing N N 91  
GLN CB  HB2  sing N N 92  
GLN CB  HB3  sing N N 93  
GLN CG  CD   sing N N 94  
GLN CG  HG2  sing N N 95  
GLN CG  HG3  sing N N 96  
GLN CD  OE1  doub N N 97  
GLN CD  NE2  sing N N 98  
GLN NE2 HE21 sing N N 99  
GLN NE2 HE22 sing N N 100 
GLN OXT HXT  sing N N 101 
GLU N   CA   sing N N 102 
GLU N   H    sing N N 103 
GLU N   H2   sing N N 104 
GLU CA  C    sing N N 105 
GLU CA  CB   sing N N 106 
GLU CA  HA   sing N N 107 
GLU C   O    doub N N 108 
GLU C   OXT  sing N N 109 
GLU CB  CG   sing N N 110 
GLU CB  HB2  sing N N 111 
GLU CB  HB3  sing N N 112 
GLU CG  CD   sing N N 113 
GLU CG  HG2  sing N N 114 
GLU CG  HG3  sing N N 115 
GLU CD  OE1  doub N N 116 
GLU CD  OE2  sing N N 117 
GLU OE2 HE2  sing N N 118 
GLU OXT HXT  sing N N 119 
GLY N   CA   sing N N 120 
GLY N   H    sing N N 121 
GLY N   H2   sing N N 122 
GLY CA  C    sing N N 123 
GLY CA  HA2  sing N N 124 
GLY CA  HA3  sing N N 125 
GLY C   O    doub N N 126 
GLY C   OXT  sing N N 127 
GLY OXT HXT  sing N N 128 
HIS N   CA   sing N N 129 
HIS N   H    sing N N 130 
HIS N   H2   sing N N 131 
HIS CA  C    sing N N 132 
HIS CA  CB   sing N N 133 
HIS CA  HA   sing N N 134 
HIS C   O    doub N N 135 
HIS C   OXT  sing N N 136 
HIS CB  CG   sing N N 137 
HIS CB  HB2  sing N N 138 
HIS CB  HB3  sing N N 139 
HIS CG  ND1  sing Y N 140 
HIS CG  CD2  doub Y N 141 
HIS ND1 CE1  doub Y N 142 
HIS ND1 HD1  sing N N 143 
HIS CD2 NE2  sing Y N 144 
HIS CD2 HD2  sing N N 145 
HIS CE1 NE2  sing Y N 146 
HIS CE1 HE1  sing N N 147 
HIS NE2 HE2  sing N N 148 
HIS OXT HXT  sing N N 149 
HOH O   H1   sing N N 150 
HOH O   H2   sing N N 151 
ILE N   CA   sing N N 152 
ILE N   H    sing N N 153 
ILE N   H2   sing N N 154 
ILE CA  C    sing N N 155 
ILE CA  CB   sing N N 156 
ILE CA  HA   sing N N 157 
ILE C   O    doub N N 158 
ILE C   OXT  sing N N 159 
ILE CB  CG1  sing N N 160 
ILE CB  CG2  sing N N 161 
ILE CB  HB   sing N N 162 
ILE CG1 CD1  sing N N 163 
ILE CG1 HG12 sing N N 164 
ILE CG1 HG13 sing N N 165 
ILE CG2 HG21 sing N N 166 
ILE CG2 HG22 sing N N 167 
ILE CG2 HG23 sing N N 168 
ILE CD1 HD11 sing N N 169 
ILE CD1 HD12 sing N N 170 
ILE CD1 HD13 sing N N 171 
ILE OXT HXT  sing N N 172 
LEU N   CA   sing N N 173 
LEU N   H    sing N N 174 
LEU N   H2   sing N N 175 
LEU CA  C    sing N N 176 
LEU CA  CB   sing N N 177 
LEU CA  HA   sing N N 178 
LEU C   O    doub N N 179 
LEU C   OXT  sing N N 180 
LEU CB  CG   sing N N 181 
LEU CB  HB2  sing N N 182 
LEU CB  HB3  sing N N 183 
LEU CG  CD1  sing N N 184 
LEU CG  CD2  sing N N 185 
LEU CG  HG   sing N N 186 
LEU CD1 HD11 sing N N 187 
LEU CD1 HD12 sing N N 188 
LEU CD1 HD13 sing N N 189 
LEU CD2 HD21 sing N N 190 
LEU CD2 HD22 sing N N 191 
LEU CD2 HD23 sing N N 192 
LEU OXT HXT  sing N N 193 
LYS N   CA   sing N N 194 
LYS N   H    sing N N 195 
LYS N   H2   sing N N 196 
LYS CA  C    sing N N 197 
LYS CA  CB   sing N N 198 
LYS CA  HA   sing N N 199 
LYS C   O    doub N N 200 
LYS C   OXT  sing N N 201 
LYS CB  CG   sing N N 202 
LYS CB  HB2  sing N N 203 
LYS CB  HB3  sing N N 204 
LYS CG  CD   sing N N 205 
LYS CG  HG2  sing N N 206 
LYS CG  HG3  sing N N 207 
LYS CD  CE   sing N N 208 
LYS CD  HD2  sing N N 209 
LYS CD  HD3  sing N N 210 
LYS CE  NZ   sing N N 211 
LYS CE  HE2  sing N N 212 
LYS CE  HE3  sing N N 213 
LYS NZ  HZ1  sing N N 214 
LYS NZ  HZ2  sing N N 215 
LYS NZ  HZ3  sing N N 216 
LYS OXT HXT  sing N N 217 
MET N   CA   sing N N 218 
MET N   H    sing N N 219 
MET N   H2   sing N N 220 
MET CA  C    sing N N 221 
MET CA  CB   sing N N 222 
MET CA  HA   sing N N 223 
MET C   O    doub N N 224 
MET C   OXT  sing N N 225 
MET CB  CG   sing N N 226 
MET CB  HB2  sing N N 227 
MET CB  HB3  sing N N 228 
MET CG  SD   sing N N 229 
MET CG  HG2  sing N N 230 
MET CG  HG3  sing N N 231 
MET SD  CE   sing N N 232 
MET CE  HE1  sing N N 233 
MET CE  HE2  sing N N 234 
MET CE  HE3  sing N N 235 
MET OXT HXT  sing N N 236 
PHE N   CA   sing N N 237 
PHE N   H    sing N N 238 
PHE N   H2   sing N N 239 
PHE CA  C    sing N N 240 
PHE CA  CB   sing N N 241 
PHE CA  HA   sing N N 242 
PHE C   O    doub N N 243 
PHE C   OXT  sing N N 244 
PHE CB  CG   sing N N 245 
PHE CB  HB2  sing N N 246 
PHE CB  HB3  sing N N 247 
PHE CG  CD1  doub Y N 248 
PHE CG  CD2  sing Y N 249 
PHE CD1 CE1  sing Y N 250 
PHE CD1 HD1  sing N N 251 
PHE CD2 CE2  doub Y N 252 
PHE CD2 HD2  sing N N 253 
PHE CE1 CZ   doub Y N 254 
PHE CE1 HE1  sing N N 255 
PHE CE2 CZ   sing Y N 256 
PHE CE2 HE2  sing N N 257 
PHE CZ  HZ   sing N N 258 
PHE OXT HXT  sing N N 259 
PRO N   CA   sing N N 260 
PRO N   CD   sing N N 261 
PRO N   H    sing N N 262 
PRO CA  C    sing N N 263 
PRO CA  CB   sing N N 264 
PRO CA  HA   sing N N 265 
PRO C   O    doub N N 266 
PRO C   OXT  sing N N 267 
PRO CB  CG   sing N N 268 
PRO CB  HB2  sing N N 269 
PRO CB  HB3  sing N N 270 
PRO CG  CD   sing N N 271 
PRO CG  HG2  sing N N 272 
PRO CG  HG3  sing N N 273 
PRO CD  HD2  sing N N 274 
PRO CD  HD3  sing N N 275 
PRO OXT HXT  sing N N 276 
SER N   CA   sing N N 277 
SER N   H    sing N N 278 
SER N   H2   sing N N 279 
SER CA  C    sing N N 280 
SER CA  CB   sing N N 281 
SER CA  HA   sing N N 282 
SER C   O    doub N N 283 
SER C   OXT  sing N N 284 
SER CB  OG   sing N N 285 
SER CB  HB2  sing N N 286 
SER CB  HB3  sing N N 287 
SER OG  HG   sing N N 288 
SER OXT HXT  sing N N 289 
THR N   CA   sing N N 290 
THR N   H    sing N N 291 
THR N   H2   sing N N 292 
THR CA  C    sing N N 293 
THR CA  CB   sing N N 294 
THR CA  HA   sing N N 295 
THR C   O    doub N N 296 
THR C   OXT  sing N N 297 
THR CB  OG1  sing N N 298 
THR CB  CG2  sing N N 299 
THR CB  HB   sing N N 300 
THR OG1 HG1  sing N N 301 
THR CG2 HG21 sing N N 302 
THR CG2 HG22 sing N N 303 
THR CG2 HG23 sing N N 304 
THR OXT HXT  sing N N 305 
TRP N   CA   sing N N 306 
TRP N   H    sing N N 307 
TRP N   H2   sing N N 308 
TRP CA  C    sing N N 309 
TRP CA  CB   sing N N 310 
TRP CA  HA   sing N N 311 
TRP C   O    doub N N 312 
TRP C   OXT  sing N N 313 
TRP CB  CG   sing N N 314 
TRP CB  HB2  sing N N 315 
TRP CB  HB3  sing N N 316 
TRP CG  CD1  doub Y N 317 
TRP CG  CD2  sing Y N 318 
TRP CD1 NE1  sing Y N 319 
TRP CD1 HD1  sing N N 320 
TRP CD2 CE2  doub Y N 321 
TRP CD2 CE3  sing Y N 322 
TRP NE1 CE2  sing Y N 323 
TRP NE1 HE1  sing N N 324 
TRP CE2 CZ2  sing Y N 325 
TRP CE3 CZ3  doub Y N 326 
TRP CE3 HE3  sing N N 327 
TRP CZ2 CH2  doub Y N 328 
TRP CZ2 HZ2  sing N N 329 
TRP CZ3 CH2  sing Y N 330 
TRP CZ3 HZ3  sing N N 331 
TRP CH2 HH2  sing N N 332 
TRP OXT HXT  sing N N 333 
TRQ N   CA   sing N N 334 
TRQ N   H    sing N N 335 
TRQ N   H2   sing N N 336 
TRQ CA  C    sing N N 337 
TRQ CA  CB   sing N N 338 
TRQ CA  HA   sing N N 339 
TRQ C   O    doub N N 340 
TRQ C   OXT  sing N N 341 
TRQ OXT HXT  sing N N 342 
TRQ CB  CG   sing N N 343 
TRQ CB  HB2  sing N N 344 
TRQ CB  HB3  sing N N 345 
TRQ CG  CD1  doub Y N 346 
TRQ CG  CD2  sing Y N 347 
TRQ CD1 NE1  sing Y N 348 
TRQ CD1 HD1  sing N N 349 
TRQ NE1 CE2  sing Y N 350 
TRQ NE1 HE1  sing N N 351 
TRQ CE2 CZ2  sing N N 352 
TRQ CE2 CD2  doub Y N 353 
TRQ CZ2 CH2  sing N N 354 
TRQ CZ2 O7   doub N N 355 
TRQ CH2 CZ3  sing N N 356 
TRQ CH2 O6   doub N N 357 
TRQ CZ3 CE3  doub N N 358 
TRQ CZ3 HZ3  sing N N 359 
TRQ CE3 CD2  sing N N 360 
TRQ CE3 HE3  sing N N 361 
TYR N   CA   sing N N 362 
TYR N   H    sing N N 363 
TYR N   H2   sing N N 364 
TYR CA  C    sing N N 365 
TYR CA  CB   sing N N 366 
TYR CA  HA   sing N N 367 
TYR C   O    doub N N 368 
TYR C   OXT  sing N N 369 
TYR CB  CG   sing N N 370 
TYR CB  HB2  sing N N 371 
TYR CB  HB3  sing N N 372 
TYR CG  CD1  doub Y N 373 
TYR CG  CD2  sing Y N 374 
TYR CD1 CE1  sing Y N 375 
TYR CD1 HD1  sing N N 376 
TYR CD2 CE2  doub Y N 377 
TYR CD2 HD2  sing N N 378 
TYR CE1 CZ   doub Y N 379 
TYR CE1 HE1  sing N N 380 
TYR CE2 CZ   sing Y N 381 
TYR CE2 HE2  sing N N 382 
TYR CZ  OH   sing N N 383 
TYR OH  HH   sing N N 384 
TYR OXT HXT  sing N N 385 
VAL N   CA   sing N N 386 
VAL N   H    sing N N 387 
VAL N   H2   sing N N 388 
VAL CA  C    sing N N 389 
VAL CA  CB   sing N N 390 
VAL CA  HA   sing N N 391 
VAL C   O    doub N N 392 
VAL C   OXT  sing N N 393 
VAL CB  CG1  sing N N 394 
VAL CB  CG2  sing N N 395 
VAL CB  HB   sing N N 396 
VAL CG1 HG11 sing N N 397 
VAL CG1 HG12 sing N N 398 
VAL CG1 HG13 sing N N 399 
VAL CG2 HG21 sing N N 400 
VAL CG2 HG22 sing N N 401 
VAL CG2 HG23 sing N N 402 
VAL OXT HXT  sing N N 403 
# 
_pdbx_coordinate_model.asym_id   B 
_pdbx_coordinate_model.type      'CA ATOMS ONLY' 
# 
_atom_sites.entry_id                    2MAD 
_atom_sites.fract_transf_matrix[1][1]   -0.00621534 
_atom_sites.fract_transf_matrix[1][2]   -0.00599555 
_atom_sites.fract_transf_matrix[1][3]   0.00214092 
_atom_sites.fract_transf_matrix[2][1]   -0.00742024 
_atom_sites.fract_transf_matrix[2][2]   -0.00064733 
_atom_sites.fract_transf_matrix[2][3]   -0.00486597 
_atom_sites.fract_transf_matrix[3][1]   0.00427297 
_atom_sites.fract_transf_matrix[3][2]   -0.00644997 
_atom_sites.fract_transf_matrix[3][3]   -0.00565790 
_atom_sites.fract_transf_vector[1]      0.451979 
_atom_sites.fract_transf_vector[2]      0.608839 
_atom_sites.fract_transf_vector[3]      1.063431 
# 
loop_
_atom_sites_footnote.id 
_atom_sites_footnote.text 
1 'THE QUINONE CONTAINING TRYPTOPHAN (L 57).THE QUINONE OXYGEN IS GIVEN IN HETATM QTR.'                                
2 'LYS L   129  - ALA L   130     OMEGA ANGLE =     0.904 PEPTIDE BOND DEVIATES SIGNIFICANTLY FROM TRANS CONFORMATION' 
# 
loop_
_atom_type.symbol 
C 
N 
O 
S 
# 
loop_
_atom_site.group_PDB 
_atom_site.id 
_atom_site.type_symbol 
_atom_site.label_atom_id 
_atom_site.label_alt_id 
_atom_site.label_comp_id 
_atom_site.label_asym_id 
_atom_site.label_entity_id 
_atom_site.label_seq_id 
_atom_site.pdbx_PDB_ins_code 
_atom_site.Cartn_x 
_atom_site.Cartn_y 
_atom_site.Cartn_z 
_atom_site.occupancy 
_atom_site.B_iso_or_equiv 
_atom_site.pdbx_formal_charge 
_atom_site.auth_seq_id 
_atom_site.auth_comp_id 
_atom_site.auth_asym_id 
_atom_site.auth_atom_id 
_atom_site.pdbx_PDB_model_num 
ATOM   1    N N   . VAL A 1 1   ? -22.956 -2.706  6.668   1.00 61.65 ? 7   VAL L N   1 
ATOM   2    C CA  . VAL A 1 1   ? -23.920 -3.261  5.698   1.00 63.39 ? 7   VAL L CA  1 
ATOM   3    C C   . VAL A 1 1   ? -23.797 -2.668  4.270   1.00 59.31 ? 7   VAL L C   1 
ATOM   4    O O   . VAL A 1 1   ? -24.138 -1.501  3.960   1.00 62.50 ? 7   VAL L O   1 
ATOM   5    C CB  . VAL A 1 1   ? -25.352 -3.623  6.225   1.00 66.58 ? 7   VAL L CB  1 
ATOM   6    C CG1 . VAL A 1 1   ? -25.341 -3.870  7.744   1.00 58.53 ? 7   VAL L CG1 1 
ATOM   7    C CG2 . VAL A 1 1   ? -26.467 -2.625  5.799   1.00 60.12 ? 7   VAL L CG2 1 
ATOM   8    N N   . ASP A 1 2   ? -23.304 -3.514  3.387   1.00 50.24 ? 8   ASP L N   1 
ATOM   9    C CA  . ASP A 1 2   ? -23.038 -3.027  2.067   1.00 41.73 ? 8   ASP L CA  1 
ATOM   10   C C   . ASP A 1 2   ? -22.022 -1.942  2.236   1.00 36.50 ? 8   ASP L C   1 
ATOM   11   O O   . ASP A 1 2   ? -22.310 -0.759  2.511   1.00 37.65 ? 8   ASP L O   1 
ATOM   12   C CB  . ASP A 1 2   ? -24.173 -2.503  1.223   1.00 38.45 ? 8   ASP L CB  1 
ATOM   13   C CG  . ASP A 1 2   ? -23.694 -2.631  -0.185  1.00 34.56 ? 8   ASP L CG  1 
ATOM   14   O OD1 . ASP A 1 2   ? -22.462 -3.095  -0.287  1.00 52.95 ? 8   ASP L OD1 1 
ATOM   15   O OD2 . ASP A 1 2   ? -24.399 -2.359  -1.139  1.00 56.00 ? 8   ASP L OD2 1 
ATOM   16   N N   . PRO A 1 3   ? -20.820 -2.423  2.126   1.00 31.58 ? 9   PRO L N   1 
ATOM   17   C CA  . PRO A 1 3   ? -19.672 -1.592  2.278   1.00 30.14 ? 9   PRO L CA  1 
ATOM   18   C C   . PRO A 1 3   ? -19.523 -0.686  1.058   1.00 30.77 ? 9   PRO L C   1 
ATOM   19   O O   . PRO A 1 3   ? -18.783 0.293   1.050   1.00 33.64 ? 9   PRO L O   1 
ATOM   20   C CB  . PRO A 1 3   ? -18.512 -2.575  2.452   1.00 25.19 ? 9   PRO L CB  1 
ATOM   21   C CG  . PRO A 1 3   ? -19.023 -3.972  2.202   1.00 23.45 ? 9   PRO L CG  1 
ATOM   22   C CD  . PRO A 1 3   ? -20.523 -3.875  2.014   1.00 26.85 ? 9   PRO L CD  1 
ATOM   23   N N   . ARG A 1 4   ? -20.270 -1.027  0.024   1.00 28.01 ? 10  ARG L N   1 
ATOM   24   C CA  . ARG A 1 4   ? -20.203 -0.255  -1.175  1.00 19.73 ? 10  ARG L CA  1 
ATOM   25   C C   . ARG A 1 4   ? -21.395 0.675   -1.403  1.00 23.44 ? 10  ARG L C   1 
ATOM   26   O O   . ARG A 1 4   ? -21.570 1.219   -2.494  1.00 23.23 ? 10  ARG L O   1 
ATOM   27   C CB  . ARG A 1 4   ? -20.007 -1.191  -2.308  1.00 10.84 ? 10  ARG L CB  1 
ATOM   28   C CG  . ARG A 1 4   ? -18.627 -1.792  -2.268  1.00 26.52 ? 10  ARG L CG  1 
ATOM   29   C CD  . ARG A 1 4   ? -18.498 -3.050  -3.151  1.00 21.79 ? 10  ARG L CD  1 
ATOM   30   N NE  . ARG A 1 4   ? -19.290 -4.150  -2.579  1.00 27.80 ? 10  ARG L NE  1 
ATOM   31   C CZ  . ARG A 1 4   ? -18.823 -5.116  -1.784  1.00 29.05 ? 10  ARG L CZ  1 
ATOM   32   N NH1 . ARG A 1 4   ? -17.539 -5.195  -1.432  1.00 31.72 ? 10  ARG L NH1 1 
ATOM   33   N NH2 . ARG A 1 4   ? -19.660 -6.029  -1.325  1.00 22.81 ? 10  ARG L NH2 1 
ATOM   34   N N   . ALA A 1 5   ? -22.206 0.907   -0.369  1.00 27.57 ? 11  ALA L N   1 
ATOM   35   C CA  . ALA A 1 5   ? -23.371 1.765   -0.481  1.00 26.99 ? 11  ALA L CA  1 
ATOM   36   C C   . ALA A 1 5   ? -23.112 3.213   -0.178  1.00 33.98 ? 11  ALA L C   1 
ATOM   37   O O   . ALA A 1 5   ? -22.229 3.499   0.619   1.00 40.51 ? 11  ALA L O   1 
ATOM   38   C CB  . ALA A 1 5   ? -24.437 1.292   0.484   1.00 23.76 ? 11  ALA L CB  1 
ATOM   39   N N   . LYS A 1 6   ? -23.900 4.140   -0.779  1.00 32.90 ? 12  LYS L N   1 
ATOM   40   C CA  . LYS A 1 6   ? -23.715 5.530   -0.455  1.00 28.01 ? 12  LYS L CA  1 
ATOM   41   C C   . LYS A 1 6   ? -23.821 5.738   1.041   1.00 27.60 ? 12  LYS L C   1 
ATOM   42   O O   . LYS A 1 6   ? -24.638 5.122   1.704   1.00 30.67 ? 12  LYS L O   1 
ATOM   43   C CB  . LYS A 1 6   ? -24.505 6.625   -1.201  1.00 28.76 ? 12  LYS L CB  1 
ATOM   44   C CG  . LYS A 1 6   ? -23.836 8.033   -0.990  1.00 69.37 ? 12  LYS L CG  1 
ATOM   45   C CD  . LYS A 1 6   ? -22.592 8.402   -1.887  1.00 65.57 ? 12  LYS L CD  1 
ATOM   46   C CE  . LYS A 1 6   ? -21.148 8.355   -1.313  1.00 50.56 ? 12  LYS L CE  1 
ATOM   47   N NZ  . LYS A 1 6   ? -20.744 7.186   -0.471  1.00 36.06 ? 12  LYS L NZ  1 
ATOM   48   N N   . TRP A 1 7   ? -22.916 6.592   1.484   1.00 24.47 ? 13  TRP L N   1 
ATOM   49   C CA  . TRP A 1 7   ? -22.739 7.103   2.781   1.00 23.18 ? 13  TRP L CA  1 
ATOM   50   C C   . TRP A 1 7   ? -24.053 7.775   3.112   1.00 29.44 ? 13  TRP L C   1 
ATOM   51   O O   . TRP A 1 7   ? -24.685 8.413   2.288   1.00 35.44 ? 13  TRP L O   1 
ATOM   52   C CB  . TRP A 1 7   ? -21.684 8.175   2.639   1.00 19.07 ? 13  TRP L CB  1 
ATOM   53   C CG  . TRP A 1 7   ? -21.601 9.079   3.812   1.00 22.89 ? 13  TRP L CG  1 
ATOM   54   C CD1 . TRP A 1 7   ? -21.906 10.399  3.864   1.00 22.69 ? 13  TRP L CD1 1 
ATOM   55   C CD2 . TRP A 1 7   ? -21.078 8.722   5.092   1.00 24.15 ? 13  TRP L CD2 1 
ATOM   56   N NE1 . TRP A 1 7   ? -21.594 10.904  5.104   1.00 24.43 ? 13  TRP L NE1 1 
ATOM   57   C CE2 . TRP A 1 7   ? -21.087 9.889   5.885   1.00 23.55 ? 13  TRP L CE2 1 
ATOM   58   C CE3 . TRP A 1 7   ? -20.590 7.525   5.605   1.00 20.92 ? 13  TRP L CE3 1 
ATOM   59   C CZ2 . TRP A 1 7   ? -20.633 9.897   7.188   1.00 19.71 ? 13  TRP L CZ2 1 
ATOM   60   C CZ3 . TRP A 1 7   ? -20.148 7.547   6.878   1.00 17.65 ? 13  TRP L CZ3 1 
ATOM   61   C CH2 . TRP A 1 7   ? -20.205 8.708   7.664   1.00 16.78 ? 13  TRP L CH2 1 
ATOM   62   N N   . GLN A 1 8   ? -24.406 7.650   4.362   1.00 30.31 ? 14  GLN L N   1 
ATOM   63   C CA  . GLN A 1 8   ? -25.625 8.044   5.016   1.00 28.83 ? 14  GLN L CA  1 
ATOM   64   C C   . GLN A 1 8   ? -25.360 8.428   6.457   1.00 24.67 ? 14  GLN L C   1 
ATOM   65   O O   . GLN A 1 8   ? -25.434 7.656   7.430   1.00 25.41 ? 14  GLN L O   1 
ATOM   66   C CB  . GLN A 1 8   ? -26.465 6.758   5.095   1.00 29.49 ? 14  GLN L CB  1 
ATOM   67   C CG  . GLN A 1 8   ? -25.710 5.533   5.792   1.00 74.35 ? 14  GLN L CG  1 
ATOM   68   C CD  . GLN A 1 8   ? -24.142 5.410   5.820   1.00 75.34 ? 14  GLN L CD  1 
ATOM   69   O OE1 . GLN A 1 8   ? -23.480 5.670   6.857   1.00 74.29 ? 14  GLN L OE1 1 
ATOM   70   N NE2 . GLN A 1 8   ? -23.508 5.018   4.681   1.00 74.49 ? 14  GLN L NE2 1 
ATOM   71   N N   . PRO A 1 9   ? -25.089 9.669   6.615   1.00 19.63 ? 15  PRO L N   1 
ATOM   72   C CA  . PRO A 1 9   ? -24.801 10.124  7.936   1.00 22.19 ? 15  PRO L CA  1 
ATOM   73   C C   . PRO A 1 9   ? -25.970 10.145  8.872   1.00 23.90 ? 15  PRO L C   1 
ATOM   74   O O   . PRO A 1 9   ? -27.082 10.356  8.462   1.00 27.74 ? 15  PRO L O   1 
ATOM   75   C CB  . PRO A 1 9   ? -24.343 11.576  7.736   1.00 21.72 ? 15  PRO L CB  1 
ATOM   76   C CG  . PRO A 1 9   ? -25.060 12.012  6.478   1.00 16.83 ? 15  PRO L CG  1 
ATOM   77   C CD  . PRO A 1 9   ? -25.290 10.761  5.648   1.00 15.13 ? 15  PRO L CD  1 
ATOM   78   N N   . GLN A 1 10  ? -25.645 10.038  10.150  1.00 24.44 ? 16  GLN L N   1 
ATOM   79   C CA  . GLN A 1 10  ? -26.549 10.140  11.268  1.00 20.37 ? 16  GLN L CA  1 
ATOM   80   C C   . GLN A 1 10  ? -25.995 11.204  12.191  1.00 21.13 ? 16  GLN L C   1 
ATOM   81   O O   . GLN A 1 10  ? -24.896 11.695  12.074  1.00 21.41 ? 16  GLN L O   1 
ATOM   82   C CB  . GLN A 1 10  ? -26.900 8.801   12.003  1.00 16.56 ? 16  GLN L CB  1 
ATOM   83   C CG  . GLN A 1 10  ? -25.680 7.942   12.326  1.00 19.72 ? 16  GLN L CG  1 
ATOM   84   C CD  . GLN A 1 10  ? -24.993 8.300   13.629  1.00 26.02 ? 16  GLN L CD  1 
ATOM   85   O OE1 . GLN A 1 10  ? -25.335 9.279   14.307  1.00 16.97 ? 16  GLN L OE1 1 
ATOM   86   N NE2 . GLN A 1 10  ? -23.990 7.514   13.967  1.00 12.92 ? 16  GLN L NE2 1 
ATOM   87   N N   . ASP A 1 11  ? -26.763 11.595  13.138  1.00 23.44 ? 17  ASP L N   1 
ATOM   88   C CA  . ASP A 1 11  ? -26.285 12.589  14.044  1.00 21.71 ? 17  ASP L CA  1 
ATOM   89   C C   . ASP A 1 11  ? -26.734 12.202  15.430  1.00 30.06 ? 17  ASP L C   1 
ATOM   90   O O   . ASP A 1 11  ? -27.198 13.049  16.218  1.00 30.50 ? 17  ASP L O   1 
ATOM   91   C CB  . ASP A 1 11  ? -26.776 13.997  13.707  1.00 19.44 ? 17  ASP L CB  1 
ATOM   92   C CG  . ASP A 1 11  ? -26.326 15.086  14.624  1.00 23.53 ? 17  ASP L CG  1 
ATOM   93   O OD1 . ASP A 1 11  ? -25.306 15.045  15.306  1.00 36.19 ? 17  ASP L OD1 1 
ATOM   94   O OD2 . ASP A 1 11  ? -27.181 16.090  14.635  1.00 39.12 ? 17  ASP L OD2 1 
ATOM   95   N N   . ASN A 1 12  ? -26.555 10.900  15.764  1.00 35.52 ? 18  ASN L N   1 
ATOM   96   C CA  . ASN A 1 12  ? -26.944 10.484  17.110  1.00 38.94 ? 18  ASN L CA  1 
ATOM   97   C C   . ASN A 1 12  ? -25.982 9.641   17.887  1.00 32.79 ? 18  ASN L C   1 
ATOM   98   O O   . ASN A 1 12  ? -26.280 9.296   18.997  1.00 32.64 ? 18  ASN L O   1 
ATOM   99   C CB  . ASN A 1 12  ? -28.333 9.849   17.205  1.00 43.21 ? 18  ASN L CB  1 
ATOM   100  C CG  . ASN A 1 12  ? -28.537 8.797   16.165  1.00 44.53 ? 18  ASN L CG  1 
ATOM   101  O OD1 . ASN A 1 12  ? -27.823 7.781   16.197  1.00 41.19 ? 18  ASN L OD1 1 
ATOM   102  N ND2 . ASN A 1 12  ? -29.482 9.053   15.250  1.00 36.08 ? 18  ASN L ND2 1 
ATOM   103  N N   . ASP A 1 13  ? -24.861 9.315   17.325  1.00 28.41 ? 19  ASP L N   1 
ATOM   104  C CA  . ASP A 1 13  ? -23.945 8.479   18.047  1.00 20.51 ? 19  ASP L CA  1 
ATOM   105  C C   . ASP A 1 13  ? -22.608 8.702   17.437  1.00 16.83 ? 19  ASP L C   1 
ATOM   106  O O   . ASP A 1 13  ? -22.386 8.233   16.296  1.00 17.48 ? 19  ASP L O   1 
ATOM   107  C CB  . ASP A 1 13  ? -24.378 7.040   17.782  1.00 17.64 ? 19  ASP L CB  1 
ATOM   108  C CG  . ASP A 1 13  ? -23.640 5.978   18.557  1.00 17.97 ? 19  ASP L CG  1 
ATOM   109  O OD1 . ASP A 1 13  ? -22.600 6.401   19.190  1.00 28.94 ? 19  ASP L OD1 1 
ATOM   110  O OD2 . ASP A 1 13  ? -24.012 4.821   18.598  1.00 33.60 ? 19  ASP L OD2 1 
ATOM   111  N N   . ILE A 1 14  ? -21.811 9.448   18.205  1.00 17.50 ? 20  ILE L N   1 
ATOM   112  C CA  . ILE A 1 14  ? -20.482 9.825   17.793  1.00 21.50 ? 20  ILE L CA  1 
ATOM   113  C C   . ILE A 1 14  ? -19.503 8.665   17.805  1.00 24.14 ? 20  ILE L C   1 
ATOM   114  O O   . ILE A 1 14  ? -18.394 8.756   17.260  1.00 25.98 ? 20  ILE L O   1 
ATOM   115  C CB  . ILE A 1 14  ? -19.940 10.963  18.613  1.00 22.54 ? 20  ILE L CB  1 
ATOM   116  C CG1 . ILE A 1 14  ? -19.766 10.447  20.011  1.00 18.67 ? 20  ILE L CG1 1 
ATOM   117  C CG2 . ILE A 1 14  ? -20.933 12.110  18.638  1.00 20.37 ? 20  ILE L CG2 1 
ATOM   118  C CD1 . ILE A 1 14  ? -19.069 11.500  20.813  1.00 7.68  ? 20  ILE L CD1 1 
ATOM   119  N N   . GLN A 1 15  ? -19.876 7.538   18.400  1.00 23.04 ? 21  GLN L N   1 
ATOM   120  C CA  . GLN A 1 15  ? -18.933 6.423   18.386  1.00 20.58 ? 21  GLN L CA  1 
ATOM   121  C C   . GLN A 1 15  ? -19.197 5.442   17.267  1.00 19.89 ? 21  GLN L C   1 
ATOM   122  O O   . GLN A 1 15  ? -18.596 4.413   17.196  1.00 24.30 ? 21  GLN L O   1 
ATOM   123  C CB  . GLN A 1 15  ? -18.880 5.697   19.709  1.00 19.44 ? 21  GLN L CB  1 
ATOM   124  C CG  . GLN A 1 15  ? -18.417 6.653   20.787  1.00 20.48 ? 21  GLN L CG  1 
ATOM   125  C CD  . GLN A 1 15  ? -18.257 5.952   22.114  1.00 18.12 ? 21  GLN L CD  1 
ATOM   126  O OE1 . GLN A 1 15  ? -18.682 4.796   22.284  1.00 20.69 ? 21  GLN L OE1 1 
ATOM   127  N NE2 . GLN A 1 15  ? -17.688 6.686   23.060  1.00 22.61 ? 21  GLN L NE2 1 
ATOM   128  N N   . ALA A 1 16  ? -20.062 5.800   16.349  1.00 15.62 ? 22  ALA L N   1 
ATOM   129  C CA  . ALA A 1 16  ? -20.382 5.001   15.207  1.00 15.76 ? 22  ALA L CA  1 
ATOM   130  C C   . ALA A 1 16  ? -19.811 5.672   13.944  1.00 19.79 ? 22  ALA L C   1 
ATOM   131  O O   . ALA A 1 16  ? -19.773 6.899   13.849  1.00 25.42 ? 22  ALA L O   1 
ATOM   132  C CB  . ALA A 1 16  ? -21.910 4.939   15.136  1.00 18.38 ? 22  ALA L CB  1 
ATOM   133  N N   . CYS A 1 17  ? -19.396 4.849   12.985  1.00 14.98 ? 23  CYS L N   1 
ATOM   134  C CA  . CYS A 1 17  ? -18.787 5.255   11.738  1.00 19.87 ? 23  CYS L CA  1 
ATOM   135  C C   . CYS A 1 17  ? -19.656 6.034   10.743  1.00 22.76 ? 23  CYS L C   1 
ATOM   136  O O   . CYS A 1 17  ? -19.172 6.560   9.750   1.00 26.29 ? 23  CYS L O   1 
ATOM   137  C CB  . CYS A 1 17  ? -17.985 4.125   11.064  1.00 21.39 ? 23  CYS L CB  1 
ATOM   138  S SG  . CYS A 1 17  ? -16.739 3.261   12.100  1.00 24.82 ? 23  CYS L SG  1 
ATOM   139  N N   . ASP A 1 18  ? -20.935 6.145   11.027  1.00 19.42 ? 24  ASP L N   1 
ATOM   140  C CA  . ASP A 1 18  ? -21.847 6.852   10.163  1.00 17.55 ? 24  ASP L CA  1 
ATOM   141  C C   . ASP A 1 18  ? -22.301 8.160   10.754  1.00 17.26 ? 24  ASP L C   1 
ATOM   142  O O   . ASP A 1 18  ? -23.192 8.790   10.241  1.00 16.77 ? 24  ASP L O   1 
ATOM   143  C CB  . ASP A 1 18  ? -23.024 6.019   9.642   1.00 17.87 ? 24  ASP L CB  1 
ATOM   144  C CG  . ASP A 1 18  ? -23.839 5.454   10.766  1.00 20.37 ? 24  ASP L CG  1 
ATOM   145  O OD1 . ASP A 1 18  ? -23.658 5.713   11.954  1.00 27.62 ? 24  ASP L OD1 1 
ATOM   146  O OD2 . ASP A 1 18  ? -24.805 4.697   10.301  1.00 30.60 ? 24  ASP L OD2 1 
ATOM   147  N N   . TYR A 1 19  ? -21.630 8.554   11.824  1.00 20.46 ? 25  TYR L N   1 
ATOM   148  C CA  . TYR A 1 19  ? -21.835 9.809   12.456  1.00 20.26 ? 25  TYR L CA  1 
ATOM   149  C C   . TYR A 1 19  ? -21.382 10.838  11.440  1.00 25.62 ? 25  TYR L C   1 
ATOM   150  O O   . TYR A 1 19  ? -20.352 10.692  10.798  1.00 29.88 ? 25  TYR L O   1 
ATOM   151  C CB  . TYR A 1 19  ? -20.948 9.889   13.641  1.00 18.23 ? 25  TYR L CB  1 
ATOM   152  C CG  . TYR A 1 19  ? -21.113 11.239  14.224  1.00 17.45 ? 25  TYR L CG  1 
ATOM   153  C CD1 . TYR A 1 19  ? -22.344 11.665  14.701  1.00 17.77 ? 25  TYR L CD1 1 
ATOM   154  C CD2 . TYR A 1 19  ? -20.028 12.108  14.325  1.00 18.49 ? 25  TYR L CD2 1 
ATOM   155  C CE1 . TYR A 1 19  ? -22.495 12.912  15.317  1.00 16.85 ? 25  TYR L CE1 1 
ATOM   156  C CE2 . TYR A 1 19  ? -20.157 13.336  14.969  1.00 18.34 ? 25  TYR L CE2 1 
ATOM   157  C CZ  . TYR A 1 19  ? -21.396 13.758  15.450  1.00 18.39 ? 25  TYR L CZ  1 
ATOM   158  O OH  . TYR A 1 19  ? -21.520 15.006  16.061  1.00 22.81 ? 25  TYR L OH  1 
ATOM   159  N N   . TRP A 1 20  ? -22.190 11.845  11.215  1.00 25.83 ? 26  TRP L N   1 
ATOM   160  C CA  . TRP A 1 20  ? -21.994 12.842  10.195  1.00 20.17 ? 26  TRP L CA  1 
ATOM   161  C C   . TRP A 1 20  ? -20.606 13.477  9.989   1.00 22.79 ? 26  TRP L C   1 
ATOM   162  O O   . TRP A 1 20  ? -20.224 13.737  8.868   1.00 23.71 ? 26  TRP L O   1 
ATOM   163  C CB  . TRP A 1 20  ? -23.205 13.775  10.155  1.00 18.62 ? 26  TRP L CB  1 
ATOM   164  C CG  . TRP A 1 20  ? -23.113 14.852  11.164  1.00 14.83 ? 26  TRP L CG  1 
ATOM   165  C CD1 . TRP A 1 20  ? -23.557 14.866  12.451  1.00 20.20 ? 26  TRP L CD1 1 
ATOM   166  C CD2 . TRP A 1 20  ? -22.445 16.079  10.979  1.00 16.53 ? 26  TRP L CD2 1 
ATOM   167  N NE1 . TRP A 1 20  ? -23.203 16.042  13.106  1.00 17.19 ? 26  TRP L NE1 1 
ATOM   168  C CE2 . TRP A 1 20  ? -22.534 16.809  12.190  1.00 18.09 ? 26  TRP L CE2 1 
ATOM   169  C CE3 . TRP A 1 20  ? -21.752 16.608  9.907   1.00 14.97 ? 26  TRP L CE3 1 
ATOM   170  C CZ2 . TRP A 1 20  ? -21.963 18.069  12.303  1.00 18.99 ? 26  TRP L CZ2 1 
ATOM   171  C CZ3 . TRP A 1 20  ? -21.215 17.853  10.027  1.00 11.63 ? 26  TRP L CZ3 1 
ATOM   172  C CH2 . TRP A 1 20  ? -21.326 18.573  11.198  1.00 13.76 ? 26  TRP L CH2 1 
ATOM   173  N N   . ARG A 1 21  ? -19.843 13.726  11.069  1.00 21.24 ? 27  ARG L N   1 
ATOM   174  C CA  . ARG A 1 21  ? -18.511 14.334  11.094  1.00 14.03 ? 27  ARG L CA  1 
ATOM   175  C C   . ARG A 1 21  ? -17.352 13.464  10.695  1.00 18.58 ? 27  ARG L C   1 
ATOM   176  O O   . ARG A 1 21  ? -16.309 13.931  10.278  1.00 26.17 ? 27  ARG L O   1 
ATOM   177  C CB  . ARG A 1 21  ? -18.239 14.878  12.447  1.00 12.32 ? 27  ARG L CB  1 
ATOM   178  C CG  . ARG A 1 21  ? -19.136 16.023  12.845  1.00 4.47  ? 27  ARG L CG  1 
ATOM   179  C CD  . ARG A 1 21  ? -18.493 16.729  14.022  1.00 17.75 ? 27  ARG L CD  1 
ATOM   180  N NE  . ARG A 1 21  ? -19.482 17.518  14.722  1.00 19.48 ? 27  ARG L NE  1 
ATOM   181  C CZ  . ARG A 1 21  ? -19.125 18.394  15.658  1.00 20.92 ? 27  ARG L CZ  1 
ATOM   182  N NH1 . ARG A 1 21  ? -17.860 18.578  16.022  1.00 23.66 ? 27  ARG L NH1 1 
ATOM   183  N NH2 . ARG A 1 21  ? -20.067 19.118  16.254  1.00 17.51 ? 27  ARG L NH2 1 
ATOM   184  N N   . HIS A 1 22  ? -17.583 12.181  10.765  1.00 19.74 ? 28  HIS L N   1 
ATOM   185  C CA  . HIS A 1 22  ? -16.649 11.148  10.411  1.00 16.39 ? 28  HIS L CA  1 
ATOM   186  C C   . HIS A 1 22  ? -16.652 10.813  8.939   1.00 21.82 ? 28  HIS L C   1 
ATOM   187  O O   . HIS A 1 22  ? -16.010 9.832   8.583   1.00 27.13 ? 28  HIS L O   1 
ATOM   188  C CB  . HIS A 1 22  ? -17.005 9.863   11.176  1.00 11.43 ? 28  HIS L CB  1 
ATOM   189  C CG  . HIS A 1 22  ? -16.959 10.035  12.664  1.00 15.40 ? 28  HIS L CG  1 
ATOM   190  N ND1 . HIS A 1 22  ? -16.224 11.052  13.234  1.00 17.14 ? 28  HIS L ND1 1 
ATOM   191  C CD2 . HIS A 1 22  ? -17.578 9.343   13.659  1.00 16.21 ? 28  HIS L CD2 1 
ATOM   192  C CE1 . HIS A 1 22  ? -16.378 10.969  14.542  1.00 17.68 ? 28  HIS L CE1 1 
ATOM   193  N NE2 . HIS A 1 22  ? -17.194 9.967   14.818  1.00 17.30 ? 28  HIS L NE2 1 
ATOM   194  N N   . CYS A 1 23  ? -17.347 11.591  8.100   1.00 22.16 ? 29  CYS L N   1 
ATOM   195  C CA  . CYS A 1 23  ? -17.482 11.350  6.634   1.00 20.28 ? 29  CYS L CA  1 
ATOM   196  C C   . CYS A 1 23  ? -16.184 11.072  5.885   1.00 21.01 ? 29  CYS L C   1 
ATOM   197  O O   . CYS A 1 23  ? -16.229 10.449  4.823   1.00 21.43 ? 29  CYS L O   1 
ATOM   198  C CB  . CYS A 1 23  ? -18.325 12.445  5.930   1.00 18.04 ? 29  CYS L CB  1 
ATOM   199  S SG  . CYS A 1 23  ? -17.417 13.926  5.403   1.00 18.78 ? 29  CYS L SG  1 
ATOM   200  N N   . SER A 1 24  ? -15.045 11.530  6.460   1.00 18.12 ? 30  SER L N   1 
ATOM   201  C CA  . SER A 1 24  ? -13.714 11.328  5.890   1.00 18.24 ? 30  SER L CA  1 
ATOM   202  C C   . SER A 1 24  ? -12.654 10.872  6.896   1.00 19.26 ? 30  SER L C   1 
ATOM   203  O O   . SER A 1 24  ? -11.478 11.109  6.719   1.00 20.77 ? 30  SER L O   1 
ATOM   204  C CB  . SER A 1 24  ? -13.190 12.452  4.977   1.00 19.75 ? 30  SER L CB  1 
ATOM   205  O OG  . SER A 1 24  ? -12.394 11.908  3.927   1.00 16.20 ? 30  SER L OG  1 
ATOM   206  N N   . ILE A 1 25  ? -13.086 10.205  7.945   1.00 18.36 ? 31  ILE L N   1 
ATOM   207  C CA  . ILE A 1 25  ? -12.226 9.673   8.962   1.00 14.71 ? 31  ILE L CA  1 
ATOM   208  C C   . ILE A 1 25  ? -11.501 8.407   8.486   1.00 18.45 ? 31  ILE L C   1 
ATOM   209  O O   . ILE A 1 25  ? -12.023 7.578   7.779   1.00 14.97 ? 31  ILE L O   1 
ATOM   210  C CB  . ILE A 1 25  ? -12.979 9.446   10.305  1.00 13.93 ? 31  ILE L CB  1 
ATOM   211  C CG1 . ILE A 1 25  ? -12.032 9.583   11.484  1.00 16.44 ? 31  ILE L CG1 1 
ATOM   212  C CG2 . ILE A 1 25  ? -13.678 8.100   10.356  1.00 11.18 ? 31  ILE L CG2 1 
ATOM   213  C CD1 . ILE A 1 25  ? -12.656 9.545   12.880  1.00 12.19 ? 31  ILE L CD1 1 
ATOM   214  N N   . ASP A 1 26  ? -10.257 8.260   8.929   1.00 20.22 ? 32  ASP L N   1 
ATOM   215  C CA  . ASP A 1 26  ? -9.498  7.096   8.657   1.00 13.78 ? 32  ASP L CA  1 
ATOM   216  C C   . ASP A 1 26  ? -8.759  6.776   9.960   1.00 20.72 ? 32  ASP L C   1 
ATOM   217  O O   . ASP A 1 26  ? -7.975  7.562   10.476  1.00 26.92 ? 32  ASP L O   1 
ATOM   218  C CB  . ASP A 1 26  ? -8.575  7.287   7.481   1.00 10.20 ? 32  ASP L CB  1 
ATOM   219  C CG  . ASP A 1 26  ? -7.780  6.038   7.256   1.00 23.62 ? 32  ASP L CG  1 
ATOM   220  O OD1 . ASP A 1 26  ? -8.062  4.963   7.752   1.00 20.01 ? 32  ASP L OD1 1 
ATOM   221  O OD2 . ASP A 1 26  ? -6.722  6.220   6.519   1.00 22.49 ? 32  ASP L OD2 1 
ATOM   222  N N   . GLY A 1 27  ? -9.023  5.629   10.554  1.00 19.49 ? 33  GLY L N   1 
ATOM   223  C CA  . GLY A 1 27  ? -8.399  5.291   11.813  1.00 10.68 ? 33  GLY L CA  1 
ATOM   224  C C   . GLY A 1 27  ? -9.431  4.868   12.872  1.00 14.62 ? 33  GLY L C   1 
ATOM   225  O O   . GLY A 1 27  ? -10.222 3.975   12.627  1.00 17.92 ? 33  GLY L O   1 
ATOM   226  N N   . ASN A 1 28  ? -9.407  5.540   14.056  1.00 12.67 ? 34  ASN L N   1 
ATOM   227  C CA  . ASN A 1 28  ? -10.172 5.245   15.245  1.00 10.67 ? 34  ASN L CA  1 
ATOM   228  C C   . ASN A 1 28  ? -10.754 6.478   15.823  1.00 14.98 ? 34  ASN L C   1 
ATOM   229  O O   . ASN A 1 28  ? -10.109 7.458   15.766  1.00 19.56 ? 34  ASN L O   1 
ATOM   230  C CB  . ASN A 1 28  ? -9.201  4.613   16.309  1.00 6.38  ? 34  ASN L CB  1 
ATOM   231  C CG  . ASN A 1 28  ? -8.664  3.271   15.804  1.00 14.44 ? 34  ASN L CG  1 
ATOM   232  O OD1 . ASN A 1 28  ? -9.186  2.208   16.155  1.00 22.21 ? 34  ASN L OD1 1 
ATOM   233  N ND2 . ASN A 1 28  ? -7.677  3.275   14.915  1.00 20.97 ? 34  ASN L ND2 1 
ATOM   234  N N   . ILE A 1 29  ? -11.938 6.432   16.400  1.00 15.52 ? 35  ILE L N   1 
ATOM   235  C CA  . ILE A 1 29  ? -12.569 7.590   17.025  1.00 16.28 ? 35  ILE L CA  1 
ATOM   236  C C   . ILE A 1 29  ? -11.942 7.838   18.391  1.00 17.60 ? 35  ILE L C   1 
ATOM   237  O O   . ILE A 1 29  ? -11.834 6.906   19.190  1.00 19.05 ? 35  ILE L O   1 
ATOM   238  C CB  . ILE A 1 29  ? -14.107 7.385   17.048  1.00 17.57 ? 35  ILE L CB  1 
ATOM   239  C CG1 . ILE A 1 29  ? -14.593 7.192   15.602  1.00 9.42  ? 35  ILE L CG1 1 
ATOM   240  C CG2 . ILE A 1 29  ? -14.869 8.574   17.645  1.00 14.49 ? 35  ILE L CG2 1 
ATOM   241  C CD1 . ILE A 1 29  ? -15.946 6.479   15.536  1.00 9.66  ? 35  ILE L CD1 1 
ATOM   242  N N   . CYS A 1 30  ? -11.523 9.070   18.687  1.00 17.95 ? 36  CYS L N   1 
ATOM   243  C CA  . CYS A 1 30  ? -10.875 9.391   19.960  1.00 15.89 ? 36  CYS L CA  1 
ATOM   244  C C   . CYS A 1 30  ? -11.812 9.275   21.134  1.00 17.98 ? 36  CYS L C   1 
ATOM   245  O O   . CYS A 1 30  ? -11.402 9.021   22.276  1.00 20.30 ? 36  CYS L O   1 
ATOM   246  C CB  . CYS A 1 30  ? -10.161 10.758  19.995  1.00 15.90 ? 36  CYS L CB  1 
ATOM   247  S SG  . CYS A 1 30  ? -8.772  10.801  18.865  1.00 22.40 ? 36  CYS L SG  1 
ATOM   248  N N   . ASP A 1 31  ? -13.088 9.481   20.853  1.00 18.36 ? 37  ASP L N   1 
ATOM   249  C CA  . ASP A 1 31  ? -14.064 9.361   21.900  1.00 18.06 ? 37  ASP L CA  1 
ATOM   250  C C   . ASP A 1 31  ? -13.997 7.956   22.528  1.00 20.51 ? 37  ASP L C   1 
ATOM   251  O O   . ASP A 1 31  ? -14.484 7.786   23.625  1.00 23.19 ? 37  ASP L O   1 
ATOM   252  C CB  . ASP A 1 31  ? -15.515 9.640   21.416  1.00 14.28 ? 37  ASP L CB  1 
ATOM   253  C CG  . ASP A 1 31  ? -16.440 9.880   22.608  1.00 32.44 ? 37  ASP L CG  1 
ATOM   254  O OD1 . ASP A 1 31  ? -16.111 10.620  23.496  1.00 19.74 ? 37  ASP L OD1 1 
ATOM   255  O OD2 . ASP A 1 31  ? -17.602 9.228   22.628  1.00 19.88 ? 37  ASP L OD2 1 
ATOM   256  N N   . CYS A 1 32  ? -13.461 6.919   21.847  1.00 18.03 ? 38  CYS L N   1 
ATOM   257  C CA  . CYS A 1 32  ? -13.429 5.562   22.398  1.00 18.83 ? 38  CYS L CA  1 
ATOM   258  C C   . CYS A 1 32  ? -12.210 5.173   23.199  1.00 19.02 ? 38  CYS L C   1 
ATOM   259  O O   . CYS A 1 32  ? -12.081 4.037   23.577  1.00 22.44 ? 38  CYS L O   1 
ATOM   260  C CB  . CYS A 1 32  ? -13.623 4.483   21.343  1.00 16.60 ? 38  CYS L CB  1 
ATOM   261  S SG  . CYS A 1 32  ? -15.044 4.876   20.357  1.00 19.00 ? 38  CYS L SG  1 
ATOM   262  N N   . SER A 1 33  ? -11.311 6.081   23.457  1.00 16.37 ? 39  SER L N   1 
ATOM   263  C CA  . SER A 1 33  ? -10.127 5.731   24.197  1.00 16.14 ? 39  SER L CA  1 
ATOM   264  C C   . SER A 1 33  ? -9.728  6.812   25.186  1.00 17.70 ? 39  SER L C   1 
ATOM   265  O O   . SER A 1 33  ? -8.545  6.977   25.463  1.00 17.99 ? 39  SER L O   1 
ATOM   266  C CB  . SER A 1 33  ? -8.953  5.328   23.300  1.00 17.90 ? 39  SER L CB  1 
ATOM   267  O OG  . SER A 1 33  ? -8.638  6.326   22.332  1.00 17.35 ? 39  SER L OG  1 
ATOM   268  N N   . GLY A 1 34  ? -10.705 7.554   25.710  1.00 16.14 ? 40  GLY L N   1 
ATOM   269  C CA  . GLY A 1 34  ? -10.344 8.564   26.680  1.00 14.41 ? 40  GLY L CA  1 
ATOM   270  C C   . GLY A 1 34  ? -10.354 9.993   26.180  1.00 18.64 ? 40  GLY L C   1 
ATOM   271  O O   . GLY A 1 34  ? -10.115 10.932  26.959  1.00 22.80 ? 40  GLY L O   1 
ATOM   272  N N   . GLY A 1 35  ? -10.639 10.190  24.893  1.00 19.28 ? 41  GLY L N   1 
ATOM   273  C CA  . GLY A 1 35  ? -10.666 11.551  24.350  1.00 16.45 ? 41  GLY L CA  1 
ATOM   274  C C   . GLY A 1 35  ? -12.082 12.054  24.223  1.00 18.28 ? 41  GLY L C   1 
ATOM   275  O O   . GLY A 1 35  ? -12.968 11.702  24.978  1.00 24.64 ? 41  GLY L O   1 
ATOM   276  N N   . SER A 1 36  ? -12.337 12.869  23.235  1.00 18.91 ? 42  SER L N   1 
ATOM   277  C CA  . SER A 1 36  ? -13.680 13.329  23.026  1.00 14.49 ? 42  SER L CA  1 
ATOM   278  C C   . SER A 1 36  ? -13.886 13.491  21.536  1.00 16.64 ? 42  SER L C   1 
ATOM   279  O O   . SER A 1 36  ? -13.023 13.070  20.746  1.00 19.84 ? 42  SER L O   1 
ATOM   280  C CB  . SER A 1 36  ? -14.056 14.535  23.869  1.00 11.47 ? 42  SER L CB  1 
ATOM   281  O OG  . SER A 1 36  ? -13.328 15.683  23.485  1.00 44.17 ? 42  SER L OG  1 
ATOM   282  N N   . LEU A 1 37  ? -15.009 14.040  21.117  1.00 16.85 ? 43  LEU L N   1 
ATOM   283  C CA  . LEU A 1 37  ? -15.209 14.167  19.664  1.00 18.22 ? 43  LEU L CA  1 
ATOM   284  C C   . LEU A 1 37  ? -14.205 15.134  19.085  1.00 21.25 ? 43  LEU L C   1 
ATOM   285  O O   . LEU A 1 37  ? -13.835 14.984  17.926  1.00 24.83 ? 43  LEU L O   1 
ATOM   286  C CB  . LEU A 1 37  ? -16.682 14.543  19.279  1.00 15.47 ? 43  LEU L CB  1 
ATOM   287  C CG  . LEU A 1 37  ? -17.022 14.749  17.803  1.00 11.70 ? 43  LEU L CG  1 
ATOM   288  C CD1 . LEU A 1 37  ? -17.286 13.452  17.051  1.00 14.84 ? 43  LEU L CD1 1 
ATOM   289  C CD2 . LEU A 1 37  ? -18.316 15.535  17.754  1.00 17.60 ? 43  LEU L CD2 1 
ATOM   290  N N   . THR A 1 38  ? -13.722 16.084  19.921  1.00 20.30 ? 44  THR L N   1 
ATOM   291  C CA  . THR A 1 38  ? -12.778 17.137  19.473  1.00 21.50 ? 44  THR L CA  1 
ATOM   292  C C   . THR A 1 38  ? -11.497 17.324  20.324  1.00 21.95 ? 44  THR L C   1 
ATOM   293  O O   . THR A 1 38  ? -10.667 18.197  20.019  1.00 26.24 ? 44  THR L O   1 
ATOM   294  C CB  . THR A 1 38  ? -13.523 18.500  19.262  1.00 19.76 ? 44  THR L CB  1 
ATOM   295  O OG1 . THR A 1 38  ? -13.937 19.029  20.504  1.00 29.06 ? 44  THR L OG1 1 
ATOM   296  C CG2 . THR A 1 38  ? -14.794 18.349  18.445  1.00 22.92 ? 44  THR L CG2 1 
ATOM   297  N N   . ASN A 1 39  ? -11.315 16.512  21.389  1.00 19.13 ? 45  ASN L N   1 
ATOM   298  C CA  . ASN A 1 39  ? -10.168 16.619  22.266  1.00 17.08 ? 45  ASN L CA  1 
ATOM   299  C C   . ASN A 1 39  ? -9.392  15.366  22.278  1.00 21.19 ? 45  ASN L C   1 
ATOM   300  O O   . ASN A 1 39  ? -9.977  14.332  22.015  1.00 23.38 ? 45  ASN L O   1 
ATOM   301  C CB  . ASN A 1 39  ? -10.683 16.788  23.660  1.00 12.41 ? 45  ASN L CB  1 
ATOM   302  C CG  . ASN A 1 39  ? -11.319 18.151  23.826  1.00 22.87 ? 45  ASN L CG  1 
ATOM   303  O OD1 . ASN A 1 39  ? -10.834 19.152  23.267  1.00 27.84 ? 45  ASN L OD1 1 
ATOM   304  N ND2 . ASN A 1 39  ? -12.470 18.165  24.501  1.00 24.99 ? 45  ASN L ND2 1 
ATOM   305  N N   . CYS A 1 40  ? -8.106  15.446  22.594  1.00 21.91 ? 46  CYS L N   1 
ATOM   306  C CA  . CYS A 1 40  ? -7.283  14.224  22.621  1.00 17.77 ? 46  CYS L CA  1 
ATOM   307  C C   . CYS A 1 40  ? -7.349  13.569  23.983  1.00 17.51 ? 46  CYS L C   1 
ATOM   308  O O   . CYS A 1 40  ? -7.625  14.271  24.938  1.00 20.89 ? 46  CYS L O   1 
ATOM   309  C CB  . CYS A 1 40  ? -5.806  14.514  22.305  1.00 19.22 ? 46  CYS L CB  1 
ATOM   310  S SG  . CYS A 1 40  ? -5.516  14.942  20.584  1.00 22.76 ? 46  CYS L SG  1 
ATOM   311  N N   . PRO A 1 41  ? -7.095  12.247  24.058  1.00 18.50 ? 47  PRO L N   1 
ATOM   312  C CA  . PRO A 1 41  ? -7.071  11.529  25.296  1.00 16.88 ? 47  PRO L CA  1 
ATOM   313  C C   . PRO A 1 41  ? -5.837  11.955  26.058  1.00 20.81 ? 47  PRO L C   1 
ATOM   314  O O   . PRO A 1 41  ? -4.843  12.427  25.479  1.00 24.37 ? 47  PRO L O   1 
ATOM   315  C CB  . PRO A 1 41  ? -6.763  10.069  24.888  1.00 11.74 ? 47  PRO L CB  1 
ATOM   316  C CG  . PRO A 1 41  ? -7.066  9.898   23.440  1.00 10.03 ? 47  PRO L CG  1 
ATOM   317  C CD  . PRO A 1 41  ? -7.096  11.290  22.890  1.00 18.62 ? 47  PRO L CD  1 
ATOM   318  N N   . PRO A 1 42  ? -5.859  11.722  27.355  1.00 16.99 ? 48  PRO L N   1 
ATOM   319  C CA  . PRO A 1 42  ? -4.700  12.034  28.163  1.00 14.57 ? 48  PRO L CA  1 
ATOM   320  C C   . PRO A 1 42  ? -3.419  11.317  27.725  1.00 20.78 ? 48  PRO L C   1 
ATOM   321  O O   . PRO A 1 42  ? -3.426  10.134  27.382  1.00 26.44 ? 48  PRO L O   1 
ATOM   322  C CB  . PRO A 1 42  ? -5.046  11.665  29.621  1.00 11.07 ? 48  PRO L CB  1 
ATOM   323  C CG  . PRO A 1 42  ? -6.454  11.127  29.624  1.00 11.96 ? 48  PRO L CG  1 
ATOM   324  C CD  . PRO A 1 42  ? -7.036  11.342  28.203  1.00 15.23 ? 48  PRO L CD  1 
ATOM   325  N N   . GLY A 1 43  ? -2.285  12.026  27.757  1.00 18.84 ? 49  GLY L N   1 
ATOM   326  C CA  . GLY A 1 43  ? -1.038  11.396  27.378  1.00 17.51 ? 49  GLY L CA  1 
ATOM   327  C C   . GLY A 1 43  ? -0.605  11.536  25.909  1.00 22.67 ? 49  GLY L C   1 
ATOM   328  O O   . GLY A 1 43  ? 0.591   11.396  25.620  1.00 27.31 ? 49  GLY L O   1 
ATOM   329  N N   . THR A 1 44  ? -1.568  11.756  25.010  1.00 24.02 ? 50  THR L N   1 
ATOM   330  C CA  . THR A 1 44  ? -1.312  11.910  23.593  1.00 21.32 ? 50  THR L CA  1 
ATOM   331  C C   . THR A 1 44  ? -0.949  13.347  23.210  1.00 23.23 ? 50  THR L C   1 
ATOM   332  O O   . THR A 1 44  ? -1.021  14.272  24.001  1.00 24.84 ? 50  THR L O   1 
ATOM   333  C CB  . THR A 1 44  ? -2.503  11.486  22.749  1.00 19.52 ? 50  THR L CB  1 
ATOM   334  O OG1 . THR A 1 44  ? -3.602  12.243  23.165  1.00 13.94 ? 50  THR L OG1 1 
ATOM   335  C CG2 . THR A 1 44  ? -2.743  10.036  22.983  1.00 8.51  ? 50  THR L CG2 1 
ATOM   336  N N   . LYS A 1 45  ? -0.501  13.503  21.973  1.00 22.21 ? 51  LYS L N   1 
ATOM   337  C CA  . LYS A 1 45  ? -0.081  14.773  21.458  1.00 16.88 ? 51  LYS L CA  1 
ATOM   338  C C   . LYS A 1 45  ? -1.021  15.218  20.335  1.00 19.87 ? 51  LYS L C   1 
ATOM   339  O O   . LYS A 1 45  ? -1.220  14.463  19.419  1.00 22.67 ? 51  LYS L O   1 
ATOM   340  C CB  . LYS A 1 45  ? 1.312   14.552  20.880  1.00 14.19 ? 51  LYS L CB  1 
ATOM   341  C CG  . LYS A 1 45  ? 2.292   14.228  21.957  1.00 16.41 ? 51  LYS L CG  1 
ATOM   342  C CD  . LYS A 1 45  ? 1.747   14.846  23.221  1.00 31.20 ? 51  LYS L CD  1 
ATOM   343  C CE  . LYS A 1 45  ? 2.793   15.218  24.246  1.00 36.63 ? 51  LYS L CE  1 
ATOM   344  N NZ  . LYS A 1 45  ? 3.387   14.056  24.905  1.00 39.03 ? 51  LYS L NZ  1 
ATOM   345  N N   . LEU A 1 46  ? -1.572  16.435  20.396  1.00 21.47 ? 52  LEU L N   1 
ATOM   346  C CA  . LEU A 1 46  ? -2.417  16.983  19.356  1.00 25.12 ? 52  LEU L CA  1 
ATOM   347  C C   . LEU A 1 46  ? -1.559  17.462  18.176  1.00 24.22 ? 52  LEU L C   1 
ATOM   348  O O   . LEU A 1 46  ? -0.648  18.258  18.330  1.00 30.02 ? 52  LEU L O   1 
ATOM   349  C CB  . LEU A 1 46  ? -3.155  18.230  19.898  1.00 25.03 ? 52  LEU L CB  1 
ATOM   350  C CG  . LEU A 1 46  ? -4.631  18.385  19.567  1.00 24.31 ? 52  LEU L CG  1 
ATOM   351  C CD1 . LEU A 1 46  ? -5.079  19.799  19.831  1.00 15.02 ? 52  LEU L CD1 1 
ATOM   352  C CD2 . LEU A 1 46  ? -5.093  17.876  18.209  1.00 14.00 ? 52  LEU L CD2 1 
ATOM   353  N N   . ALA A 1 47  ? -1.858  17.020  16.978  1.00 22.10 ? 53  ALA L N   1 
ATOM   354  C CA  . ALA A 1 47  ? -1.152  17.435  15.792  1.00 18.85 ? 53  ALA L CA  1 
ATOM   355  C C   . ALA A 1 47  ? -1.642  18.800  15.383  1.00 18.60 ? 53  ALA L C   1 
ATOM   356  O O   . ALA A 1 47  ? -2.695  19.246  15.799  1.00 19.52 ? 53  ALA L O   1 
ATOM   357  C CB  . ALA A 1 47  ? -1.442  16.490  14.632  1.00 15.40 ? 53  ALA L CB  1 
ATOM   358  N N   . THR A 1 48  ? -0.871  19.488  14.572  1.00 19.50 ? 54  THR L N   1 
ATOM   359  C CA  . THR A 1 48  ? -1.296  20.781  14.117  1.00 17.11 ? 54  THR L CA  1 
ATOM   360  C C   . THR A 1 48  ? -1.848  20.473  12.738  1.00 20.97 ? 54  THR L C   1 
ATOM   361  O O   . THR A 1 48  ? -2.697  21.199  12.273  1.00 24.68 ? 54  THR L O   1 
ATOM   362  C CB  . THR A 1 48  ? -0.132  21.740  13.860  1.00 15.81 ? 54  THR L CB  1 
ATOM   363  O OG1 . THR A 1 48  ? 0.908   20.995  13.243  1.00 26.65 ? 54  THR L OG1 1 
ATOM   364  C CG2 . THR A 1 48  ? 0.367   22.379  15.146  1.00 22.76 ? 54  THR L CG2 1 
ATOM   365  N N   . ALA A 1 49  ? -1.326  19.394  12.092  1.00 19.45 ? 55  ALA L N   1 
ATOM   366  C CA  . ALA A 1 49  ? -1.781  18.990  10.765  1.00 15.59 ? 55  ALA L CA  1 
ATOM   367  C C   . ALA A 1 49  ? -3.126  18.303  10.751  1.00 21.03 ? 55  ALA L C   1 
ATOM   368  O O   . ALA A 1 49  ? -3.653  17.864  11.793  1.00 25.45 ? 55  ALA L O   1 
ATOM   369  C CB  . ALA A 1 49  ? -0.764  18.226  9.972   1.00 11.56 ? 55  ALA L CB  1 
ATOM   370  N N   . SER A 1 50  ? -3.682  18.214  9.540   1.00 23.06 ? 56  SER L N   1 
ATOM   371  C CA  . SER A 1 50  ? -4.967  17.557  9.327   1.00 25.03 ? 56  SER L CA  1 
ATOM   372  C C   . SER A 1 50  ? -5.342  17.302  7.874   1.00 24.75 ? 56  SER L C   1 
ATOM   373  O O   . SER A 1 50  ? -4.686  17.795  6.972   1.00 27.62 ? 56  SER L O   1 
ATOM   374  C CB  . SER A 1 50  ? -6.052  18.375  9.966   1.00 27.85 ? 56  SER L CB  1 
ATOM   375  O OG  . SER A 1 50  ? -6.365  19.469  9.127   1.00 19.83 ? 56  SER L OG  1 
HETATM 376  N N   . TRQ A 1 51  ? -6.371  16.497  7.622   1.00 21.99 ? 57  TRQ L N   1 
HETATM 377  C CA  . TRQ A 1 51  ? -6.846  16.321  6.261   1.00 17.59 ? 57  TRQ L CA  1 
HETATM 378  C C   . TRQ A 1 51  ? -8.232  16.891  6.416   1.00 18.32 ? 57  TRQ L C   1 
HETATM 379  O O   . TRQ A 1 51  ? -8.757  16.906  7.517   1.00 17.53 ? 57  TRQ L O   1 
HETATM 380  C CB  . TRQ A 1 51  ? -6.711  14.942  5.517   1.00 18.40 ? 57  TRQ L CB  1 
HETATM 381  C CG  . TRQ A 1 51  ? -7.347  13.901  6.336   1.00 18.90 ? 57  TRQ L CG  1 
HETATM 382  C CD1 . TRQ A 1 51  ? -8.653  13.588  6.246   1.00 16.02 ? 57  TRQ L CD1 1 
HETATM 383  N NE1 . TRQ A 1 51  ? -8.942  12.618  7.125   1.00 17.45 ? 57  TRQ L NE1 1 
HETATM 384  C CE2 . TRQ A 1 51  ? -7.827  12.288  7.835   1.00 17.99 ? 57  TRQ L CE2 1 
HETATM 385  C CZ2 . TRQ A 1 51  ? -7.676  11.372  8.849   1.00 22.85 ? 57  TRQ L CZ2 1 
HETATM 386  C CH2 . TRQ A 1 51  ? -6.409  11.207  9.425   1.00 28.97 ? 57  TRQ L CH2 1 
HETATM 387  C CZ3 . TRQ A 1 51  ? -5.313  11.961  8.984   1.00 24.73 ? 57  TRQ L CZ3 1 
HETATM 388  C CE3 . TRQ A 1 51  ? -5.455  12.893  7.981   1.00 18.15 ? 57  TRQ L CE3 1 
HETATM 389  C CD2 . TRQ A 1 51  ? -6.757  13.072  7.374   1.00 18.52 ? 57  TRQ L CD2 1 
HETATM 390  O O6  . TRQ A 1 51  ? -6.232  10.403  10.317  1.00 34.49 ? 57  TRQ L O6  1 
HETATM 391  O O7  . TRQ A 1 51  ? -8.644  10.738  9.197   1.00 20.17 ? 57  TRQ L O7  1 
ATOM   392  N N   . VAL A 1 52  ? -8.807  17.429  5.381   1.00 17.37 ? 58  VAL L N   1 
ATOM   393  C CA  . VAL A 1 52  ? -10.078 18.022  5.607   1.00 17.97 ? 58  VAL L CA  1 
ATOM   394  C C   . VAL A 1 52  ? -11.149 17.388  4.782   1.00 18.15 ? 58  VAL L C   1 
ATOM   395  O O   . VAL A 1 52  ? -10.916 16.709  3.810   1.00 19.77 ? 58  VAL L O   1 
ATOM   396  C CB  . VAL A 1 52  ? -10.046 19.497  5.201   1.00 22.35 ? 58  VAL L CB  1 
ATOM   397  C CG1 . VAL A 1 52  ? -9.605  20.530  6.204   1.00 24.81 ? 58  VAL L CG1 1 
ATOM   398  C CG2 . VAL A 1 52  ? -9.943  19.893  3.724   1.00 25.31 ? 58  VAL L CG2 1 
ATOM   399  N N   . ALA A 1 53  ? -12.380 17.634  5.169   1.00 21.36 ? 59  ALA L N   1 
ATOM   400  C CA  . ALA A 1 53  ? -13.518 17.133  4.393   1.00 18.18 ? 59  ALA L CA  1 
ATOM   401  C C   . ALA A 1 53  ? -14.752 17.973  4.626   1.00 18.62 ? 59  ALA L C   1 
ATOM   402  O O   . ALA A 1 53  ? -14.945 18.608  5.657   1.00 20.99 ? 59  ALA L O   1 
ATOM   403  C CB  . ALA A 1 53  ? -13.770 15.639  4.291   1.00 14.30 ? 59  ALA L CB  1 
ATOM   404  N N   . SER A 1 54  ? -15.582 18.051  3.629   1.00 19.90 ? 60  SER L N   1 
ATOM   405  C CA  . SER A 1 54  ? -16.743 18.826  3.931   1.00 25.45 ? 60  SER L CA  1 
ATOM   406  C C   . SER A 1 54  ? -17.841 17.802  4.031   1.00 22.28 ? 60  SER L C   1 
ATOM   407  O O   . SER A 1 54  ? -18.036 16.971  3.138   1.00 19.64 ? 60  SER L O   1 
ATOM   408  C CB  . SER A 1 54  ? -16.949 20.023  3.039   1.00 28.04 ? 60  SER L CB  1 
ATOM   409  O OG  . SER A 1 54  ? -17.919 19.679  2.132   1.00 38.20 ? 60  SER L OG  1 
ATOM   410  N N   . CYS A 1 55  ? -18.414 17.767  5.217   1.00 22.16 ? 61  CYS L N   1 
ATOM   411  C CA  . CYS A 1 55  ? -19.426 16.794  5.570   1.00 24.07 ? 61  CYS L CA  1 
ATOM   412  C C   . CYS A 1 55  ? -20.795 17.375  5.887   1.00 27.23 ? 61  CYS L C   1 
ATOM   413  O O   . CYS A 1 55  ? -20.973 18.355  6.628   1.00 27.55 ? 61  CYS L O   1 
ATOM   414  C CB  . CYS A 1 55  ? -19.020 16.046  6.866   1.00 24.10 ? 61  CYS L CB  1 
ATOM   415  S SG  . CYS A 1 55  ? -17.417 15.237  6.934   1.00 22.82 ? 61  CYS L SG  1 
ATOM   416  N N   . TYR A 1 56  ? -21.777 16.665  5.381   1.00 30.46 ? 62  TYR L N   1 
ATOM   417  C CA  . TYR A 1 56  ? -23.173 16.991  5.549   1.00 31.92 ? 62  TYR L CA  1 
ATOM   418  C C   . TYR A 1 56  ? -23.828 16.701  6.905   1.00 30.64 ? 62  TYR L C   1 
ATOM   419  O O   . TYR A 1 56  ? -23.873 15.545  7.338   1.00 32.50 ? 62  TYR L O   1 
ATOM   420  C CB  . TYR A 1 56  ? -23.944 16.281  4.439   1.00 35.32 ? 62  TYR L CB  1 
ATOM   421  C CG  . TYR A 1 56  ? -25.361 16.700  4.471   1.00 39.27 ? 62  TYR L CG  1 
ATOM   422  C CD1 . TYR A 1 56  ? -25.712 18.045  4.261   1.00 39.21 ? 62  TYR L CD1 1 
ATOM   423  C CD2 . TYR A 1 56  ? -26.338 15.764  4.764   1.00 38.96 ? 62  TYR L CD2 1 
ATOM   424  C CE1 . TYR A 1 56  ? -27.036 18.448  4.289   1.00 41.41 ? 62  TYR L CE1 1 
ATOM   425  C CE2 . TYR A 1 56  ? -27.670 16.169  4.802   1.00 41.72 ? 62  TYR L CE2 1 
ATOM   426  C CZ  . TYR A 1 56  ? -28.013 17.496  4.586   1.00 42.75 ? 62  TYR L CZ  1 
ATOM   427  O OH  . TYR A 1 56  ? -29.315 17.863  4.662   1.00 45.00 ? 62  TYR L OH  1 
ATOM   428  N N   . ASN A 1 57  ? -24.359 17.772  7.535   1.00 23.76 ? 63  ASN L N   1 
ATOM   429  C CA  . ASN A 1 57  ? -25.064 17.704  8.798   1.00 18.87 ? 63  ASN L CA  1 
ATOM   430  C C   . ASN A 1 57  ? -26.509 17.526  8.445   1.00 23.40 ? 63  ASN L C   1 
ATOM   431  O O   . ASN A 1 57  ? -27.207 18.424  8.046   1.00 24.87 ? 63  ASN L O   1 
ATOM   432  C CB  . ASN A 1 57  ? -24.902 18.966  9.666   1.00 16.52 ? 63  ASN L CB  1 
ATOM   433  C CG  . ASN A 1 57  ? -25.516 18.657  11.001  1.00 17.99 ? 63  ASN L CG  1 
ATOM   434  O OD1 . ASN A 1 57  ? -26.142 17.604  11.075  1.00 24.60 ? 63  ASN L OD1 1 
ATOM   435  N ND2 . ASN A 1 57  ? -25.342 19.504  12.056  1.00 25.29 ? 63  ASN L ND2 1 
ATOM   436  N N   . PRO A 1 58  ? -26.926 16.316  8.595   1.00 27.94 ? 64  PRO L N   1 
ATOM   437  C CA  . PRO A 1 58  ? -28.249 15.882  8.269   1.00 27.19 ? 64  PRO L CA  1 
ATOM   438  C C   . PRO A 1 58  ? -29.276 16.537  9.134   1.00 29.00 ? 64  PRO L C   1 
ATOM   439  O O   . PRO A 1 58  ? -30.446 16.607  8.801   1.00 34.72 ? 64  PRO L O   1 
ATOM   440  C CB  . PRO A 1 58  ? -28.261 14.388  8.559   1.00 24.80 ? 64  PRO L CB  1 
ATOM   441  C CG  . PRO A 1 58  ? -27.187 14.163  9.602   1.00 22.93 ? 64  PRO L CG  1 
ATOM   442  C CD  . PRO A 1 58  ? -26.208 15.316  9.426   1.00 27.59 ? 64  PRO L CD  1 
ATOM   443  N N   . THR A 1 59  ? -28.820 17.030  10.229  1.00 25.35 ? 65  THR L N   1 
ATOM   444  C CA  . THR A 1 59  ? -29.725 17.670  11.117  1.00 26.84 ? 65  THR L CA  1 
ATOM   445  C C   . THR A 1 59  ? -30.098 19.070  10.702  1.00 32.42 ? 65  THR L C   1 
ATOM   446  O O   . THR A 1 59  ? -31.240 19.457  10.747  1.00 38.22 ? 65  THR L O   1 
ATOM   447  C CB  . THR A 1 59  ? -29.104 17.712  12.485  1.00 26.67 ? 65  THR L CB  1 
ATOM   448  O OG1 . THR A 1 59  ? -29.500 16.524  13.159  1.00 26.41 ? 65  THR L OG1 1 
ATOM   449  C CG2 . THR A 1 59  ? -29.575 18.995  13.154  1.00 23.36 ? 65  THR L CG2 1 
ATOM   450  N N   . ASP A 1 60  ? -29.123 19.848  10.308  1.00 31.72 ? 66  ASP L N   1 
ATOM   451  C CA  . ASP A 1 60  ? -29.362 21.191  9.882   1.00 26.89 ? 66  ASP L CA  1 
ATOM   452  C C   . ASP A 1 60  ? -29.362 21.345  8.369   1.00 28.58 ? 66  ASP L C   1 
ATOM   453  O O   . ASP A 1 60  ? -29.683 22.380  7.814   1.00 31.45 ? 66  ASP L O   1 
ATOM   454  C CB  . ASP A 1 60  ? -28.570 22.238  10.645  1.00 24.58 ? 66  ASP L CB  1 
ATOM   455  C CG  . ASP A 1 60  ? -27.088 22.223  10.446  1.00 27.52 ? 66  ASP L CG  1 
ATOM   456  O OD1 . ASP A 1 60  ? -26.687 21.477  9.443   1.00 30.01 ? 66  ASP L OD1 1 
ATOM   457  O OD2 . ASP A 1 60  ? -26.368 22.943  11.116  1.00 27.53 ? 66  ASP L OD2 1 
ATOM   458  N N   . GLY A 1 61  ? -29.065 20.281  7.661   1.00 29.56 ? 67  GLY L N   1 
ATOM   459  C CA  . GLY A 1 61  ? -29.100 20.373  6.226   1.00 29.60 ? 67  GLY L CA  1 
ATOM   460  C C   . GLY A 1 61  ? -27.863 21.121  5.737   1.00 33.06 ? 67  GLY L C   1 
ATOM   461  O O   . GLY A 1 61  ? -27.760 21.479  4.561   1.00 37.41 ? 67  GLY L O   1 
ATOM   462  N N   . GLN A 1 62  ? -26.903 21.349  6.628   1.00 30.93 ? 68  GLN L N   1 
ATOM   463  C CA  . GLN A 1 62  ? -25.672 22.002  6.196   1.00 29.83 ? 68  GLN L CA  1 
ATOM   464  C C   . GLN A 1 62  ? -24.447 21.109  6.198   1.00 32.74 ? 68  GLN L C   1 
ATOM   465  O O   . GLN A 1 62  ? -24.451 19.988  6.752   1.00 36.75 ? 68  GLN L O   1 
ATOM   466  C CB  . GLN A 1 62  ? -25.213 23.176  7.018   1.00 26.07 ? 68  GLN L CB  1 
ATOM   467  C CG  . GLN A 1 62  ? -26.346 24.043  7.539   1.00 36.14 ? 68  GLN L CG  1 
ATOM   468  C CD  . GLN A 1 62  ? -25.803 25.450  7.766   1.00 79.30 ? 68  GLN L CD  1 
ATOM   469  O OE1 . GLN A 1 62  ? -24.777 25.826  7.108   1.00 76.74 ? 68  GLN L OE1 1 
ATOM   470  N NE2 . GLN A 1 62  ? -26.447 26.207  8.699   1.00 74.02 ? 68  GLN L NE2 1 
ATOM   471  N N   . SER A 1 63  ? -23.401 21.730  5.605   1.00 30.42 ? 69  SER L N   1 
ATOM   472  C CA  . SER A 1 63  ? -22.100 21.161  5.424   1.00 27.11 ? 69  SER L CA  1 
ATOM   473  C C   . SER A 1 63  ? -21.125 22.021  6.081   1.00 27.44 ? 69  SER L C   1 
ATOM   474  O O   . SER A 1 63  ? -21.225 23.224  5.997   1.00 32.17 ? 69  SER L O   1 
ATOM   475  C CB  . SER A 1 63  ? -21.649 20.897  3.986   1.00 27.98 ? 69  SER L CB  1 
ATOM   476  O OG  . SER A 1 63  ? -22.495 20.009  3.227   1.00 27.17 ? 69  SER L OG  1 
ATOM   477  N N   . TYR A 1 64  ? -20.212 21.342  6.742   1.00 23.79 ? 70  TYR L N   1 
ATOM   478  C CA  . TYR A 1 64  ? -19.150 21.994  7.432   1.00 19.58 ? 70  TYR L CA  1 
ATOM   479  C C   . TYR A 1 64  ? -17.884 21.293  7.072   1.00 22.28 ? 70  TYR L C   1 
ATOM   480  O O   . TYR A 1 64  ? -17.830 20.126  6.679   1.00 26.44 ? 70  TYR L O   1 
ATOM   481  C CB  . TYR A 1 64  ? -19.266 21.961  8.948   1.00 19.07 ? 70  TYR L CB  1 
ATOM   482  C CG  . TYR A 1 64  ? -20.604 22.443  9.392   1.00 26.23 ? 70  TYR L CG  1 
ATOM   483  C CD1 . TYR A 1 64  ? -21.743 21.664  9.162   1.00 27.14 ? 70  TYR L CD1 1 
ATOM   484  C CD2 . TYR A 1 64  ? -20.741 23.666  10.054  1.00 23.51 ? 70  TYR L CD2 1 
ATOM   485  C CE1 . TYR A 1 64  ? -23.005 22.073  9.596   1.00 25.13 ? 70  TYR L CE1 1 
ATOM   486  C CE2 . TYR A 1 64  ? -21.993 24.082  10.499  1.00 22.80 ? 70  TYR L CE2 1 
ATOM   487  C CZ  . TYR A 1 64  ? -23.117 23.292  10.258  1.00 24.62 ? 70  TYR L CZ  1 
ATOM   488  O OH  . TYR A 1 64  ? -24.358 23.731  10.687  1.00 27.36 ? 70  TYR L OH  1 
ATOM   489  N N   . LEU A 1 65  ? -16.870 22.080  7.216   1.00 20.68 ? 71  LEU L N   1 
ATOM   490  C CA  . LEU A 1 65  ? -15.514 21.708  6.958   1.00 25.41 ? 71  LEU L CA  1 
ATOM   491  C C   . LEU A 1 65  ? -14.995 21.094  8.236   1.00 28.66 ? 71  LEU L C   1 
ATOM   492  O O   . LEU A 1 65  ? -14.951 21.784  9.293   1.00 27.25 ? 71  LEU L O   1 
ATOM   493  C CB  . LEU A 1 65  ? -14.783 23.021  6.662   1.00 27.49 ? 71  LEU L CB  1 
ATOM   494  C CG  . LEU A 1 65  ? -13.610 23.037  5.695   1.00 41.04 ? 71  LEU L CG  1 
ATOM   495  C CD1 . LEU A 1 65  ? -12.352 23.108  6.532   1.00 23.60 ? 71  LEU L CD1 1 
ATOM   496  C CD2 . LEU A 1 65  ? -13.569 21.887  4.679   1.00 21.76 ? 71  LEU L CD2 1 
ATOM   497  N N   . ILE A 1 66  ? -14.628 19.793  8.103   1.00 30.90 ? 72  ILE L N   1 
ATOM   498  C CA  . ILE A 1 66  ? -14.052 18.979  9.182   1.00 28.63 ? 72  ILE L CA  1 
ATOM   499  C C   . ILE A 1 66  ? -12.511 18.884  9.090   1.00 25.34 ? 72  ILE L C   1 
ATOM   500  O O   . ILE A 1 66  ? -11.970 18.489  8.055   1.00 24.86 ? 72  ILE L O   1 
ATOM   501  C CB  . ILE A 1 66  ? -14.708 17.588  9.357   1.00 26.71 ? 72  ILE L CB  1 
ATOM   502  C CG1 . ILE A 1 66  ? -16.209 17.633  9.147   1.00 17.06 ? 72  ILE L CG1 1 
ATOM   503  C CG2 . ILE A 1 66  ? -14.420 17.028  10.759  1.00 16.78 ? 72  ILE L CG2 1 
ATOM   504  C CD1 . ILE A 1 66  ? -16.881 18.474  10.236  1.00 9.55  ? 72  ILE L CD1 1 
ATOM   505  N N   . ALA A 1 67  ? -11.794 19.240  10.173  1.00 21.31 ? 73  ALA L N   1 
ATOM   506  C CA  . ALA A 1 67  ? -10.347 19.115  10.205  1.00 15.62 ? 73  ALA L CA  1 
ATOM   507  C C   . ALA A 1 67  ? -9.942  17.924  11.066  1.00 16.94 ? 73  ALA L C   1 
ATOM   508  O O   . ALA A 1 67  ? -9.975  17.936  12.301  1.00 14.82 ? 73  ALA L O   1 
ATOM   509  C CB  . ALA A 1 67  ? -9.621  20.372  10.609  1.00 19.24 ? 73  ALA L CB  1 
ATOM   510  N N   . TYR A 1 68  ? -9.596  16.867  10.380  1.00 17.41 ? 74  TYR L N   1 
ATOM   511  C CA  . TYR A 1 68  ? -9.191  15.642  11.005  1.00 16.80 ? 74  TYR L CA  1 
ATOM   512  C C   . TYR A 1 68  ? -7.757  15.693  11.456  1.00 17.88 ? 74  TYR L C   1 
ATOM   513  O O   . TYR A 1 68  ? -6.876  15.333  10.695  1.00 17.89 ? 74  TYR L O   1 
ATOM   514  C CB  . TYR A 1 68  ? -9.333  14.439  10.060  1.00 15.08 ? 74  TYR L CB  1 
ATOM   515  C CG  . TYR A 1 68  ? -10.749 14.233  9.585   1.00 11.00 ? 74  TYR L CG  1 
ATOM   516  C CD1 . TYR A 1 68  ? -11.715 13.683  10.436  1.00 13.04 ? 74  TYR L CD1 1 
ATOM   517  C CD2 . TYR A 1 68  ? -11.151 14.584  8.297   1.00 14.31 ? 74  TYR L CD2 1 
ATOM   518  C CE1 . TYR A 1 68  ? -13.045 13.505  10.038  1.00 12.72 ? 74  TYR L CE1 1 
ATOM   519  C CE2 . TYR A 1 68  ? -12.477 14.394  7.866   1.00 16.70 ? 74  TYR L CE2 1 
ATOM   520  C CZ  . TYR A 1 68  ? -13.427 13.857  8.741   1.00 15.07 ? 74  TYR L CZ  1 
ATOM   521  O OH  . TYR A 1 68  ? -14.696 13.644  8.347   1.00 15.92 ? 74  TYR L OH  1 
ATOM   522  N N   . ARG A 1 69  ? -7.586  16.103  12.717  1.00 16.09 ? 75  ARG L N   1 
ATOM   523  C CA  . ARG A 1 69  ? -6.334  16.139  13.419  1.00 13.71 ? 75  ARG L CA  1 
ATOM   524  C C   . ARG A 1 69  ? -6.183  14.837  14.184  1.00 16.88 ? 75  ARG L C   1 
ATOM   525  O O   . ARG A 1 69  ? -7.115  14.296  14.759  1.00 17.80 ? 75  ARG L O   1 
ATOM   526  C CB  . ARG A 1 69  ? -6.341  17.272  14.431  1.00 12.39 ? 75  ARG L CB  1 
ATOM   527  C CG  . ARG A 1 69  ? -6.543  18.684  13.825  1.00 11.20 ? 75  ARG L CG  1 
ATOM   528  C CD  . ARG A 1 69  ? -5.500  19.614  14.362  1.00 21.29 ? 75  ARG L CD  1 
ATOM   529  N NE  . ARG A 1 69  ? -6.114  20.582  15.208  1.00 23.58 ? 75  ARG L NE  1 
ATOM   530  C CZ  . ARG A 1 69  ? -5.529  21.335  16.150  1.00 27.35 ? 75  ARG L CZ  1 
ATOM   531  N NH1 . ARG A 1 69  ? -4.242  21.299  16.493  1.00 27.16 ? 75  ARG L NH1 1 
ATOM   532  N NH2 . ARG A 1 69  ? -6.313  22.190  16.793  1.00 28.46 ? 75  ARG L NH2 1 
ATOM   533  N N   . ASP A 1 70  ? -4.993  14.335  14.226  1.00 17.41 ? 76  ASP L N   1 
ATOM   534  C CA  . ASP A 1 70  ? -4.736  13.127  14.929  1.00 13.33 ? 76  ASP L CA  1 
ATOM   535  C C   . ASP A 1 70  ? -4.097  13.417  16.298  1.00 18.16 ? 76  ASP L C   1 
ATOM   536  O O   . ASP A 1 70  ? -3.460  14.453  16.477  1.00 19.95 ? 76  ASP L O   1 
ATOM   537  C CB  . ASP A 1 70  ? -3.724  12.367  14.097  1.00 7.86  ? 76  ASP L CB  1 
ATOM   538  C CG  . ASP A 1 70  ? -4.156  11.791  12.772  1.00 13.40 ? 76  ASP L CG  1 
ATOM   539  O OD1 . ASP A 1 70  ? -5.416  11.888  12.493  1.00 18.85 ? 76  ASP L OD1 1 
ATOM   540  O OD2 . ASP A 1 70  ? -3.394  11.176  12.065  1.00 16.86 ? 76  ASP L OD2 1 
ATOM   541  N N   . CYS A 1 71  ? -4.313  12.508  17.262  1.00 17.64 ? 77  CYS L N   1 
ATOM   542  C CA  . CYS A 1 71  ? -3.744  12.514  18.600  1.00 15.59 ? 77  CYS L CA  1 
ATOM   543  C C   . CYS A 1 71  ? -2.690  11.481  18.475  1.00 17.45 ? 77  CYS L C   1 
ATOM   544  O O   . CYS A 1 71  ? -2.974  10.376  18.016  1.00 20.88 ? 77  CYS L O   1 
ATOM   545  C CB  . CYS A 1 71  ? -4.746  12.191  19.704  1.00 19.99 ? 77  CYS L CB  1 
ATOM   546  S SG  . CYS A 1 71  ? -6.132  13.325  19.587  1.00 19.33 ? 77  CYS L SG  1 
ATOM   547  N N   . CYS A 1 72  ? -1.475  11.871  18.773  1.00 16.79 ? 78  CYS L N   1 
ATOM   548  C CA  . CYS A 1 72  ? -0.403  10.978  18.517  1.00 17.02 ? 78  CYS L CA  1 
ATOM   549  C C   . CYS A 1 72  ? 0.557   10.781  19.632  1.00 16.80 ? 78  CYS L C   1 
ATOM   550  O O   . CYS A 1 72  ? 0.471   11.398  20.672  1.00 19.70 ? 78  CYS L O   1 
ATOM   551  C CB  . CYS A 1 72  ? 0.424   11.587  17.379  1.00 19.91 ? 78  CYS L CB  1 
ATOM   552  S SG  . CYS A 1 72  ? -0.480  12.421  16.070  1.00 18.44 ? 78  CYS L SG  1 
ATOM   553  N N   . GLY A 1 73  ? 1.466   9.905   19.350  1.00 16.73 ? 79  GLY L N   1 
ATOM   554  C CA  . GLY A 1 73  ? 2.487   9.525   20.281  1.00 17.88 ? 79  GLY L CA  1 
ATOM   555  C C   . GLY A 1 73  ? 2.068   8.288   21.037  1.00 19.60 ? 79  GLY L C   1 
ATOM   556  O O   . GLY A 1 73  ? 2.569   7.999   22.115  1.00 16.26 ? 79  GLY L O   1 
ATOM   557  N N   . TYR A 1 74  ? 1.130   7.547   20.485  1.00 23.80 ? 80  TYR L N   1 
ATOM   558  C CA  . TYR A 1 74  ? 0.692   6.353   21.161  1.00 21.10 ? 80  TYR L CA  1 
ATOM   559  C C   . TYR A 1 74  ? 0.465   5.331   20.113  1.00 24.85 ? 80  TYR L C   1 
ATOM   560  O O   . TYR A 1 74  ? 0.374   5.687   18.941  1.00 25.92 ? 80  TYR L O   1 
ATOM   561  C CB  . TYR A 1 74  ? -0.665  6.552   21.844  1.00 17.37 ? 80  TYR L CB  1 
ATOM   562  C CG  . TYR A 1 74  ? -0.748  6.724   23.338  1.00 20.86 ? 80  TYR L CG  1 
ATOM   563  C CD1 . TYR A 1 74  ? -0.047  7.766   23.949  1.00 25.40 ? 80  TYR L CD1 1 
ATOM   564  C CD2 . TYR A 1 74  ? -1.551  5.910   24.153  1.00 18.94 ? 80  TYR L CD2 1 
ATOM   565  C CE1 . TYR A 1 74  ? -0.091  8.010   25.324  1.00 25.32 ? 80  TYR L CE1 1 
ATOM   566  C CE2 . TYR A 1 74  ? -1.612  6.142   25.539  1.00 21.89 ? 80  TYR L CE2 1 
ATOM   567  C CZ  . TYR A 1 74  ? -0.889  7.195   26.127  1.00 24.13 ? 80  TYR L CZ  1 
ATOM   568  O OH  . TYR A 1 74  ? -0.902  7.450   27.463  1.00 23.49 ? 80  TYR L OH  1 
ATOM   569  N N   . ASN A 1 75  ? 0.348   4.074   20.534  1.00 23.23 ? 81  ASN L N   1 
ATOM   570  C CA  . ASN A 1 75  ? 0.040   3.060   19.555  1.00 21.31 ? 81  ASN L CA  1 
ATOM   571  C C   . ASN A 1 75  ? -1.483  3.133   19.274  1.00 18.37 ? 81  ASN L C   1 
ATOM   572  O O   . ASN A 1 75  ? -2.255  3.660   20.091  1.00 14.78 ? 81  ASN L O   1 
ATOM   573  C CB  . ASN A 1 75  ? 0.603   1.715   19.994  1.00 18.01 ? 81  ASN L CB  1 
ATOM   574  C CG  . ASN A 1 75  ? 0.253   0.513   19.169  1.00 18.50 ? 81  ASN L CG  1 
ATOM   575  O OD1 . ASN A 1 75  ? 0.167   -0.562  19.726  1.00 15.57 ? 81  ASN L OD1 1 
ATOM   576  N ND2 . ASN A 1 75  ? 0.260   0.629   17.860  1.00 17.89 ? 81  ASN L ND2 1 
ATOM   577  N N   . VAL A 1 76  ? -1.918  2.656   18.100  1.00 16.59 ? 82  VAL L N   1 
ATOM   578  C CA  . VAL A 1 76  ? -3.320  2.717   17.724  1.00 17.32 ? 82  VAL L CA  1 
ATOM   579  C C   . VAL A 1 76  ? -4.273  2.228   18.839  1.00 15.48 ? 82  VAL L C   1 
ATOM   580  O O   . VAL A 1 76  ? -3.986  1.243   19.509  1.00 15.66 ? 82  VAL L O   1 
ATOM   581  C CB  . VAL A 1 76  ? -3.521  2.199   16.287  1.00 17.72 ? 82  VAL L CB  1 
ATOM   582  C CG1 . VAL A 1 76  ? -3.366  0.689   16.194  1.00 9.91  ? 82  VAL L CG1 1 
ATOM   583  C CG2 . VAL A 1 76  ? -4.837  2.633   15.664  1.00 9.86  ? 82  VAL L CG2 1 
ATOM   584  N N   . SER A 1 77  ? -5.399  2.909   19.109  1.00 15.42 ? 83  SER L N   1 
ATOM   585  C CA  . SER A 1 77  ? -6.275  2.452   20.200  1.00 15.29 ? 83  SER L CA  1 
ATOM   586  C C   . SER A 1 77  ? -6.868  1.069   20.029  1.00 19.27 ? 83  SER L C   1 
ATOM   587  O O   . SER A 1 77  ? -6.987  0.298   20.966  1.00 21.24 ? 83  SER L O   1 
ATOM   588  C CB  . SER A 1 77  ? -7.379  3.431   20.552  1.00 13.56 ? 83  SER L CB  1 
ATOM   589  O OG  . SER A 1 77  ? -8.271  3.586   19.489  1.00 15.45 ? 83  SER L OG  1 
ATOM   590  N N   . GLY A 1 78  ? -7.289  0.820   18.806  1.00 17.34 ? 84  GLY L N   1 
ATOM   591  C CA  . GLY A 1 78  ? -7.927  -0.396  18.414  1.00 15.51 ? 84  GLY L CA  1 
ATOM   592  C C   . GLY A 1 78  ? -9.422  -0.461  18.724  1.00 15.27 ? 84  GLY L C   1 
ATOM   593  O O   . GLY A 1 78  ? -10.066 -1.474  18.545  1.00 19.00 ? 84  GLY L O   1 
ATOM   594  N N   . ARG A 1 79  ? -9.963  0.623   19.188  1.00 11.99 ? 85  ARG L N   1 
ATOM   595  C CA  . ARG A 1 79  ? -11.334 0.712   19.494  1.00 9.50  ? 85  ARG L CA  1 
ATOM   596  C C   . ARG A 1 79  ? -11.932 1.649   18.476  1.00 16.85 ? 85  ARG L C   1 
ATOM   597  O O   . ARG A 1 79  ? -11.332 2.669   18.094  1.00 20.52 ? 85  ARG L O   1 
ATOM   598  C CB  . ARG A 1 79  ? -11.481 1.317   20.890  1.00 6.33  ? 85  ARG L CB  1 
ATOM   599  C CG  . ARG A 1 79  ? -10.694 0.518   21.934  1.00 7.55  ? 85  ARG L CG  1 
ATOM   600  C CD  . ARG A 1 79  ? -11.202 0.729   23.340  1.00 17.86 ? 85  ARG L CD  1 
ATOM   601  N NE  . ARG A 1 79  ? -12.478 0.064   23.508  1.00 20.66 ? 85  ARG L NE  1 
ATOM   602  C CZ  . ARG A 1 79  ? -13.671 0.670   23.617  1.00 23.96 ? 85  ARG L CZ  1 
ATOM   603  N NH1 . ARG A 1 79  ? -13.839 2.005   23.593  1.00 23.68 ? 85  ARG L NH1 1 
ATOM   604  N NH2 . ARG A 1 79  ? -14.766 -0.093  23.779  1.00 21.08 ? 85  ARG L NH2 1 
ATOM   605  N N   . CYS A 1 80  ? -13.123 1.298   18.062  1.00 15.02 ? 86  CYS L N   1 
ATOM   606  C CA  . CYS A 1 80  ? -13.898 2.113   17.149  1.00 16.58 ? 86  CYS L CA  1 
ATOM   607  C C   . CYS A 1 80  ? -13.191 2.523   15.907  1.00 15.37 ? 86  CYS L C   1 
ATOM   608  O O   . CYS A 1 80  ? -13.022 3.702   15.670  1.00 17.65 ? 86  CYS L O   1 
ATOM   609  C CB  . CYS A 1 80  ? -14.378 3.425   17.790  1.00 17.62 ? 86  CYS L CB  1 
ATOM   610  S SG  . CYS A 1 80  ? -15.370 3.222   19.286  1.00 19.77 ? 86  CYS L SG  1 
ATOM   611  N N   . PRO A 1 81  ? -12.827 1.554   15.112  1.00 14.70 ? 87  PRO L N   1 
ATOM   612  C CA  . PRO A 1 81  ? -12.143 1.767   13.867  1.00 17.68 ? 87  PRO L CA  1 
ATOM   613  C C   . PRO A 1 81  ? -13.105 2.109   12.740  1.00 24.55 ? 87  PRO L C   1 
ATOM   614  O O   . PRO A 1 81  ? -14.155 1.455   12.631  1.00 28.36 ? 87  PRO L O   1 
ATOM   615  C CB  . PRO A 1 81  ? -11.558 0.413   13.515  1.00 16.92 ? 87  PRO L CB  1 
ATOM   616  C CG  . PRO A 1 81  ? -12.269 -0.600  14.381  1.00 15.60 ? 87  PRO L CG  1 
ATOM   617  C CD  . PRO A 1 81  ? -12.799 0.163   15.574  1.00 13.69 ? 87  PRO L CD  1 
ATOM   618  N N   . CYS A 1 82  ? -12.722 3.095   11.892  1.00 21.55 ? 88  CYS L N   1 
ATOM   619  C CA  . CYS A 1 82  ? -13.499 3.548   10.753  1.00 16.04 ? 88  CYS L CA  1 
ATOM   620  C C   . CYS A 1 82  ? -12.630 3.959   9.632   1.00 16.50 ? 88  CYS L C   1 
ATOM   621  O O   . CYS A 1 82  ? -11.499 4.341   9.826   1.00 20.73 ? 88  CYS L O   1 
ATOM   622  C CB  . CYS A 1 82  ? -14.335 4.807   11.036  1.00 18.64 ? 88  CYS L CB  1 
ATOM   623  S SG  . CYS A 1 82  ? -15.321 4.675   12.531  1.00 25.88 ? 88  CYS L SG  1 
ATOM   624  N N   . LEU A 1 83  ? -13.194 3.899   8.445   1.00 14.60 ? 89  LEU L N   1 
ATOM   625  C CA  . LEU A 1 83  ? -12.538 4.378   7.242   1.00 15.52 ? 89  LEU L CA  1 
ATOM   626  C C   . LEU A 1 83  ? -13.683 4.822   6.375   1.00 19.54 ? 89  LEU L C   1 
ATOM   627  O O   . LEU A 1 83  ? -14.396 3.985   5.861   1.00 22.41 ? 89  LEU L O   1 
ATOM   628  C CB  . LEU A 1 83  ? -11.695 3.360   6.461   1.00 11.80 ? 89  LEU L CB  1 
ATOM   629  C CG  . LEU A 1 83  ? -10.547 3.792   5.561   1.00 19.69 ? 89  LEU L CG  1 
ATOM   630  C CD1 . LEU A 1 83  ? -10.493 2.741   4.473   1.00 16.28 ? 89  LEU L CD1 1 
ATOM   631  C CD2 . LEU A 1 83  ? -10.664 5.165   4.934   1.00 13.15 ? 89  LEU L CD2 1 
ATOM   632  N N   . ASN A 1 84  ? -13.851 6.138   6.260   1.00 23.60 ? 90  ASN L N   1 
ATOM   633  C CA  . ASN A 1 84  ? -14.827 6.815   5.432   1.00 21.51 ? 90  ASN L CA  1 
ATOM   634  C C   . ASN A 1 84  ? -14.026 7.656   4.434   1.00 20.39 ? 90  ASN L C   1 
ATOM   635  O O   . ASN A 1 84  ? -12.934 8.144   4.754   1.00 21.25 ? 90  ASN L O   1 
ATOM   636  C CB  . ASN A 1 84  ? -15.794 7.643   6.314   1.00 23.97 ? 90  ASN L CB  1 
ATOM   637  C CG  . ASN A 1 84  ? -16.646 6.783   7.253   1.00 13.25 ? 90  ASN L CG  1 
ATOM   638  O OD1 . ASN A 1 84  ? -17.315 5.824   6.804   1.00 25.97 ? 90  ASN L OD1 1 
ATOM   639  N ND2 . ASN A 1 84  ? -16.726 7.206   8.524   1.00 24.88 ? 90  ASN L ND2 1 
ATOM   640  N N   . THR A 1 85  ? -14.521 7.783   3.205   1.00 21.29 ? 91  THR L N   1 
ATOM   641  C CA  . THR A 1 85  ? -13.803 8.500   2.160   1.00 18.37 ? 91  THR L CA  1 
ATOM   642  C C   . THR A 1 85  ? -14.663 9.464   1.323   1.00 18.56 ? 91  THR L C   1 
ATOM   643  O O   . THR A 1 85  ? -14.553 9.593   0.092   1.00 20.73 ? 91  THR L O   1 
ATOM   644  C CB  . THR A 1 85  ? -13.008 7.476   1.304   1.00 20.21 ? 91  THR L CB  1 
ATOM   645  O OG1 . THR A 1 85  ? -13.779 6.437   0.734   1.00 22.05 ? 91  THR L OG1 1 
ATOM   646  C CG2 . THR A 1 85  ? -11.974 6.755   2.145   1.00 21.89 ? 91  THR L CG2 1 
ATOM   647  N N   . GLU A 1 86  ? -15.529 10.211  2.004   1.00 17.67 ? 92  GLU L N   1 
ATOM   648  C CA  . GLU A 1 86  ? -16.397 11.160  1.335   1.00 20.30 ? 92  GLU L CA  1 
ATOM   649  C C   . GLU A 1 86  ? -15.642 12.319  0.751   1.00 23.23 ? 92  GLU L C   1 
ATOM   650  O O   . GLU A 1 86  ? -15.235 13.247  1.458   1.00 24.52 ? 92  GLU L O   1 
ATOM   651  C CB  . GLU A 1 86  ? -17.599 11.581  2.183   1.00 18.37 ? 92  GLU L CB  1 
ATOM   652  C CG  . GLU A 1 86  ? -18.537 10.380  2.385   1.00 24.38 ? 92  GLU L CG  1 
ATOM   653  C CD  . GLU A 1 86  ? -19.251 9.878   1.146   1.00 32.02 ? 92  GLU L CD  1 
ATOM   654  O OE1 . GLU A 1 86  ? -19.896 10.647  0.422   1.00 40.14 ? 92  GLU L OE1 1 
ATOM   655  O OE2 . GLU A 1 86  ? -19.150 8.560   0.946   1.00 36.53 ? 92  GLU L OE2 1 
ATOM   656  N N   . GLY A 1 87  ? -15.395 12.200  -0.532  1.00 22.90 ? 93  GLY L N   1 
ATOM   657  C CA  . GLY A 1 87  ? -14.655 13.219  -1.266  1.00 25.55 ? 93  GLY L CA  1 
ATOM   658  C C   . GLY A 1 87  ? -13.132 13.171  -1.121  1.00 25.74 ? 93  GLY L C   1 
ATOM   659  O O   . GLY A 1 87  ? -12.438 14.174  -1.334  1.00 27.99 ? 93  GLY L O   1 
ATOM   660  N N   . GLU A 1 88  ? -12.628 11.988  -0.792  1.00 19.96 ? 94  GLU L N   1 
ATOM   661  C CA  . GLU A 1 88  ? -11.238 11.830  -0.571  1.00 18.02 ? 94  GLU L CA  1 
ATOM   662  C C   . GLU A 1 88  ? -10.560 11.751  -1.905  1.00 21.14 ? 94  GLU L C   1 
ATOM   663  O O   . GLU A 1 88  ? -11.083 10.990  -2.747  1.00 23.03 ? 94  GLU L O   1 
ATOM   664  C CB  . GLU A 1 88  ? -11.053 10.621  0.389   1.00 17.43 ? 94  GLU L CB  1 
ATOM   665  C CG  . GLU A 1 88  ? -9.684  10.398  0.998   1.00 8.16  ? 94  GLU L CG  1 
ATOM   666  C CD  . GLU A 1 88  ? -8.842  9.410   0.217   1.00 14.38 ? 94  GLU L CD  1 
ATOM   667  O OE1 . GLU A 1 88  ? -9.196  8.825   -0.794  1.00 25.47 ? 94  GLU L OE1 1 
ATOM   668  O OE2 . GLU A 1 88  ? -7.678  9.175   0.785   1.00 27.71 ? 94  GLU L OE2 1 
ATOM   669  N N   . LEU A 1 89  ? -9.430  12.552  -2.078  1.00 21.02 ? 95  LEU L N   1 
ATOM   670  C CA  . LEU A 1 89  ? -8.630  12.609  -3.331  1.00 17.96 ? 95  LEU L CA  1 
ATOM   671  C C   . LEU A 1 89  ? -7.301  11.887  -3.206  1.00 20.46 ? 95  LEU L C   1 
ATOM   672  O O   . LEU A 1 89  ? -6.891  11.568  -2.085  1.00 23.94 ? 95  LEU L O   1 
ATOM   673  C CB  . LEU A 1 89  ? -8.431  14.055  -3.797  1.00 14.10 ? 95  LEU L CB  1 
ATOM   674  C CG  . LEU A 1 89  ? -9.752  14.806  -3.670  1.00 15.42 ? 95  LEU L CG  1 
ATOM   675  C CD1 . LEU A 1 89  ? -9.569  16.274  -3.977  1.00 12.16 ? 95  LEU L CD1 1 
ATOM   676  C CD2 . LEU A 1 89  ? -10.768 14.179  -4.615  1.00 9.66  ? 95  LEU L CD2 1 
ATOM   677  N N   . PRO A 1 90  ? -6.624  11.631  -4.329  1.00 15.98 ? 96  PRO L N   1 
ATOM   678  C CA  . PRO A 1 90  ? -5.371  10.922  -4.302  1.00 14.19 ? 96  PRO L CA  1 
ATOM   679  C C   . PRO A 1 90  ? -4.269  11.573  -3.444  1.00 19.30 ? 96  PRO L C   1 
ATOM   680  O O   . PRO A 1 90  ? -4.439  12.678  -2.980  1.00 19.62 ? 96  PRO L O   1 
ATOM   681  C CB  . PRO A 1 90  ? -5.012  10.656  -5.744  1.00 16.26 ? 96  PRO L CB  1 
ATOM   682  C CG  . PRO A 1 90  ? -6.273  10.897  -6.559  1.00 12.95 ? 96  PRO L CG  1 
ATOM   683  C CD  . PRO A 1 90  ? -7.202  11.711  -5.692  1.00 13.12 ? 96  PRO L CD  1 
ATOM   684  N N   . VAL A 1 91  ? -3.160  10.865  -3.167  1.00 21.92 ? 97  VAL L N   1 
ATOM   685  C CA  . VAL A 1 91  ? -2.083  11.351  -2.299  1.00 20.11 ? 97  VAL L CA  1 
ATOM   686  C C   . VAL A 1 91  ? -1.495  12.655  -2.732  1.00 21.55 ? 97  VAL L C   1 
ATOM   687  O O   . VAL A 1 91  ? -0.968  13.406  -1.911  1.00 19.17 ? 97  VAL L O   1 
ATOM   688  C CB  . VAL A 1 91  ? -0.980  10.323  -2.089  1.00 21.64 ? 97  VAL L CB  1 
ATOM   689  C CG1 . VAL A 1 91  ? -0.137  10.158  -3.340  1.00 17.39 ? 97  VAL L CG1 1 
ATOM   690  C CG2 . VAL A 1 91  ? -0.108  10.711  -0.919  1.00 17.73 ? 97  VAL L CG2 1 
ATOM   691  N N   . TYR A 1 92  ? -1.617  12.917  -4.041  1.00 22.75 ? 98  TYR L N   1 
ATOM   692  C CA  . TYR A 1 92  ? -1.132  14.131  -4.705  1.00 17.13 ? 98  TYR L CA  1 
ATOM   693  C C   . TYR A 1 92  ? -1.899  15.432  -4.520  1.00 24.73 ? 98  TYR L C   1 
ATOM   694  O O   . TYR A 1 92  ? -1.477  16.475  -5.029  1.00 30.53 ? 98  TYR L O   1 
ATOM   695  C CB  . TYR A 1 92  ? -0.521  13.873  -6.089  1.00 15.49 ? 98  TYR L CB  1 
ATOM   696  C CG  . TYR A 1 92  ? -1.656  13.609  -7.019  1.00 19.89 ? 98  TYR L CG  1 
ATOM   697  C CD1 . TYR A 1 92  ? -2.449  14.658  -7.470  1.00 21.76 ? 98  TYR L CD1 1 
ATOM   698  C CD2 . TYR A 1 92  ? -2.000  12.317  -7.396  1.00 18.91 ? 98  TYR L CD2 1 
ATOM   699  C CE1 . TYR A 1 92  ? -3.492  14.438  -8.362  1.00 22.10 ? 98  TYR L CE1 1 
ATOM   700  C CE2 . TYR A 1 92  ? -3.065  12.075  -8.253  1.00 17.58 ? 98  TYR L CE2 1 
ATOM   701  C CZ  . TYR A 1 92  ? -3.800  13.144  -8.766  1.00 19.31 ? 98  TYR L CZ  1 
ATOM   702  O OH  . TYR A 1 92  ? -4.860  12.933  -9.641  1.00 17.75 ? 98  TYR L OH  1 
ATOM   703  N N   . ARG A 1 93  ? -2.946  15.346  -3.702  1.00 23.50 ? 99  ARG L N   1 
ATOM   704  C CA  . ARG A 1 93  ? -3.863  16.378  -3.210  1.00 20.23 ? 99  ARG L CA  1 
ATOM   705  C C   . ARG A 1 93  ? -4.048  16.120  -1.724  1.00 19.73 ? 99  ARG L C   1 
ATOM   706  O O   . ARG A 1 93  ? -5.156  15.760  -1.308  1.00 19.72 ? 99  ARG L O   1 
ATOM   707  C CB  . ARG A 1 93  ? -5.210  16.141  -3.867  1.00 24.57 ? 99  ARG L CB  1 
ATOM   708  C CG  . ARG A 1 93  ? -5.157  16.468  -5.342  1.00 16.65 ? 99  ARG L CG  1 
ATOM   709  C CD  . ARG A 1 93  ? -5.184  17.987  -5.513  1.00 51.80 ? 99  ARG L CD  1 
ATOM   710  N NE  . ARG A 1 93  ? -6.550  18.483  -5.739  1.00 58.80 ? 99  ARG L NE  1 
ATOM   711  C CZ  . ARG A 1 93  ? -7.328  18.064  -6.803  1.00 67.32 ? 99  ARG L CZ  1 
ATOM   712  N NH1 . ARG A 1 93  ? -6.924  17.180  -7.778  1.00 66.60 ? 99  ARG L NH1 1 
ATOM   713  N NH2 . ARG A 1 93  ? -8.575  18.562  -6.909  1.00 72.81 ? 99  ARG L NH2 1 
ATOM   714  N N   . PRO A 1 94  ? -2.942  16.207  -0.951  1.00 22.38 ? 100 PRO L N   1 
ATOM   715  C CA  . PRO A 1 94  ? -2.920  15.825  0.452   1.00 27.07 ? 100 PRO L CA  1 
ATOM   716  C C   . PRO A 1 94  ? -3.935  16.444  1.374   1.00 35.02 ? 100 PRO L C   1 
ATOM   717  O O   . PRO A 1 94  ? -4.329  15.801  2.361   1.00 39.89 ? 100 PRO L O   1 
ATOM   718  C CB  . PRO A 1 94  ? -1.496  15.953  0.985   1.00 23.79 ? 100 PRO L CB  1 
ATOM   719  C CG  . PRO A 1 94  ? -0.754  16.782  -0.039  1.00 20.16 ? 100 PRO L CG  1 
ATOM   720  C CD  . PRO A 1 94  ? -1.661  16.935  -1.252  1.00 21.36 ? 100 PRO L CD  1 
ATOM   721  N N   . GLU A 1 95  ? -4.336  17.672  1.044   1.00 29.48 ? 101 GLU L N   1 
ATOM   722  C CA  . GLU A 1 95  ? -5.319  18.342  1.849   1.00 24.30 ? 101 GLU L CA  1 
ATOM   723  C C   . GLU A 1 95  ? -6.536  17.449  2.088   1.00 15.08 ? 101 GLU L C   1 
ATOM   724  O O   . GLU A 1 95  ? -7.249  17.550  3.065   1.00 16.15 ? 101 GLU L O   1 
ATOM   725  C CB  . GLU A 1 95  ? -5.824  19.633  1.136   1.00 24.71 ? 101 GLU L CB  1 
ATOM   726  C CG  . GLU A 1 95  ? -6.214  20.718  2.142   1.00 26.85 ? 101 GLU L CG  1 
ATOM   727  C CD  . GLU A 1 95  ? -7.346  21.658  1.799   1.00 40.33 ? 101 GLU L CD  1 
ATOM   728  O OE1 . GLU A 1 95  ? -7.319  22.130  0.569   1.00 54.80 ? 101 GLU L OE1 1 
ATOM   729  O OE2 . GLU A 1 95  ? -8.127  22.065  2.647   1.00 55.63 ? 101 GLU L OE2 1 
ATOM   730  N N   . PHE A 1 96  ? -6.817  16.611  1.130   1.00 12.62 ? 102 PHE L N   1 
ATOM   731  C CA  . PHE A 1 96  ? -7.988  15.801  1.215   1.00 12.94 ? 102 PHE L CA  1 
ATOM   732  C C   . PHE A 1 96  ? -7.682  14.343  1.125   1.00 14.74 ? 102 PHE L C   1 
ATOM   733  O O   . PHE A 1 96  ? -8.546  13.576  0.688   1.00 22.18 ? 102 PHE L O   1 
ATOM   734  C CB  . PHE A 1 96  ? -8.780  16.091  -0.050  1.00 13.57 ? 102 PHE L CB  1 
ATOM   735  C CG  . PHE A 1 96  ? -9.197  17.514  -0.183  1.00 26.95 ? 102 PHE L CG  1 
ATOM   736  C CD1 . PHE A 1 96  ? -10.278 17.994  0.576   1.00 27.51 ? 102 PHE L CD1 1 
ATOM   737  C CD2 . PHE A 1 96  ? -8.550  18.358  -1.084  1.00 26.56 ? 102 PHE L CD2 1 
ATOM   738  C CE1 . PHE A 1 96  ? -10.694 19.300  0.475   1.00 26.20 ? 102 PHE L CE1 1 
ATOM   739  C CE2 . PHE A 1 96  ? -8.933  19.693  -1.182  1.00 24.51 ? 102 PHE L CE2 1 
ATOM   740  C CZ  . PHE A 1 96  ? -9.985  20.144  -0.391  1.00 24.98 ? 102 PHE L CZ  1 
ATOM   741  N N   . ALA A 1 97  ? -6.441  14.007  1.475   1.00 12.97 ? 103 ALA L N   1 
ATOM   742  C CA  . ALA A 1 97  ? -5.922  12.652  1.442   1.00 8.37  ? 103 ALA L CA  1 
ATOM   743  C C   . ALA A 1 97  ? -5.870  12.134  2.859   1.00 13.56 ? 103 ALA L C   1 
ATOM   744  O O   . ALA A 1 97  ? -5.276  12.766  3.711   1.00 15.14 ? 103 ALA L O   1 
ATOM   745  C CB  . ALA A 1 97  ? -4.571  12.611  0.779   1.00 7.73  ? 103 ALA L CB  1 
ATOM   746  N N   . ASN A 1 98  ? -6.534  11.004  3.073   1.00 18.82 ? 104 ASN L N   1 
ATOM   747  C CA  . ASN A 1 98  ? -6.688  10.353  4.361   1.00 21.30 ? 104 ASN L CA  1 
ATOM   748  C C   . ASN A 1 98  ? -5.859  9.107   4.677   1.00 23.60 ? 104 ASN L C   1 
ATOM   749  O O   . ASN A 1 98  ? -6.058  8.556   5.764   1.00 24.87 ? 104 ASN L O   1 
ATOM   750  C CB  . ASN A 1 98  ? -8.140  10.290  4.883   1.00 20.18 ? 104 ASN L CB  1 
ATOM   751  C CG  . ASN A 1 98  ? -8.890  9.090   4.345   1.00 20.51 ? 104 ASN L CG  1 
ATOM   752  O OD1 . ASN A 1 98  ? -8.323  8.161   3.658   1.00 14.70 ? 104 ASN L OD1 1 
ATOM   753  N ND2 . ASN A 1 98  ? -10.179 9.126   4.650   1.00 11.67 ? 104 ASN L ND2 1 
ATOM   754  N N   . ASP A 1 99  ? -4.895  8.703   3.804   1.00 21.46 ? 105 ASP L N   1 
ATOM   755  C CA  . ASP A 1 99  ? -4.017  7.588   4.154   1.00 18.47 ? 105 ASP L CA  1 
ATOM   756  C C   . ASP A 1 99  ? -2.745  8.117   4.818   1.00 19.63 ? 105 ASP L C   1 
ATOM   757  O O   . ASP A 1 99  ? -1.961  7.349   5.404   1.00 17.12 ? 105 ASP L O   1 
ATOM   758  C CB  . ASP A 1 99  ? -3.600  6.644   3.025   1.00 19.52 ? 105 ASP L CB  1 
ATOM   759  C CG  . ASP A 1 99  ? -4.703  6.041   2.239   1.00 7.71  ? 105 ASP L CG  1 
ATOM   760  O OD1 . ASP A 1 99  ? -5.778  5.756   2.917   1.00 29.69 ? 105 ASP L OD1 1 
ATOM   761  O OD2 . ASP A 1 99  ? -4.542  5.748   1.080   1.00 34.35 ? 105 ASP L OD2 1 
ATOM   762  N N   . ILE A 1 100 ? -2.549  9.451   4.705   1.00 20.84 ? 106 ILE L N   1 
ATOM   763  C CA  . ILE A 1 100 ? -1.397  10.149  5.282   1.00 21.05 ? 106 ILE L CA  1 
ATOM   764  C C   . ILE A 1 100 ? -1.510  10.271  6.828   1.00 23.22 ? 106 ILE L C   1 
ATOM   765  O O   . ILE A 1 100 ? -2.625  10.453  7.351   1.00 21.19 ? 106 ILE L O   1 
ATOM   766  C CB  . ILE A 1 100 ? -1.136  11.520  4.646   1.00 18.31 ? 106 ILE L CB  1 
ATOM   767  C CG1 . ILE A 1 100 ? -0.924  11.513  3.130   1.00 9.39  ? 106 ILE L CG1 1 
ATOM   768  C CG2 . ILE A 1 100 ? 0.089   12.180  5.295   1.00 10.57 ? 106 ILE L CG2 1 
ATOM   769  C CD1 . ILE A 1 100 ? -1.002  12.929  2.527   1.00 17.90 ? 106 ILE L CD1 1 
ATOM   770  N N   . ILE A 1 101 ? -0.371  10.150  7.579   1.00 23.48 ? 107 ILE L N   1 
ATOM   771  C CA  . ILE A 1 101 ? -0.412  10.239  9.044   1.00 19.13 ? 107 ILE L CA  1 
ATOM   772  C C   . ILE A 1 101 ? -0.305  11.723  9.387   1.00 16.86 ? 107 ILE L C   1 
ATOM   773  O O   . ILE A 1 101 ? 0.736   12.336  9.233   1.00 19.71 ? 107 ILE L O   1 
ATOM   774  C CB  . ILE A 1 101 ? 0.536   9.267   9.844   1.00 19.49 ? 107 ILE L CB  1 
ATOM   775  C CG1 . ILE A 1 101 ? -0.051  7.893   10.145  1.00 16.25 ? 107 ILE L CG1 1 
ATOM   776  C CG2 . ILE A 1 101 ? 0.661   9.769   11.276  1.00 11.54 ? 107 ILE L CG2 1 
ATOM   777  C CD1 . ILE A 1 101 ? -0.609  7.103   9.011   1.00 15.00 ? 107 ILE L CD1 1 
ATOM   778  N N   . TRP A 1 102 ? -1.425  12.298  9.804   1.00 15.66 ? 108 TRP L N   1 
ATOM   779  C CA  . TRP A 1 102 ? -1.608  13.712  10.133  1.00 13.78 ? 108 TRP L CA  1 
ATOM   780  C C   . TRP A 1 102 ? -1.217  14.123  11.512  1.00 16.05 ? 108 TRP L C   1 
ATOM   781  O O   . TRP A 1 102 ? -1.949  14.862  12.182  1.00 15.65 ? 108 TRP L O   1 
ATOM   782  C CB  . TRP A 1 102 ? -3.002  14.234  9.729   1.00 8.91  ? 108 TRP L CB  1 
ATOM   783  C CG  . TRP A 1 102 ? -3.236  14.209  8.215   1.00 9.94  ? 108 TRP L CG  1 
ATOM   784  C CD1 . TRP A 1 102 ? -4.289  13.661  7.515   1.00 13.92 ? 108 TRP L CD1 1 
ATOM   785  C CD2 . TRP A 1 102 ? -2.388  14.836  7.207   1.00 12.67 ? 108 TRP L CD2 1 
ATOM   786  N NE1 . TRP A 1 102 ? -4.116  13.853  6.167   1.00 13.33 ? 108 TRP L NE1 1 
ATOM   787  C CE2 . TRP A 1 102 ? -2.972  14.587  5.944   1.00 14.26 ? 108 TRP L CE2 1 
ATOM   788  C CE3 . TRP A 1 102 ? -1.204  15.563  7.252   1.00 14.87 ? 108 TRP L CE3 1 
ATOM   789  C CZ2 . TRP A 1 102 ? -2.419  15.060  4.759   1.00 11.85 ? 108 TRP L CZ2 1 
ATOM   790  C CZ3 . TRP A 1 102 ? -0.661  16.012  6.090   1.00 14.50 ? 108 TRP L CZ3 1 
ATOM   791  C CH2 . TRP A 1 102 ? -1.266  15.761  4.872   1.00 15.44 ? 108 TRP L CH2 1 
ATOM   792  N N   . CYS A 1 103 ? -0.024  13.678  11.876  1.00 16.89 ? 109 CYS L N   1 
ATOM   793  C CA  . CYS A 1 103 ? 0.572   13.933  13.184  1.00 18.05 ? 109 CYS L CA  1 
ATOM   794  C C   . CYS A 1 103 ? 1.517   15.115  13.230  1.00 21.03 ? 109 CYS L C   1 
ATOM   795  O O   . CYS A 1 103 ? 1.916   15.521  14.291  1.00 22.58 ? 109 CYS L O   1 
ATOM   796  C CB  . CYS A 1 103 ? 1.280   12.684  13.715  1.00 18.39 ? 109 CYS L CB  1 
ATOM   797  S SG  . CYS A 1 103 ? 0.083   11.501  14.390  1.00 18.19 ? 109 CYS L SG  1 
ATOM   798  N N   . PHE A 1 104 ? 1.857   15.687  12.084  1.00 22.61 ? 110 PHE L N   1 
ATOM   799  C CA  . PHE A 1 104 ? 2.768   16.816  11.993  1.00 17.31 ? 110 PHE L CA  1 
ATOM   800  C C   . PHE A 1 104 ? 2.425   17.902  12.953  1.00 15.82 ? 110 PHE L C   1 
ATOM   801  O O   . PHE A 1 104 ? 1.287   18.354  13.024  1.00 18.16 ? 110 PHE L O   1 
ATOM   802  C CB  . PHE A 1 104 ? 2.756   17.393  10.593  1.00 12.03 ? 110 PHE L CB  1 
ATOM   803  C CG  . PHE A 1 104 ? 3.144   16.410  9.519   1.00 11.12 ? 110 PHE L CG  1 
ATOM   804  C CD1 . PHE A 1 104 ? 4.452   15.951  9.383   1.00 14.02 ? 110 PHE L CD1 1 
ATOM   805  C CD2 . PHE A 1 104 ? 2.193   15.943  8.610   1.00 11.61 ? 110 PHE L CD2 1 
ATOM   806  C CE1 . PHE A 1 104 ? 4.809   15.051  8.379   1.00 12.40 ? 110 PHE L CE1 1 
ATOM   807  C CE2 . PHE A 1 104 ? 2.548   15.083  7.571   1.00 10.63 ? 110 PHE L CE2 1 
ATOM   808  C CZ  . PHE A 1 104 ? 3.852   14.641  7.456   1.00 13.12 ? 110 PHE L CZ  1 
ATOM   809  N N   . GLY A 1 105 ? 3.407   18.345  13.709  1.00 16.29 ? 111 GLY L N   1 
ATOM   810  C CA  . GLY A 1 105 ? 3.011   19.407  14.648  1.00 18.36 ? 111 GLY L CA  1 
ATOM   811  C C   . GLY A 1 105 ? 2.737   18.970  16.097  1.00 24.25 ? 111 GLY L C   1 
ATOM   812  O O   . GLY A 1 105 ? 2.704   19.782  17.016  1.00 29.27 ? 111 GLY L O   1 
ATOM   813  N N   . ALA A 1 106 ? 2.532   17.695  16.336  1.00 23.65 ? 112 ALA L N   1 
ATOM   814  C CA  . ALA A 1 106 ? 2.323   17.215  17.689  1.00 20.59 ? 112 ALA L CA  1 
ATOM   815  C C   . ALA A 1 106 ? 3.598   17.503  18.466  1.00 23.79 ? 112 ALA L C   1 
ATOM   816  O O   . ALA A 1 106 ? 4.686   17.497  17.932  1.00 26.03 ? 112 ALA L O   1 
ATOM   817  C CB  . ALA A 1 106 ? 2.077   15.703  17.676  1.00 18.33 ? 112 ALA L CB  1 
ATOM   818  N N   . GLU A 1 107 ? 3.477   17.756  19.742  1.00 25.19 ? 113 GLU L N   1 
ATOM   819  C CA  . GLU A 1 107 ? 4.625   18.030  20.570  1.00 22.44 ? 113 GLU L CA  1 
ATOM   820  C C   . GLU A 1 107 ? 5.497   16.829  20.650  1.00 23.77 ? 113 GLU L C   1 
ATOM   821  O O   . GLU A 1 107 ? 5.121   15.702  20.356  1.00 24.13 ? 113 GLU L O   1 
ATOM   822  C CB  . GLU A 1 107 ? 4.209   18.096  22.032  1.00 25.73 ? 113 GLU L CB  1 
ATOM   823  C CG  . GLU A 1 107 ? 4.248   19.467  22.700  1.00 55.15 ? 113 GLU L CG  1 
ATOM   824  C CD  . GLU A 1 107 ? 3.272   19.528  23.854  1.00 67.46 ? 113 GLU L CD  1 
ATOM   825  O OE1 . GLU A 1 107 ? 2.190   18.797  23.660  1.00 83.47 ? 113 GLU L OE1 1 
ATOM   826  O OE2 . GLU A 1 107 ? 3.470   20.187  24.863  1.00 84.03 ? 113 GLU L OE2 1 
ATOM   827  N N   . ASP A 1 108 ? 6.663   17.111  21.144  1.00 23.98 ? 114 ASP L N   1 
ATOM   828  C CA  . ASP A 1 108 ? 7.601   16.070  21.342  1.00 29.72 ? 114 ASP L CA  1 
ATOM   829  C C   . ASP A 1 108 ? 7.922   15.255  20.098  1.00 31.18 ? 114 ASP L C   1 
ATOM   830  O O   . ASP A 1 108 ? 8.584   14.226  20.145  1.00 29.25 ? 114 ASP L O   1 
ATOM   831  C CB  . ASP A 1 108 ? 7.020   15.221  22.504  1.00 33.89 ? 114 ASP L CB  1 
ATOM   832  C CG  . ASP A 1 108 ? 7.397   15.755  23.885  1.00 54.07 ? 114 ASP L CG  1 
ATOM   833  O OD1 . ASP A 1 108 ? 8.502   16.241  24.124  1.00 53.40 ? 114 ASP L OD1 1 
ATOM   834  O OD2 . ASP A 1 108 ? 6.422   15.688  24.772  1.00 52.89 ? 114 ASP L OD2 1 
ATOM   835  N N   . ASP A 1 109 ? 7.439   15.690  18.954  1.00 36.26 ? 115 ASP L N   1 
ATOM   836  C CA  . ASP A 1 109 ? 7.689   14.947  17.718  1.00 38.12 ? 115 ASP L CA  1 
ATOM   837  C C   . ASP A 1 109 ? 6.905   13.645  17.577  1.00 33.36 ? 115 ASP L C   1 
ATOM   838  O O   . ASP A 1 109 ? 7.333   12.743  16.859  1.00 33.44 ? 115 ASP L O   1 
ATOM   839  C CB  . ASP A 1 109 ? 9.172   14.670  17.470  1.00 40.16 ? 115 ASP L CB  1 
ATOM   840  C CG  . ASP A 1 109 ? 9.981   15.921  17.204  1.00 74.16 ? 115 ASP L CG  1 
ATOM   841  O OD1 . ASP A 1 109 ? 9.261   16.977  16.784  1.00 59.38 ? 115 ASP L OD1 1 
ATOM   842  O OD2 . ASP A 1 109 ? 11.198  15.929  17.396  1.00 60.08 ? 115 ASP L OD2 1 
ATOM   843  N N   . ALA A 1 110 ? 5.786   13.562  18.282  1.00 26.18 ? 116 ALA L N   1 
ATOM   844  C CA  . ALA A 1 110 ? 4.951   12.404  18.231  1.00 20.38 ? 116 ALA L CA  1 
ATOM   845  C C   . ALA A 1 110 ? 4.469   12.288  16.785  1.00 19.68 ? 116 ALA L C   1 
ATOM   846  O O   . ALA A 1 110 ? 3.917   13.254  16.287  1.00 23.62 ? 116 ALA L O   1 
ATOM   847  C CB  . ALA A 1 110 ? 3.831   12.622  19.237  1.00 20.06 ? 116 ALA L CB  1 
ATOM   848  N N   . MET A 1 111 ? 4.710   11.124  16.134  1.00 17.97 ? 117 MET L N   1 
ATOM   849  C CA  . MET A 1 111 ? 4.328   10.780  14.766  1.00 19.81 ? 117 MET L CA  1 
ATOM   850  C C   . MET A 1 111 ? 3.600   9.450   14.661  1.00 13.96 ? 117 MET L C   1 
ATOM   851  O O   . MET A 1 111 ? 3.257   9.013   13.566  1.00 16.08 ? 117 MET L O   1 
ATOM   852  C CB  . MET A 1 111 ? 5.509   10.735  13.803  1.00 24.71 ? 117 MET L CB  1 
ATOM   853  C CG  . MET A 1 111 ? 5.967   12.101  13.287  1.00 24.11 ? 117 MET L CG  1 
ATOM   854  S SD  . MET A 1 111 ? 4.706   13.127  12.517  1.00 21.22 ? 117 MET L SD  1 
ATOM   855  C CE  . MET A 1 111 ? 4.284   12.165  11.066  1.00 11.75 ? 117 MET L CE  1 
ATOM   856  N N   . THR A 1 112 ? 3.374   8.808   15.815  1.00 14.39 ? 118 THR L N   1 
ATOM   857  C CA  . THR A 1 112 ? 2.657   7.539   15.875  1.00 13.21 ? 118 THR L CA  1 
ATOM   858  C C   . THR A 1 112 ? 1.193   7.833   15.933  1.00 10.09 ? 118 THR L C   1 
ATOM   859  O O   . THR A 1 112 ? 0.807   8.774   16.565  1.00 12.99 ? 118 THR L O   1 
ATOM   860  C CB  . THR A 1 112 ? 3.049   6.625   17.005  1.00 10.92 ? 118 THR L CB  1 
ATOM   861  O OG1 . THR A 1 112 ? 3.325   7.359   18.167  1.00 18.74 ? 118 THR L OG1 1 
ATOM   862  C CG2 . THR A 1 112 ? 4.168   5.731   16.587  1.00 14.75 ? 118 THR L CG2 1 
ATOM   863  N N   . TYR A 1 113 ? 0.411   7.064   15.220  1.00 13.75 ? 119 TYR L N   1 
ATOM   864  C CA  . TYR A 1 113 ? -1.015  7.266   15.134  1.00 14.59 ? 119 TYR L CA  1 
ATOM   865  C C   . TYR A 1 113 ? -1.811  6.588   16.267  1.00 15.48 ? 119 TYR L C   1 
ATOM   866  O O   . TYR A 1 113 ? -1.683  5.398   16.472  1.00 13.39 ? 119 TYR L O   1 
ATOM   867  C CB  . TYR A 1 113 ? -1.514  6.759   13.768  1.00 12.45 ? 119 TYR L CB  1 
ATOM   868  C CG  . TYR A 1 113 ? -3.031  6.894   13.723  1.00 16.97 ? 119 TYR L CG  1 
ATOM   869  C CD1 . TYR A 1 113 ? -3.621  8.149   13.556  1.00 16.60 ? 119 TYR L CD1 1 
ATOM   870  C CD2 . TYR A 1 113 ? -3.868  5.813   13.950  1.00 15.35 ? 119 TYR L CD2 1 
ATOM   871  C CE1 . TYR A 1 113 ? -4.999  8.308   13.580  1.00 14.35 ? 119 TYR L CE1 1 
ATOM   872  C CE2 . TYR A 1 113 ? -5.259  5.929   13.926  1.00 12.17 ? 119 TYR L CE2 1 
ATOM   873  C CZ  . TYR A 1 113 ? -5.811  7.179   13.719  1.00 15.65 ? 119 TYR L CZ  1 
ATOM   874  O OH  . TYR A 1 113 ? -7.171  7.327   13.703  1.00 21.26 ? 119 TYR L OH  1 
ATOM   875  N N   . HIS A 1 114 ? -2.625  7.343   17.007  1.00 10.60 ? 120 HIS L N   1 
ATOM   876  C CA  . HIS A 1 114 ? -3.441  6.781   18.055  1.00 9.43  ? 120 HIS L CA  1 
ATOM   877  C C   . HIS A 1 114 ? -4.923  6.854   17.674  1.00 14.71 ? 120 HIS L C   1 
ATOM   878  O O   . HIS A 1 114 ? -5.628  5.859   17.669  1.00 12.60 ? 120 HIS L O   1 
ATOM   879  C CB  . HIS A 1 114 ? -3.248  7.514   19.421  1.00 9.67  ? 120 HIS L CB  1 
ATOM   880  C CG  . HIS A 1 114 ? -4.074  6.899   20.523  1.00 10.13 ? 120 HIS L CG  1 
ATOM   881  N ND1 . HIS A 1 114 ? -3.842  5.592   20.977  1.00 12.72 ? 120 HIS L ND1 1 
ATOM   882  C CD2 . HIS A 1 114 ? -5.111  7.391   21.234  1.00 11.03 ? 120 HIS L CD2 1 
ATOM   883  C CE1 . HIS A 1 114 ? -4.704  5.349   21.953  1.00 11.32 ? 120 HIS L CE1 1 
ATOM   884  N NE2 . HIS A 1 114 ? -5.503  6.395   22.118  1.00 11.66 ? 120 HIS L NE2 1 
ATOM   885  N N   . CYS A 1 115 ? -5.423  8.073   17.402  1.00 18.96 ? 121 CYS L N   1 
ATOM   886  C CA  . CYS A 1 115 ? -6.804  8.250   17.047  1.00 17.49 ? 121 CYS L CA  1 
ATOM   887  C C   . CYS A 1 115 ? -6.980  9.589   16.357  1.00 17.50 ? 121 CYS L C   1 
ATOM   888  O O   . CYS A 1 115 ? -6.061  10.394  16.303  1.00 12.89 ? 121 CYS L O   1 
ATOM   889  C CB  . CYS A 1 115 ? -7.671  8.068   18.288  1.00 15.02 ? 121 CYS L CB  1 
ATOM   890  S SG  . CYS A 1 115 ? -7.548  9.395   19.542  1.00 19.81 ? 121 CYS L SG  1 
ATOM   891  N N   . THR A 1 116 ? -8.152  9.808   15.804  1.00 18.22 ? 122 THR L N   1 
ATOM   892  C CA  . THR A 1 116 ? -8.498  11.035  15.082  1.00 18.13 ? 122 THR L CA  1 
ATOM   893  C C   . THR A 1 116 ? -9.722  11.764  15.667  1.00 18.62 ? 122 THR L C   1 
ATOM   894  O O   . THR A 1 116 ? -10.737 11.100  15.953  1.00 20.73 ? 122 THR L O   1 
ATOM   895  C CB  . THR A 1 116 ? -8.825  10.741  13.604  1.00 13.81 ? 122 THR L CB  1 
ATOM   896  O OG1 . THR A 1 116 ? -7.734  10.114  13.029  1.00 18.68 ? 122 THR L OG1 1 
ATOM   897  C CG2 . THR A 1 116 ? -9.096  11.999  12.812  1.00 15.15 ? 122 THR L CG2 1 
ATOM   898  N N   . ILE A 1 117 ? -9.637  13.126  15.815  1.00 13.90 ? 123 ILE L N   1 
ATOM   899  C CA  . ILE A 1 117 ? -10.762 13.938  16.276  1.00 15.33 ? 123 ILE L CA  1 
ATOM   900  C C   . ILE A 1 117 ? -11.549 14.520  15.088  1.00 19.24 ? 123 ILE L C   1 
ATOM   901  O O   . ILE A 1 117 ? -11.057 14.577  13.942  1.00 17.04 ? 123 ILE L O   1 
ATOM   902  C CB  . ILE A 1 117 ? -10.376 15.038  17.234  1.00 17.16 ? 123 ILE L CB  1 
ATOM   903  C CG1 . ILE A 1 117 ? -9.162  15.758  16.706  1.00 12.28 ? 123 ILE L CG1 1 
ATOM   904  C CG2 . ILE A 1 117 ? -10.146 14.447  18.617  1.00 12.20 ? 123 ILE L CG2 1 
ATOM   905  C CD1 . ILE A 1 117 ? -8.874  17.014  17.499  1.00 14.93 ? 123 ILE L CD1 1 
ATOM   906  N N   . SER A 1 118 ? -12.780 14.943  15.351  1.00 19.48 ? 124 SER L N   1 
ATOM   907  C CA  . SER A 1 118 ? -13.642 15.492  14.303  1.00 18.77 ? 124 SER L CA  1 
ATOM   908  C C   . SER A 1 118 ? -14.177 16.887  14.638  1.00 19.20 ? 124 SER L C   1 
ATOM   909  O O   . SER A 1 118 ? -15.387 17.125  14.764  1.00 20.42 ? 124 SER L O   1 
ATOM   910  C CB  . SER A 1 118 ? -14.799 14.550  13.992  1.00 13.90 ? 124 SER L CB  1 
ATOM   911  O OG  . SER A 1 118 ? -14.315 13.267  13.632  1.00 15.09 ? 124 SER L OG  1 
ATOM   912  N N   . PRO A 1 119 ? -13.277 17.826  14.832  1.00 18.00 ? 125 PRO L N   1 
ATOM   913  C CA  . PRO A 1 119 ? -13.753 19.154  15.155  1.00 20.91 ? 125 PRO L CA  1 
ATOM   914  C C   . PRO A 1 119 ? -14.229 19.894  13.878  1.00 23.67 ? 125 PRO L C   1 
ATOM   915  O O   . PRO A 1 119 ? -13.800 19.667  12.763  1.00 24.23 ? 125 PRO L O   1 
ATOM   916  C CB  . PRO A 1 119 ? -12.566 19.881  15.802  1.00 17.05 ? 125 PRO L CB  1 
ATOM   917  C CG  . PRO A 1 119 ? -11.348 19.196  15.201  1.00 17.06 ? 125 PRO L CG  1 
ATOM   918  C CD  . PRO A 1 119 ? -11.791 17.815  14.744  1.00 16.97 ? 125 PRO L CD  1 
ATOM   919  N N   . ILE A 1 120 ? -15.182 20.783  14.030  1.00 25.32 ? 126 ILE L N   1 
ATOM   920  C CA  . ILE A 1 120 ? -15.640 21.552  12.920  1.00 23.73 ? 126 ILE L CA  1 
ATOM   921  C C   . ILE A 1 120 ? -14.777 22.788  12.896  1.00 24.17 ? 126 ILE L C   1 
ATOM   922  O O   . ILE A 1 120 ? -14.498 23.445  13.933  1.00 22.03 ? 126 ILE L O   1 
ATOM   923  C CB  . ILE A 1 120 ? -17.048 22.026  13.091  1.00 23.51 ? 126 ILE L CB  1 
ATOM   924  C CG1 . ILE A 1 120 ? -18.015 20.948  12.672  1.00 24.60 ? 126 ILE L CG1 1 
ATOM   925  C CG2 . ILE A 1 120 ? -17.245 23.261  12.224  1.00 22.65 ? 126 ILE L CG2 1 
ATOM   926  C CD1 . ILE A 1 120 ? -19.287 21.141  13.475  1.00 14.07 ? 126 ILE L CD1 1 
ATOM   927  N N   . VAL A 1 121 ? -14.373 23.083  11.677  1.00 27.97 ? 127 VAL L N   1 
ATOM   928  C CA  . VAL A 1 121 ? -13.501 24.213  11.422  1.00 29.55 ? 127 VAL L CA  1 
ATOM   929  C C   . VAL A 1 121 ? -14.202 25.345  10.644  1.00 29.75 ? 127 VAL L C   1 
ATOM   930  O O   . VAL A 1 121 ? -13.693 26.417  10.481  1.00 32.35 ? 127 VAL L O   1 
ATOM   931  C CB  . VAL A 1 121 ? -12.308 23.579  10.742  1.00 30.18 ? 127 VAL L CB  1 
ATOM   932  C CG1 . VAL A 1 121 ? -12.095 24.073  9.338   1.00 26.96 ? 127 VAL L CG1 1 
ATOM   933  C CG2 . VAL A 1 121 ? -11.085 23.705  11.591  1.00 21.25 ? 127 VAL L CG2 1 
ATOM   934  N N   . GLY A 1 122 ? -15.423 25.115  10.188  1.00 25.94 ? 128 GLY L N   1 
ATOM   935  C CA  . GLY A 1 122 ? -16.198 26.084  9.490   1.00 19.80 ? 128 GLY L CA  1 
ATOM   936  C C   . GLY A 1 122 ? -17.173 25.428  8.540   1.00 26.76 ? 128 GLY L C   1 
ATOM   937  O O   . GLY A 1 122 ? -17.092 24.227  8.329   1.00 34.00 ? 128 GLY L O   1 
ATOM   938  N N   . LYS A 1 123 ? -18.114 26.222  8.015   1.00 29.35 ? 129 LYS L N   1 
ATOM   939  C CA  . LYS A 1 123 ? -19.122 25.845  7.009   1.00 30.68 ? 129 LYS L CA  1 
ATOM   940  C C   . LYS A 1 123 ? -18.302 25.952  5.750   1.00 33.32 ? 129 LYS L C   1 
ATOM   941  O O   . LYS A 1 123 ? -17.317 26.652  5.847   1.00 34.80 ? 129 LYS L O   1 
ATOM   942  C CB  . LYS A 1 123 ? -20.139 26.978  7.038   1.00 30.60 ? 129 LYS L CB  1 
ATOM   943  C CG  . LYS A 1 123 ? -21.587 26.523  7.053   1.00 50.94 ? 129 LYS L CG  1 
ATOM   944  C CD  . LYS A 1 123 ? -22.480 27.576  7.680   1.00 46.76 ? 129 LYS L CD  1 
ATOM   945  C CE  . LYS A 1 123 ? -22.367 27.602  9.207   1.00 58.67 ? 129 LYS L CE  1 
ATOM   946  N NZ  . LYS A 1 123 ? -23.678 27.600  9.927   1.00 74.13 ? 129 LYS L NZ  1 
ATOM   947  N N   . ALA A 1 124 ? -18.487 25.374  4.570   1.00 39.18 ? 130 ALA L N   1 
ATOM   948  C CA  . ALA A 1 124 ? -19.439 24.482  3.954   1.00 49.05 ? 130 ALA L CA  1 
ATOM   949  C C   . ALA A 1 124 ? -18.595 23.418  3.210   1.00 60.47 ? 130 ALA L C   1 
ATOM   950  O O   . ALA A 1 124 ? -17.703 22.798  3.851   1.00 60.16 ? 130 ALA L O   1 
ATOM   951  C CB  . ALA A 1 124 ? -20.294 25.250  2.895   1.00 45.99 ? 130 ALA L CB  1 
ATOM   952  O OXT . ALA A 1 124 ? -18.774 23.257  1.958   1.00 69.10 ? 130 ALA L OXT 1 
ATOM   953  C CA  . SER B 2 1   ? -2.931  -31.278 4.764   1.00 32.65 ? 1   SER H CA  1 
ATOM   954  C CA  . SER B 2 2   ? 0.368   -29.711 5.844   1.00 29.48 ? 2   SER H CA  1 
ATOM   955  C CA  . ALA B 2 3   ? -0.584  -30.742 9.308   1.00 25.46 ? 3   ALA H CA  1 
ATOM   956  C CA  . SER B 2 4   ? -1.618  -34.156 8.331   1.00 24.81 ? 4   SER H CA  1 
ATOM   957  C CA  . ALA B 2 5   ? 1.404   -34.658 6.152   1.00 24.35 ? 5   ALA H CA  1 
ATOM   958  C CA  . ALA B 2 6   ? 3.383   -33.660 9.247   1.00 32.77 ? 6   ALA H CA  1 
ATOM   959  C CA  . ALA B 2 7   ? 1.808   -35.990 11.639  1.00 22.51 ? 7   ALA H CA  1 
ATOM   960  C CA  . ALA B 2 8   ? 2.436   -38.806 9.181   1.00 30.86 ? 8   ALA H CA  1 
ATOM   961  C CA  . ALA B 2 9   ? 6.076   -38.029 8.727   1.00 29.89 ? 9   ALA H CA  1 
ATOM   962  C CA  . ALA B 2 10  ? 6.661   -37.449 12.406  1.00 25.91 ? 10  ALA H CA  1 
ATOM   963  C CA  . ALA B 2 11  ? 4.890   -40.684 13.208  1.00 29.95 ? 11  ALA H CA  1 
ATOM   964  C CA  . ALA B 2 12  ? 7.180   -42.492 10.794  1.00 30.95 ? 12  ALA H CA  1 
ATOM   965  C CA  . ALA B 2 13  ? 10.368  -41.283 12.184  1.00 30.64 ? 13  ALA H CA  1 
ATOM   966  C CA  . LEU B 2 14  ? 9.425   -42.277 15.716  1.00 33.61 ? 14  LEU H CA  1 
ATOM   967  C CA  . ALA B 2 15  ? 8.614   -45.688 14.479  1.00 34.99 ? 15  ALA H CA  1 
ATOM   968  C CA  . ALA B 2 16  ? 11.833  -45.928 12.602  1.00 32.14 ? 16  ALA H CA  1 
ATOM   969  C CA  . GLY B 2 17  ? 13.472  -44.890 15.765  1.00 44.39 ? 17  GLY H CA  1 
ATOM   970  C CA  . ALA B 2 18  ? 14.720  -41.693 14.215  1.00 36.45 ? 18  ALA H CA  1 
ATOM   971  C CA  . ALA B 2 19  ? 15.525  -39.014 16.832  1.00 38.63 ? 19  ALA H CA  1 
ATOM   972  C CA  . ASP B 2 20  ? 14.312  -35.346 16.998  1.00 19.62 ? 20  ASP H CA  1 
ATOM   973  C CA  . GLY B 2 21  ? 17.336  -33.019 16.752  1.00 26.72 ? 21  GLY H CA  1 
ATOM   974  C CA  . PRO B 2 22  ? 16.077  -29.375 16.732  1.00 16.41 ? 22  PRO H CA  1 
ATOM   975  C CA  . THR B 2 23  ? 17.619  -26.852 14.475  1.00 23.39 ? 23  THR H CA  1 
ATOM   976  C CA  . ASN B 2 24  ? 16.772  -23.478 12.805  1.00 23.12 ? 24  ASN H CA  1 
ATOM   977  C CA  . ASP B 2 25  ? 15.367  -23.956 9.319   1.00 21.79 ? 25  ASP H CA  1 
ATOM   978  C CA  . GLU B 2 26  ? 16.432  -22.269 6.139   1.00 18.19 ? 26  GLU H CA  1 
ATOM   979  C CA  . ALA B 2 27  ? 13.877  -21.087 3.520   1.00 20.84 ? 27  ALA H CA  1 
ATOM   980  C CA  . PRO B 2 28  ? 13.848  -22.481 -0.012  1.00 21.35 ? 28  PRO H CA  1 
ATOM   981  C CA  . GLY B 2 29  ? 15.567  -20.437 -2.715  1.00 28.01 ? 29  GLY H CA  1 
ATOM   982  C CA  . ALA B 2 30  ? 13.562  -17.425 -3.774  1.00 21.77 ? 30  ALA H CA  1 
ATOM   983  C CA  . ASP B 2 31  ? 11.197  -18.218 -6.806  1.00 29.40 ? 31  ASP H CA  1 
ATOM   984  C CA  . GLY B 2 32  ? 8.679   -16.720 -9.291  1.00 23.25 ? 32  GLY H CA  1 
ATOM   985  C CA  . ARG B 2 33  ? 5.955   -18.377 -7.000  1.00 22.73 ? 33  ARG H CA  1 
ATOM   986  C CA  . ARG B 2 34  ? 6.993   -16.923 -3.600  1.00 20.91 ? 34  ARG H CA  1 
ATOM   987  C CA  . SER B 2 35  ? 4.787   -13.966 -2.380  1.00 20.25 ? 35  SER H CA  1 
ATOM   988  C CA  . TYR B 2 36  ? 5.398   -11.593 0.522   1.00 15.21 ? 36  TYR H CA  1 
ATOM   989  C CA  . ILE B 2 37  ? 2.423   -10.326 2.454   1.00 14.10 ? 37  ILE H CA  1 
ATOM   990  C CA  . ASN B 2 38  ? 2.935   -6.979  4.479   1.00 13.56 ? 38  ASN H CA  1 
ATOM   991  C CA  . LEU B 2 39  ? 0.488   -6.351  7.282   1.00 14.58 ? 39  LEU H CA  1 
ATOM   992  C CA  . PRO B 2 40  ? 0.350   -2.641  8.175   1.00 11.84 ? 40  PRO H CA  1 
ATOM   993  C CA  . ALA B 2 41  ? -1.939  -3.776  10.955  1.00 11.62 ? 41  ALA H CA  1 
ATOM   994  C CA  . HIS B 2 42  ? -4.153  -0.819  10.821  1.00 21.05 ? 42  HIS H CA  1 
ATOM   995  C CA  . HIS B 2 43  ? -1.549  1.792   11.742  1.00 12.72 ? 43  HIS H CA  1 
ATOM   996  C CA  . SER B 2 44  ? -0.108  -0.101  14.576  1.00 14.65 ? 44  SER H CA  1 
ATOM   997  C CA  . ALA B 2 45  ? 3.462   0.620   15.790  1.00 9.67  ? 45  ALA H CA  1 
ATOM   998  C CA  . ILE B 2 46  ? 4.939   -2.837  14.891  1.00 17.96 ? 46  ILE H CA  1 
ATOM   999  C CA  . ILE B 2 47  ? 3.982   -5.005  11.934  1.00 16.32 ? 47  ILE H CA  1 
ATOM   1000 C CA  . GLN B 2 48  ? 4.709   -8.314  10.291  1.00 13.78 ? 48  GLN H CA  1 
ATOM   1001 C CA  . GLN B 2 49  ? 5.372   -9.708  6.924   1.00 18.30 ? 49  GLN H CA  1 
ATOM   1002 C CA  . TRP B 2 50  ? 4.606   -13.293 5.726   1.00 13.22 ? 50  TRP H CA  1 
ATOM   1003 C CA  . VAL B 2 51  ? 6.618   -15.139 3.134   1.00 17.31 ? 51  VAL H CA  1 
ATOM   1004 C CA  . LEU B 2 52  ? 4.445   -17.771 1.348   1.00 19.74 ? 52  LEU H CA  1 
ATOM   1005 C CA  . ASP B 2 53  ? 4.812   -20.119 -1.430  1.00 18.64 ? 53  ASP H CA  1 
ATOM   1006 C CA  . ALA B 2 54  ? 2.292   -20.300 -4.385  1.00 19.54 ? 54  ALA H CA  1 
ATOM   1007 C CA  . GLY B 2 55  ? 2.154   -23.798 -5.099  1.00 26.83 ? 55  GLY H CA  1 
ATOM   1008 C CA  . SER B 2 56  ? 1.529   -24.923 -1.572  1.00 27.04 ? 56  SER H CA  1 
ATOM   1009 C CA  . GLY B 2 57  ? 0.156   -21.971 0.282   1.00 23.14 ? 57  GLY H CA  1 
ATOM   1010 C CA  . SER B 2 58  ? 2.902   -22.833 2.790   1.00 23.52 ? 58  SER H CA  1 
ATOM   1011 C CA  . ILE B 2 59  ? 4.350   -20.160 5.165   1.00 17.24 ? 59  ILE H CA  1 
ATOM   1012 C CA  . LEU B 2 60  ? 8.095   -20.138 4.677   1.00 18.19 ? 60  LEU H CA  1 
ATOM   1013 C CA  . GLY B 2 61  ? 8.989   -17.541 7.177   1.00 20.14 ? 61  GLY H CA  1 
ATOM   1014 C CA  . HIS B 2 62  ? 8.030   -14.070 8.276   1.00 24.31 ? 62  HIS H CA  1 
ATOM   1015 C CA  . VAL B 2 63  ? 9.732   -10.839 9.198   1.00 15.96 ? 63  VAL H CA  1 
ATOM   1016 C CA  . ASN B 2 64  ? 9.051   -8.129  11.810  1.00 13.73 ? 64  ASN H CA  1 
ATOM   1017 C CA  . GLY B 2 65  ? 8.903   -4.391  11.006  1.00 6.38  ? 65  GLY H CA  1 
ATOM   1018 C CA  . GLY B 2 66  ? 8.103   -1.196  12.705  1.00 3.09  ? 66  GLY H CA  1 
ATOM   1019 C CA  . PHE B 2 67  ? 5.560   1.474   11.878  1.00 14.40 ? 67  PHE H CA  1 
ATOM   1020 C CA  . LEU B 2 68  ? 4.206   1.606   8.362   1.00 16.59 ? 68  LEU H CA  1 
ATOM   1021 C CA  . PRO B 2 69  ? 7.245   0.078   6.763   1.00 16.05 ? 69  PRO H CA  1 
ATOM   1022 C CA  . ASN B 2 70  ? 7.652   -0.040  2.886   1.00 17.21 ? 70  ASN H CA  1 
ATOM   1023 C CA  . PRO B 2 71  ? 8.666   -3.531  1.784   1.00 16.67 ? 71  PRO H CA  1 
ATOM   1024 C CA  . VAL B 2 72  ? 10.828  -4.112  -1.370  1.00 19.57 ? 72  VAL H CA  1 
ATOM   1025 C CA  . ALA B 2 73  ? 11.996  -7.261  -3.217  1.00 18.75 ? 73  ALA H CA  1 
ATOM   1026 C CA  . ALA B 2 74  ? 14.882  -7.540  -5.623  1.00 18.85 ? 74  ALA H CA  1 
ATOM   1027 C CA  . HIS B 2 75  ? 13.476  -8.876  -8.849  1.00 26.58 ? 75  HIS H CA  1 
ATOM   1028 C CA  . SER B 2 76  ? 16.372  -11.321 -9.253  1.00 25.97 ? 76  SER H CA  1 
ATOM   1029 C CA  . GLY B 2 77  ? 15.360  -12.718 -5.914  1.00 23.10 ? 77  GLY H CA  1 
ATOM   1030 C CA  . SER B 2 78  ? 18.637  -11.752 -4.339  1.00 27.74 ? 78  SER H CA  1 
ATOM   1031 C CA  . GLU B 2 79  ? 17.279  -9.973  -1.307  1.00 23.31 ? 79  GLU H CA  1 
ATOM   1032 C CA  . PHE B 2 80  ? 14.178  -8.434  0.155   1.00 14.21 ? 80  PHE H CA  1 
ATOM   1033 C CA  . ALA B 2 81  ? 14.284  -5.259  2.204   1.00 11.04 ? 81  ALA H CA  1 
ATOM   1034 C CA  . LEU B 2 82  ? 12.163  -2.882  4.369   1.00 15.76 ? 82  LEU H CA  1 
ATOM   1035 C CA  . ALA B 2 83  ? 12.349  0.884   4.996   1.00 12.18 ? 83  ALA H CA  1 
ATOM   1036 C CA  . SER B 2 84  ? 11.145  0.936   8.696   1.00 14.44 ? 84  SER H CA  1 
ATOM   1037 C CA  . THR B 2 85  ? 10.654  3.263   11.698  1.00 13.08 ? 85  THR H CA  1 
ATOM   1038 C CA  . SER B 2 86  ? 11.153  2.541   15.524  1.00 17.11 ? 86  SER H CA  1 
ATOM   1039 C CA  . PHE B 2 87  ? 10.740  4.582   18.770  1.00 21.65 ? 87  PHE H CA  1 
ATOM   1040 C CA  . SER B 2 88  ? 12.724  4.348   22.040  1.00 21.01 ? 88  SER H CA  1 
ATOM   1041 C CA  . ARG B 2 89  ? 9.591   3.663   24.041  1.00 17.85 ? 89  ARG H CA  1 
ATOM   1042 C CA  . ILE B 2 90  ? 7.211   1.718   21.818  1.00 20.13 ? 90  ILE H CA  1 
ATOM   1043 C CA  . ALA B 2 91  ? 5.418   4.521   20.040  1.00 15.23 ? 91  ALA H CA  1 
ATOM   1044 C CA  . LYS B 2 92  ? 7.147   7.444   21.678  1.00 17.39 ? 92  LYS H CA  1 
ATOM   1045 C CA  . GLY B 2 93  ? 10.651  8.591   22.476  1.00 20.64 ? 93  GLY H CA  1 
ATOM   1046 C CA  . LYS B 2 94  ? 13.554  8.882   19.965  1.00 24.93 ? 94  LYS H CA  1 
ATOM   1047 C CA  . ARG B 2 95  ? 12.586  7.714   16.535  1.00 17.81 ? 95  ARG H CA  1 
ATOM   1048 C CA  . THR B 2 96  ? 14.985  5.896   14.279  1.00 16.76 ? 96  THR H CA  1 
ATOM   1049 C CA  . ASP B 2 97  ? 14.217  5.321   10.504  1.00 15.92 ? 97  ASP H CA  1 
ATOM   1050 C CA  . TYR B 2 98  ? 16.414  2.550   8.981   1.00 13.83 ? 98  TYR H CA  1 
ATOM   1051 C CA  . VAL B 2 99  ? 16.607  0.423   5.878   1.00 20.33 ? 99  VAL H CA  1 
ATOM   1052 C CA  . GLU B 2 100 ? 16.918  -3.258  6.593   1.00 15.69 ? 100 GLU H CA  1 
ATOM   1053 C CA  . VAL B 2 101 ? 18.054  -5.923  4.136   1.00 15.11 ? 101 VAL H CA  1 
ATOM   1054 C CA  . PHE B 2 102 ? 17.404  -9.562  4.519   1.00 15.43 ? 102 PHE H CA  1 
ATOM   1055 C CA  . ASP B 2 103 ? 19.021  -12.676 3.308   1.00 24.17 ? 103 ASP H CA  1 
ATOM   1056 C CA  . PRO B 2 104 ? 16.345  -14.556 1.316   1.00 23.73 ? 104 PRO H CA  1 
ATOM   1057 C CA  . VAL B 2 105 ? 17.168  -17.952 2.608   1.00 19.97 ? 105 VAL H CA  1 
ATOM   1058 C CA  . THR B 2 106 ? 18.240  -17.390 6.180   1.00 26.35 ? 106 THR H CA  1 
ATOM   1059 C CA  . PHE B 2 107 ? 16.033  -14.285 6.727   1.00 20.78 ? 107 PHE H CA  1 
ATOM   1060 C CA  . LEU B 2 108 ? 18.730  -12.704 8.656   1.00 18.31 ? 108 LEU H CA  1 
ATOM   1061 C CA  . PRO B 2 109 ? 19.402  -9.096  8.358   1.00 20.82 ? 109 PRO H CA  1 
ATOM   1062 C CA  . ILE B 2 110 ? 22.456  -8.584  6.296   1.00 24.79 ? 110 ILE H CA  1 
ATOM   1063 C CA  . ALA B 2 111 ? 22.283  -4.829  6.527   1.00 22.10 ? 111 ALA H CA  1 
ATOM   1064 C CA  . ASP B 2 112 ? 20.714  -2.200  8.695   1.00 23.25 ? 112 ASP H CA  1 
ATOM   1065 C CA  . ILE B 2 113 ? 21.101  1.367   7.444   1.00 22.46 ? 113 ILE H CA  1 
ATOM   1066 C CA  . GLU B 2 114 ? 19.994  4.354   9.503   1.00 25.26 ? 114 GLU H CA  1 
ATOM   1067 C CA  . LEU B 2 115 ? 18.363  7.242   7.775   1.00 23.39 ? 115 LEU H CA  1 
ATOM   1068 C CA  . PRO B 2 116 ? 19.351  10.531  9.233   1.00 29.91 ? 116 PRO H CA  1 
ATOM   1069 C CA  . ASP B 2 117 ? 16.845  12.864  10.582  1.00 31.46 ? 117 ASP H CA  1 
ATOM   1070 C CA  . ALA B 2 118 ? 13.955  10.380  10.423  1.00 28.30 ? 118 ALA H CA  1 
ATOM   1071 C CA  . PRO B 2 119 ? 13.063  11.261  6.816   1.00 15.94 ? 119 PRO H CA  1 
ATOM   1072 C CA  . ARG B 2 120 ? 10.491  8.560   5.963   1.00 16.09 ? 120 ARG H CA  1 
ATOM   1073 C CA  . PHE B 2 121 ? 7.040   9.617   4.873   1.00 12.54 ? 121 PHE H CA  1 
ATOM   1074 C CA  . ASP B 2 122 ? 4.534   7.946   7.230   1.00 11.20 ? 122 ASP H CA  1 
ATOM   1075 C CA  . VAL B 2 123 ? 1.485   6.994   5.147   1.00 15.67 ? 123 VAL H CA  1 
ATOM   1076 C CA  . GLY B 2 124 ? -0.541  3.757   4.250   1.00 14.28 ? 124 GLY H CA  1 
ATOM   1077 C CA  . PRO B 2 125 ? 1.618   1.634   1.801   1.00 16.10 ? 125 PRO H CA  1 
ATOM   1078 C CA  . TYR B 2 126 ? 1.202   1.831   -1.901  1.00 13.10 ? 126 TYR H CA  1 
ATOM   1079 C CA  . SER B 2 127 ? 3.688   -0.376  -3.935  1.00 16.56 ? 127 SER H CA  1 
ATOM   1080 C CA  . TRP B 2 128 ? 6.036   2.180   -5.714  1.00 22.58 ? 128 TRP H CA  1 
ATOM   1081 C CA  . MET B 2 129 ? 6.052   4.811   -3.072  1.00 21.58 ? 129 MET H CA  1 
ATOM   1082 C CA  . ASN B 2 130 ? 9.547   3.412   -2.570  1.00 18.02 ? 130 ASN H CA  1 
ATOM   1083 C CA  . ALA B 2 131 ? 11.558  1.545   -4.989  1.00 23.46 ? 131 ALA H CA  1 
ATOM   1084 C CA  . ASN B 2 132 ? 14.812  -0.231  -5.669  1.00 24.99 ? 132 ASN H CA  1 
ATOM   1085 C CA  . THR B 2 133 ? 17.020  0.938   -8.528  1.00 25.73 ? 133 THR H CA  1 
ATOM   1086 C CA  . PRO B 2 134 ? 17.062  -1.658  -11.322 1.00 23.68 ? 134 PRO H CA  1 
ATOM   1087 C CA  . ASN B 2 135 ? 20.576  -2.432  -10.334 1.00 32.23 ? 135 ASN H CA  1 
ATOM   1088 C CA  . ASN B 2 136 ? 19.503  -3.317  -6.735  1.00 26.38 ? 136 ASN H CA  1 
ATOM   1089 C CA  . ALA B 2 137 ? 22.293  -1.039  -5.665  1.00 25.97 ? 137 ALA H CA  1 
ATOM   1090 C CA  . ASP B 2 138 ? 20.047  1.649   -4.217  1.00 28.15 ? 138 ASP H CA  1 
ATOM   1091 C CA  . LEU B 2 139 ? 16.728  2.052   -2.501  1.00 22.01 ? 139 LEU H CA  1 
ATOM   1092 C CA  . LEU B 2 140 ? 14.818  5.271   -3.298  1.00 20.59 ? 140 LEU H CA  1 
ATOM   1093 C CA  . PHE B 2 141 ? 12.403  6.504   -0.621  1.00 16.40 ? 141 PHE H CA  1 
ATOM   1094 C CA  . PHE B 2 142 ? 10.066  9.578   -0.384  1.00 17.45 ? 142 PHE H CA  1 
ATOM   1095 C CA  . GLN B 2 143 ? 10.115  12.294  2.214   1.00 19.17 ? 143 GLN H CA  1 
ATOM   1096 C CA  . PHE B 2 144 ? 7.174   14.735  2.500   1.00 18.34 ? 144 PHE H CA  1 
ATOM   1097 C CA  . ALA B 2 145 ? 8.063   16.785  5.668   1.00 22.30 ? 145 ALA H CA  1 
ATOM   1098 C CA  . ALA B 2 146 ? 10.468  19.617  5.801   1.00 29.10 ? 146 ALA H CA  1 
ATOM   1099 C CA  . GLY B 2 147 ? 9.858   19.352  1.940   1.00 24.97 ? 147 GLY H CA  1 
ATOM   1100 C CA  . PRO B 2 148 ? 9.685   16.733  -0.839  1.00 25.57 ? 148 PRO H CA  1 
ATOM   1101 C CA  . ALA B 2 149 ? 12.721  14.805  -1.540  1.00 21.48 ? 149 ALA H CA  1 
ATOM   1102 C CA  . VAL B 2 150 ? 13.858  11.436  -2.589  1.00 21.43 ? 150 VAL H CA  1 
ATOM   1103 C CA  . GLY B 2 151 ? 16.361  9.881   -0.342  1.00 21.60 ? 151 GLY H CA  1 
ATOM   1104 C CA  . LEU B 2 152 ? 19.096  7.855   -1.823  1.00 28.43 ? 152 LEU H CA  1 
ATOM   1105 C CA  . VAL B 2 153 ? 20.379  4.720   0.085   1.00 20.73 ? 153 VAL H CA  1 
ATOM   1106 C CA  . VAL B 2 154 ? 23.546  2.922   -1.059  1.00 23.45 ? 154 VAL H CA  1 
ATOM   1107 C CA  . GLN B 2 155 ? 22.996  -0.637  -0.465  1.00 28.58 ? 155 GLN H CA  1 
ATOM   1108 C CA  . GLY B 2 156 ? 26.370  -1.607  -1.806  1.00 44.46 ? 156 GLY H CA  1 
ATOM   1109 C CA  . GLY B 2 157 ? 28.206  0.754   0.525   1.00 34.14 ? 157 GLY H CA  1 
ATOM   1110 C CA  . SER B 2 158 ? 25.478  0.091   3.140   1.00 26.21 ? 158 SER H CA  1 
ATOM   1111 C CA  . SER B 2 159 ? 25.054  3.855   3.520   1.00 25.68 ? 159 SER H CA  1 
ATOM   1112 C CA  . ASP B 2 160 ? 22.558  6.809   3.199   1.00 22.85 ? 160 ASP H CA  1 
ATOM   1113 C CA  . ASP B 2 161 ? 23.804  8.669   0.160   1.00 28.00 ? 161 ASP H CA  1 
ATOM   1114 C CA  . GLN B 2 162 ? 22.048  12.024  -0.674  1.00 21.40 ? 162 GLN H CA  1 
ATOM   1115 C CA  . LEU B 2 163 ? 18.527  13.462  -0.313  1.00 29.32 ? 163 LEU H CA  1 
ATOM   1116 C CA  . LEU B 2 164 ? 17.254  14.545  -3.857  1.00 21.97 ? 164 LEU H CA  1 
ATOM   1117 C CA  . SER B 2 165 ? 15.113  17.731  -3.892  1.00 31.60 ? 165 SER H CA  1 
ATOM   1118 C CA  . SER B 2 166 ? 12.091  16.979  -6.002  1.00 27.16 ? 166 SER H CA  1 
ATOM   1119 C CA  . PRO B 2 167 ? 8.986   18.830  -7.136  1.00 32.01 ? 167 PRO H CA  1 
ATOM   1120 C CA  . THR B 2 168 ? 5.414   18.162  -5.823  1.00 30.62 ? 168 THR H CA  1 
ATOM   1121 C CA  . CYS B 2 169 ? 5.426   14.645  -7.087  1.00 19.83 ? 169 CYS H CA  1 
ATOM   1122 C CA  . TYR B 2 170 ? 4.720   11.236  -5.687  1.00 18.82 ? 170 TYR H CA  1 
ATOM   1123 C CA  . HIS B 2 171 ? 5.637   7.633   -6.312  1.00 20.26 ? 171 HIS H CA  1 
ATOM   1124 C CA  . ILE B 2 172 ? 8.961   6.329   -7.591  1.00 18.47 ? 172 ILE H CA  1 
ATOM   1125 C CA  . HIS B 2 173 ? 9.241   4.579   -10.924 1.00 22.77 ? 173 HIS H CA  1 
ATOM   1126 C CA  . PRO B 2 174 ? 12.822  3.625   -11.873 1.00 30.70 ? 174 PRO H CA  1 
ATOM   1127 C CA  . GLY B 2 175 ? 13.937  3.387   -15.525 1.00 30.86 ? 175 GLY H CA  1 
ATOM   1128 C CA  . ALA B 2 176 ? 17.764  3.340   -15.019 1.00 30.72 ? 176 ALA H CA  1 
ATOM   1129 C CA  . PRO B 2 177 ? 20.336  3.217   -12.280 1.00 30.75 ? 177 PRO H CA  1 
ATOM   1130 C CA  . SER B 2 178 ? 20.134  7.015   -12.186 1.00 29.53 ? 178 SER H CA  1 
ATOM   1131 C CA  . THR B 2 179 ? 16.655  7.767   -13.677 1.00 29.63 ? 179 THR H CA  1 
ATOM   1132 C CA  . PHE B 2 180 ? 13.225  7.522   -12.198 1.00 15.26 ? 180 PHE H CA  1 
ATOM   1133 C CA  . TYR B 2 181 ? 9.831   8.966   -12.652 1.00 18.20 ? 181 TYR H CA  1 
ATOM   1134 C CA  . LEU B 2 182 ? 7.600   10.521  -10.092 1.00 20.64 ? 182 LEU H CA  1 
ATOM   1135 C CA  . LEU B 2 183 ? 3.710   11.460  -10.625 1.00 17.27 ? 183 LEU H CA  1 
ATOM   1136 C CA  . CYS B 2 184 ? 3.086   15.176  -10.162 1.00 22.79 ? 184 CYS H CA  1 
ATOM   1137 C CA  . ALA B 2 185 ? 0.273   17.550  -8.855  1.00 21.65 ? 185 ALA H CA  1 
ATOM   1138 C CA  . GLN B 2 186 ? 0.541   19.163  -12.454 1.00 26.39 ? 186 GLN H CA  1 
ATOM   1139 C CA  . GLY B 2 187 ? 3.859   18.332  -14.166 1.00 37.50 ? 187 GLY H CA  1 
ATOM   1140 C CA  . GLY B 2 188 ? 2.988   15.192  -16.264 1.00 28.67 ? 188 GLY H CA  1 
ATOM   1141 C CA  . LEU B 2 189 ? 5.362   12.793  -14.756 1.00 24.70 ? 189 LEU H CA  1 
ATOM   1142 C CA  . ALA B 2 190 ? 8.763   14.124  -13.641 1.00 22.70 ? 190 ALA H CA  1 
ATOM   1143 C CA  . LYS B 2 191 ? 12.018  12.578  -14.942 1.00 26.38 ? 191 LYS H CA  1 
ATOM   1144 C CA  . THR B 2 192 ? 14.747  12.565  -12.287 1.00 24.81 ? 192 THR H CA  1 
ATOM   1145 C CA  . ASP B 2 193 ? 18.415  12.263  -13.174 1.00 31.17 ? 193 ASP H CA  1 
ATOM   1146 C CA  . HIS B 2 194 ? 20.428  11.922  -10.065 1.00 30.41 ? 194 HIS H CA  1 
ATOM   1147 C CA  . ALA B 2 195 ? 23.565  10.899  -11.809 1.00 34.38 ? 195 ALA H CA  1 
ATOM   1148 C CA  . GLY B 2 196 ? 27.056  12.401  -11.480 1.00 49.23 ? 196 GLY H CA  1 
ATOM   1149 C CA  . GLY B 2 197 ? 26.249  13.674  -7.985  1.00 36.23 ? 197 GLY H CA  1 
ATOM   1150 C CA  . ALA B 2 198 ? 23.655  15.961  -9.602  1.00 43.00 ? 198 ALA H CA  1 
ATOM   1151 C CA  . ALA B 2 199 ? 19.860  16.154  -9.447  1.00 42.71 ? 199 ALA H CA  1 
ATOM   1152 C CA  . GLY B 2 200 ? 18.238  16.830  -12.968 1.00 37.44 ? 200 GLY H CA  1 
ATOM   1153 C CA  . ALA B 2 201 ? 14.351  17.377  -12.999 1.00 32.75 ? 201 ALA H CA  1 
ATOM   1154 C CA  . GLY B 2 202 ? 12.480  17.468  -16.415 1.00 37.46 ? 202 GLY H CA  1 
ATOM   1155 C CA  . LEU B 2 203 ? 8.685   17.220  -16.680 1.00 27.00 ? 203 LEU H CA  1 
ATOM   1156 C CA  . VAL B 2 204 ? 6.673   15.253  -19.196 1.00 27.22 ? 204 VAL H CA  1 
ATOM   1157 C CA  . GLY B 2 205 ? 3.494   16.717  -20.781 1.00 40.36 ? 205 GLY H CA  1 
ATOM   1158 C CA  . ALA B 2 206 ? 0.237   16.978  -18.703 1.00 23.48 ? 206 ALA H CA  1 
ATOM   1159 C CA  . MET B 2 207 ? -1.341  13.567  -19.212 1.00 26.92 ? 207 MET H CA  1 
ATOM   1160 C CA  . LEU B 2 208 ? -4.810  13.583  -17.398 1.00 19.29 ? 208 LEU H CA  1 
ATOM   1161 C CA  . THR B 2 209 ? -7.300  16.325  -16.759 1.00 32.20 ? 209 THR H CA  1 
ATOM   1162 C CA  . ALA B 2 210 ? -7.676  17.569  -13.136 1.00 37.65 ? 210 ALA H CA  1 
ATOM   1163 C CA  . ALA B 2 211 ? -11.032 15.806  -13.213 1.00 36.11 ? 211 ALA H CA  1 
ATOM   1164 C CA  . GLN B 2 212 ? -9.308  12.466  -13.819 1.00 22.85 ? 212 GLN H CA  1 
ATOM   1165 C CA  . ASN B 2 213 ? -8.311  11.184  -10.369 1.00 20.91 ? 213 ASN H CA  1 
ATOM   1166 C CA  . LEU B 2 214 ? -5.449  8.777   -10.534 1.00 17.69 ? 214 LEU H CA  1 
ATOM   1167 C CA  . LEU B 2 215 ? -5.711  6.057   -7.888  1.00 19.94 ? 215 LEU H CA  1 
ATOM   1168 C CA  . THR B 2 216 ? -3.086  5.788   -4.959  1.00 16.99 ? 216 THR H CA  1 
ATOM   1169 C CA  . GLN B 2 217 ? -2.212  2.319   -6.430  1.00 11.14 ? 217 GLN H CA  1 
ATOM   1170 C CA  . PRO B 2 218 ? -0.736  1.848   -9.926  1.00 20.02 ? 218 PRO H CA  1 
ATOM   1171 C CA  . ALA B 2 219 ? 1.093   -1.175  -11.329 1.00 15.51 ? 219 ALA H CA  1 
ATOM   1172 C CA  . GLN B 2 220 ? 4.622   -0.902  -12.816 1.00 25.50 ? 220 GLN H CA  1 
ATOM   1173 C CA  . ALA B 2 221 ? 7.213   -3.512  -14.156 1.00 17.40 ? 221 ALA H CA  1 
ATOM   1174 C CA  . ASN B 2 222 ? 10.682  -2.435  -13.224 1.00 21.55 ? 222 ASN H CA  1 
ATOM   1175 C CA  . LYS B 2 223 ? 11.882  -5.100  -15.602 1.00 29.76 ? 223 LYS H CA  1 
ATOM   1176 C CA  . SER B 2 224 ? 9.747   -3.685  -18.572 1.00 28.59 ? 224 SER H CA  1 
ATOM   1177 C CA  . GLY B 2 225 ? 9.274   -0.024  -17.783 1.00 22.60 ? 225 GLY H CA  1 
ATOM   1178 C CA  . ARG B 2 226 ? 5.536   -0.261  -18.132 1.00 20.19 ? 226 ARG H CA  1 
ATOM   1179 C CA  . ILE B 2 227 ? 3.416   1.951   -15.716 1.00 20.24 ? 227 ILE H CA  1 
ATOM   1180 C CA  . VAL B 2 228 ? -0.309  1.066   -15.618 1.00 14.49 ? 228 VAL H CA  1 
ATOM   1181 C CA  . TRP B 2 229 ? -2.380  3.846   -13.960 1.00 17.73 ? 229 TRP H CA  1 
ATOM   1182 C CA  . PRO B 2 230 ? -6.172  3.699   -13.419 1.00 17.91 ? 230 PRO H CA  1 
ATOM   1183 C CA  . VAL B 2 231 ? -8.465  6.617   -12.420 1.00 16.86 ? 231 VAL H CA  1 
ATOM   1184 C CA  . TYR B 2 232 ? -11.340 6.267   -9.863  1.00 13.34 ? 232 TYR H CA  1 
ATOM   1185 C CA  . SER B 2 233 ? -13.512 5.375   -12.841 1.00 22.53 ? 233 SER H CA  1 
ATOM   1186 C CA  . GLY B 2 234 ? -11.464 2.539   -14.498 1.00 19.23 ? 234 GLY H CA  1 
ATOM   1187 C CA  . LYS B 2 235 ? -9.806  4.497   -17.170 1.00 16.23 ? 235 LYS H CA  1 
ATOM   1188 C CA  . ILE B 2 236 ? -6.282  3.431   -17.754 1.00 16.32 ? 236 ILE H CA  1 
ATOM   1189 C CA  . LEU B 2 237 ? -3.417  5.683   -18.611 1.00 14.57 ? 237 LEU H CA  1 
ATOM   1190 C CA  . GLN B 2 238 ? -0.282  3.681   -19.718 1.00 22.72 ? 238 GLN H CA  1 
ATOM   1191 C CA  . ALA B 2 239 ? 3.292   4.806   -20.465 1.00 18.99 ? 239 ALA H CA  1 
ATOM   1192 C CA  . ASP B 2 240 ? 6.480   3.034   -21.228 1.00 22.87 ? 240 ASP H CA  1 
ATOM   1193 C CA  . ILE B 2 241 ? 9.216   4.604   -19.149 1.00 27.92 ? 241 ILE H CA  1 
ATOM   1194 C CA  . SER B 2 242 ? 12.914  4.650   -20.216 1.00 29.39 ? 242 SER H CA  1 
ATOM   1195 C CA  . ALA B 2 243 ? 16.005  6.272   -19.250 1.00 35.61 ? 243 ALA H CA  1 
ATOM   1196 C CA  . ALA B 2 244 ? 15.449  8.661   -22.079 1.00 34.09 ? 244 ALA H CA  1 
ATOM   1197 C CA  . GLY B 2 245 ? 11.786  9.399   -21.479 1.00 26.22 ? 245 GLY H CA  1 
ATOM   1198 C CA  . ALA B 2 246 ? 8.253   8.361   -20.915 1.00 28.31 ? 246 ALA H CA  1 
ATOM   1199 C CA  . THR B 2 247 ? 6.082   7.335   -23.761 1.00 29.62 ? 247 THR H CA  1 
ATOM   1200 C CA  . ASN B 2 248 ? 2.363   7.673   -23.145 1.00 25.38 ? 248 ASN H CA  1 
ATOM   1201 C CA  . LYS B 2 249 ? 0.117   5.065   -24.857 1.00 24.26 ? 249 LYS H CA  1 
ATOM   1202 C CA  . ALA B 2 250 ? -3.550  5.580   -25.877 1.00 22.06 ? 250 ALA H CA  1 
ATOM   1203 C CA  . PRO B 2 251 ? -5.851  5.198   -22.863 1.00 25.39 ? 251 PRO H CA  1 
ATOM   1204 C CA  . ILE B 2 252 ? -8.141  2.327   -22.306 1.00 25.44 ? 252 ILE H CA  1 
ATOM   1205 C CA  . ASP B 2 253 ? -11.407 2.269   -20.335 1.00 23.20 ? 253 ASP H CA  1 
ATOM   1206 C CA  . ALA B 2 254 ? -11.490 -0.804  -18.106 1.00 28.19 ? 254 ALA H CA  1 
ATOM   1207 C CA  . LEU B 2 255 ? -15.256 -0.895  -17.702 1.00 30.92 ? 255 LEU H CA  1 
ATOM   1208 C CA  . SER B 2 256 ? -17.922 -0.666  -20.339 1.00 30.06 ? 256 SER H CA  1 
ATOM   1209 C CA  . GLY B 2 257 ? -20.416 2.178   -20.775 1.00 37.14 ? 257 GLY H CA  1 
ATOM   1210 C CA  . GLY B 2 258 ? -23.077 -0.264  -19.484 1.00 29.74 ? 258 GLY H CA  1 
ATOM   1211 C CA  . ARG B 2 259 ? -20.810 -1.473  -16.629 1.00 24.65 ? 259 ARG H CA  1 
ATOM   1212 C CA  . LYS B 2 260 ? -20.003 2.136   -15.886 1.00 20.01 ? 260 LYS H CA  1 
ATOM   1213 C CA  . ALA B 2 261 ? -23.618 3.268   -16.023 1.00 38.33 ? 261 ALA H CA  1 
ATOM   1214 C CA  . ASP B 2 262 ? -24.407 0.409   -13.713 1.00 37.19 ? 262 ASP H CA  1 
ATOM   1215 C CA  . THR B 2 263 ? -22.359 1.700   -10.876 1.00 29.47 ? 263 THR H CA  1 
ATOM   1216 C CA  . TRP B 2 264 ? -19.178 -0.275  -11.866 1.00 18.71 ? 264 TRP H CA  1 
ATOM   1217 C CA  . ARG B 2 265 ? -15.864 1.177   -10.778 1.00 25.35 ? 265 ARG H CA  1 
ATOM   1218 C CA  . PRO B 2 266 ? -12.546 0.051   -9.341  1.00 23.40 ? 266 PRO H CA  1 
ATOM   1219 C CA  . GLY B 2 267 ? -12.030 -0.098  -5.595  1.00 14.61 ? 267 GLY H CA  1 
ATOM   1220 C CA  . GLY B 2 268 ? -10.067 -1.509  -2.663  1.00 19.23 ? 268 GLY H CA  1 
ATOM   1221 C CA  . TRP B 2 269 ? -6.400  -1.183  -1.757  1.00 20.18 ? 269 TRP H CA  1 
ATOM   1222 C CA  . GLN B 2 270 ? -3.755  -2.559  -4.151  1.00 17.09 ? 270 GLN H CA  1 
ATOM   1223 C CA  . GLN B 2 271 ? -6.357  -2.703  -7.032  1.00 15.62 ? 271 GLN H CA  1 
ATOM   1224 C CA  . VAL B 2 272 ? -4.106  -2.851  -10.078 1.00 21.86 ? 272 VAL H CA  1 
ATOM   1225 C CA  . ALA B 2 273 ? -1.843  -5.721  -11.261 1.00 16.44 ? 273 ALA H CA  1 
ATOM   1226 C CA  . TYR B 2 274 ? 0.178   -6.266  -14.473 1.00 20.31 ? 274 TYR H CA  1 
ATOM   1227 C CA  . LEU B 2 275 ? 1.522   -9.667  -15.923 1.00 16.84 ? 275 LEU H CA  1 
ATOM   1228 C CA  . LYS B 2 276 ? 4.597   -8.655  -17.902 1.00 27.24 ? 276 LYS H CA  1 
ATOM   1229 C CA  . SER B 2 277 ? 5.136   -11.842 -19.935 1.00 32.32 ? 277 SER H CA  1 
ATOM   1230 C CA  . SER B 2 278 ? 1.569   -11.677 -21.141 1.00 26.50 ? 278 SER H CA  1 
ATOM   1231 C CA  . ASP B 2 279 ? 0.907   -7.976  -21.164 1.00 25.22 ? 279 ASP H CA  1 
ATOM   1232 C CA  . GLY B 2 280 ? -2.264  -8.662  -19.135 1.00 22.16 ? 280 GLY H CA  1 
ATOM   1233 C CA  . ILE B 2 281 ? -3.738  -5.898  -16.894 1.00 18.60 ? 281 ILE H CA  1 
ATOM   1234 C CA  . TYR B 2 282 ? -5.798  -7.028  -13.787 1.00 19.98 ? 282 TYR H CA  1 
ATOM   1235 C CA  . LEU B 2 283 ? -8.129  -4.620  -12.057 1.00 19.50 ? 283 LEU H CA  1 
ATOM   1236 C CA  . LEU B 2 284 ? -10.185 -4.923  -8.866  1.00 21.37 ? 284 LEU H CA  1 
ATOM   1237 C CA  . THR B 2 285 ? -13.830 -3.684  -9.504  1.00 22.81 ? 285 THR H CA  1 
ATOM   1238 C CA  . SER B 2 286 ? -17.398 -3.901  -7.978  1.00 26.34 ? 286 SER H CA  1 
ATOM   1239 C CA  . GLU B 2 287 ? -20.522 -1.687  -8.062  1.00 23.14 ? 287 GLU H CA  1 
ATOM   1240 C CA  . GLN B 2 288 ? -19.476 1.054   -5.657  1.00 22.54 ? 288 GLN H CA  1 
ATOM   1241 C CA  . SER B 2 289 ? -20.958 4.544   -4.773  1.00 25.96 ? 289 SER H CA  1 
ATOM   1242 C CA  . ALA B 2 290 ? -18.489 7.151   -6.255  1.00 30.50 ? 290 ALA H CA  1 
ATOM   1243 C CA  . TRP B 2 291 ? -16.879 7.686   -2.881  1.00 19.93 ? 291 TRP H CA  1 
ATOM   1244 C CA  . LYS B 2 292 ? -16.474 3.998   -1.855  1.00 22.29 ? 292 LYS H CA  1 
ATOM   1245 C CA  . LEU B 2 293 ? -13.034 4.134   -3.579  1.00 23.73 ? 293 LEU H CA  1 
ATOM   1246 C CA  . HIS B 2 294 ? -11.492 2.121   -0.597  1.00 17.91 ? 294 HIS H CA  1 
ATOM   1247 C CA  . ALA B 2 295 ? -14.274 -0.603  -0.055  1.00 16.72 ? 295 ALA H CA  1 
ATOM   1248 C CA  . ALA B 2 296 ? -13.405 -4.159  -0.876  1.00 16.13 ? 296 ALA H CA  1 
ATOM   1249 C CA  . ALA B 2 297 ? -14.283 -5.308  -4.360  1.00 17.85 ? 297 ALA H CA  1 
ATOM   1250 C CA  . LYS B 2 298 ? -15.657 -8.815  -5.400  1.00 21.99 ? 298 LYS H CA  1 
ATOM   1251 C CA  . GLU B 2 299 ? -14.483 -9.208  -9.023  1.00 18.11 ? 299 GLU H CA  1 
ATOM   1252 C CA  . VAL B 2 300 ? -11.366 -8.869  -11.150 1.00 24.01 ? 300 VAL H CA  1 
ATOM   1253 C CA  . THR B 2 301 ? -11.459 -7.710  -14.796 1.00 22.51 ? 301 THR H CA  1 
ATOM   1254 C CA  . SER B 2 302 ? -8.628  -8.905  -17.119 1.00 19.44 ? 302 SER H CA  1 
ATOM   1255 C CA  . VAL B 2 303 ? -7.664  -6.766  -20.171 1.00 22.54 ? 303 VAL H CA  1 
ATOM   1256 C CA  . THR B 2 304 ? -5.099  -7.188  -23.131 1.00 18.73 ? 304 THR H CA  1 
ATOM   1257 C CA  . GLY B 2 305 ? -2.724  -4.311  -22.137 1.00 19.05 ? 305 GLY H CA  1 
ATOM   1258 C CA  . LEU B 2 306 ? -2.161  -3.848  -25.957 1.00 27.97 ? 306 LEU H CA  1 
ATOM   1259 C CA  . VAL B 2 307 ? -5.691  -3.820  -27.499 1.00 20.27 ? 307 VAL H CA  1 
ATOM   1260 C CA  . GLY B 2 308 ? -7.977  -3.030  -24.649 1.00 18.48 ? 308 GLY H CA  1 
ATOM   1261 C CA  . GLN B 2 309 ? -10.164 -6.150  -24.839 1.00 29.43 ? 309 GLN H CA  1 
ATOM   1262 C CA  . THR B 2 310 ? -11.691 -7.950  -21.741 1.00 25.66 ? 310 THR H CA  1 
ATOM   1263 C CA  . SER B 2 311 ? -10.007 -11.395 -21.662 1.00 27.25 ? 311 SER H CA  1 
ATOM   1264 C CA  . SER B 2 312 ? -12.123 -12.249 -18.587 1.00 22.86 ? 312 SER H CA  1 
ATOM   1265 C CA  . GLN B 2 313 ? -14.016 -11.033 -15.574 1.00 23.61 ? 313 GLN H CA  1 
ATOM   1266 C CA  . ILE B 2 314 ? -13.426 -13.089 -12.406 1.00 30.02 ? 314 ILE H CA  1 
ATOM   1267 C CA  . SER B 2 315 ? -15.957 -13.660 -9.678  1.00 35.39 ? 315 SER H CA  1 
ATOM   1268 C CA  . LEU B 2 316 ? -13.556 -13.680 -6.643  1.00 30.84 ? 316 LEU H CA  1 
ATOM   1269 C CA  . GLY B 2 317 ? -16.125 -15.099 -4.343  1.00 24.54 ? 317 GLY H CA  1 
ATOM   1270 C CA  . HIS B 2 318 ? -14.798 -13.013 -1.475  1.00 18.57 ? 318 HIS H CA  1 
ATOM   1271 C CA  . ASP B 2 319 ? -14.578 -9.397  -0.210  1.00 19.92 ? 319 ASP H CA  1 
ATOM   1272 C CA  . VAL B 2 320 ? -11.079 -8.735  -1.641  1.00 18.47 ? 320 VAL H CA  1 
ATOM   1273 C CA  . ASP B 2 321 ? -8.802  -5.592  -0.963  1.00 17.48 ? 321 ASP H CA  1 
ATOM   1274 C CA  . ALA B 2 322 ? -5.494  -6.106  -2.710  1.00 13.66 ? 322 ALA H CA  1 
ATOM   1275 C CA  . ILE B 2 323 ? -4.462  -8.341  -5.699  1.00 16.85 ? 323 ILE H CA  1 
ATOM   1276 C CA  . SER B 2 324 ? -1.148  -9.284  -7.539  1.00 20.69 ? 324 SER H CA  1 
ATOM   1277 C CA  . VAL B 2 325 ? -0.062  -12.088 -9.883  1.00 20.81 ? 325 VAL H CA  1 
ATOM   1278 C CA  . ALA B 2 326 ? 2.933   -14.520 -10.010 1.00 12.05 ? 326 ALA H CA  1 
ATOM   1279 C CA  . GLN B 2 327 ? 5.107   -13.191 -12.762 1.00 22.45 ? 327 GLN H CA  1 
ATOM   1280 C CA  . ASP B 2 328 ? 5.633   -16.687 -14.278 1.00 25.01 ? 328 ASP H CA  1 
ATOM   1281 C CA  . GLY B 2 329 ? 4.249   -18.271 -17.592 1.00 38.87 ? 329 GLY H CA  1 
ATOM   1282 C CA  . GLY B 2 330 ? 1.271   -19.718 -15.676 1.00 32.48 ? 330 GLY H CA  1 
ATOM   1283 C CA  . PRO B 2 331 ? 0.561   -17.009 -13.078 1.00 24.18 ? 331 PRO H CA  1 
ATOM   1284 C CA  . ASP B 2 332 ? -1.347  -17.307 -9.937  1.00 25.00 ? 332 ASP H CA  1 
ATOM   1285 C CA  . LEU B 2 333 ? -3.712  -14.570 -8.943  1.00 21.76 ? 333 LEU H CA  1 
ATOM   1286 C CA  . TYR B 2 334 ? -3.308  -13.423 -5.312  1.00 16.24 ? 334 TYR H CA  1 
ATOM   1287 C CA  . ALA B 2 335 ? -6.362  -11.864 -3.699  1.00 18.19 ? 335 ALA H CA  1 
ATOM   1288 C CA  . LEU B 2 336 ? -5.985  -10.567 -0.184  1.00 17.78 ? 336 LEU H CA  1 
ATOM   1289 C CA  . SER B 2 337 ? -8.742  -9.882  2.301   1.00 11.06 ? 337 SER H CA  1 
ATOM   1290 C CA  . ALA B 2 338 ? -7.591  -7.512  5.006   1.00 15.52 ? 338 ALA H CA  1 
ATOM   1291 C CA  . GLY B 2 339 ? -10.827 -8.056  6.882   1.00 19.05 ? 339 GLY H CA  1 
ATOM   1292 C CA  . THR B 2 340 ? -10.433 -11.789 7.357   1.00 21.85 ? 340 THR H CA  1 
ATOM   1293 C CA  . GLU B 2 341 ? -6.691  -11.695 7.093   1.00 15.61 ? 341 GLU H CA  1 
ATOM   1294 C CA  . VAL B 2 342 ? -6.846  -14.332 4.462   1.00 17.60 ? 342 VAL H CA  1 
ATOM   1295 C CA  . LEU B 2 343 ? -4.890  -14.760 1.253   1.00 17.28 ? 343 LEU H CA  1 
ATOM   1296 C CA  . HIS B 2 344 ? -6.820  -16.432 -1.685  1.00 18.43 ? 344 HIS H CA  1 
ATOM   1297 C CA  . ILE B 2 345 ? -4.860  -18.038 -4.381  1.00 22.00 ? 345 ILE H CA  1 
ATOM   1298 C CA  . TYR B 2 346 ? -6.447  -18.568 -7.772  1.00 25.26 ? 346 TYR H CA  1 
ATOM   1299 C CA  . ASP B 2 347 ? -5.551  -19.871 -11.175 1.00 24.55 ? 347 ASP H CA  1 
ATOM   1300 C CA  . ALA B 2 348 ? -5.345  -16.624 -13.214 1.00 27.41 ? 348 ALA H CA  1 
ATOM   1301 C CA  . GLY B 2 349 ? -6.488  -18.348 -16.439 1.00 36.31 ? 349 GLY H CA  1 
ATOM   1302 C CA  . ALA B 2 350 ? -9.422  -20.380 -15.037 1.00 31.89 ? 350 ALA H CA  1 
ATOM   1303 C CA  . GLY B 2 351 ? -10.169 -17.957 -12.139 1.00 29.31 ? 351 GLY H CA  1 
ATOM   1304 C CA  . ASP B 2 352 ? -10.505 -21.162 -10.128 1.00 25.04 ? 352 ASP H CA  1 
ATOM   1305 C CA  . GLN B 2 353 ? -9.622  -20.728 -6.519  1.00 27.43 ? 353 GLN H CA  1 
ATOM   1306 C CA  . ASP B 2 354 ? -6.905  -23.082 -5.555  1.00 25.73 ? 354 ASP H CA  1 
ATOM   1307 C CA  . GLN B 2 355 ? -5.545  -22.465 -2.011  1.00 23.07 ? 355 GLN H CA  1 
ATOM   1308 C CA  . SER B 2 356 ? -6.255  -20.054 0.884   1.00 26.74 ? 356 SER H CA  1 
ATOM   1309 C CA  . THR B 2 357 ? -3.991  -18.907 3.873   1.00 17.62 ? 357 THR H CA  1 
ATOM   1310 C CA  . VAL B 2 358 ? -5.710  -17.701 7.079   1.00 14.64 ? 358 VAL H CA  1 
ATOM   1311 C CA  . GLU B 2 359 ? -4.218  -15.842 10.101  1.00 18.72 ? 359 GLU H CA  1 
ATOM   1312 C CA  . LEU B 2 360 ? -2.118  -13.384 8.276   1.00 14.49 ? 360 LEU H CA  1 
ATOM   1313 C CA  . GLY B 2 361 ? -1.862  -10.656 10.873  1.00 11.88 ? 361 GLY H CA  1 
ATOM   1314 C CA  . SER B 2 362 ? -4.243  -7.845  11.686  1.00 16.24 ? 362 SER H CA  1 
ATOM   1315 C CA  . GLY B 2 363 ? -4.933  -6.018  8.474   1.00 11.61 ? 363 GLY H CA  1 
ATOM   1316 C CA  . PRO B 2 364 ? -2.854  -7.337  5.579   1.00 11.22 ? 364 PRO H CA  1 
ATOM   1317 C CA  . GLN B 2 365 ? -2.724  -5.206  2.480   1.00 20.32 ? 365 GLN H CA  1 
ATOM   1318 C CA  . VAL B 2 366 ? 0.449   -5.406  0.261   1.00 18.75 ? 366 VAL H CA  1 
ATOM   1319 C CA  . LEU B 2 367 ? 1.567   -8.457  -2.059  1.00 14.18 ? 367 LEU H CA  1 
ATOM   1320 C CA  . SER B 2 368 ? 5.243   -8.470  -3.285  1.00 20.92 ? 368 SER H CA  1 
ATOM   1321 C CA  . VAL B 2 369 ? 6.749   -10.997 -5.712  1.00 19.95 ? 369 VAL H CA  1 
ATOM   1322 C CA  . MET B 2 370 ? 10.096  -11.415 -7.465  1.00 21.16 ? 370 MET H CA  1 
ATOM   1323 C CA  . ASN B 2 371 ? 9.920   -10.839 -11.324 1.00 22.68 ? 371 ASN H CA  1 
ATOM   1324 C CA  . GLU B 2 372 ? 12.514  -13.455 -11.512 1.00 34.72 ? 372 GLU H CA  1 
ATOM   1325 C CA  . ALA B 2 373 ? 11.952  -16.093 -13.991 1.00 50.40 ? 373 ALA H CA  1 
HETATM 1326 O O   . HOH C 3 .   ? 6.742   -11.867 13.990  1.00 17.76 ? 131 HOH L O   1 
HETATM 1327 O O   . HOH C 3 .   ? 0.564   3.813   16.013  1.00 15.06 ? 132 HOH L O   1 
HETATM 1328 O O   . HOH C 3 .   ? -9.818  5.402   19.672  1.00 13.46 ? 133 HOH L O   1 
HETATM 1329 O O   . HOH C 3 .   ? 0.955   0.911   -6.254  1.00 15.52 ? 134 HOH L O   1 
HETATM 1330 O O   . HOH C 3 .   ? 7.693   13.207  5.677   1.00 20.88 ? 135 HOH L O   1 
HETATM 1331 O O   . HOH C 3 .   ? 4.888   -7.349  0.852   1.00 22.26 ? 136 HOH L O   1 
HETATM 1332 O O   . HOH C 3 .   ? -1.964  8.986   -6.380  1.00 16.38 ? 137 HOH L O   1 
HETATM 1333 O O   . HOH C 3 .   ? 6.641   -13.526 -9.445  1.00 19.60 ? 138 HOH L O   1 
HETATM 1334 O O   . HOH C 3 .   ? 1.832   0.481   10.902  1.00 16.72 ? 139 HOH L O   1 
HETATM 1335 O O   . HOH C 3 .   ? 4.495   -15.136 -6.528  1.00 23.50 ? 140 HOH L O   1 
HETATM 1336 O O   . HOH C 3 .   ? -5.811  6.804   25.081  1.00 17.08 ? 141 HOH L O   1 
HETATM 1337 O O   . HOH C 3 .   ? -5.430  4.318   -1.142  1.00 21.63 ? 142 HOH L O   1 
HETATM 1338 O O   . HOH C 3 .   ? 3.638   -1.327  6.049   1.00 19.41 ? 143 HOH L O   1 
HETATM 1339 O O   . HOH C 3 .   ? -0.080  -0.501  -4.315  1.00 14.16 ? 144 HOH L O   1 
HETATM 1340 O O   . HOH C 3 .   ? 8.198   -14.102 -6.040  1.00 19.98 ? 145 HOH L O   1 
HETATM 1341 O O   . HOH C 3 .   ? 0.523   9.760   -7.002  1.00 19.86 ? 146 HOH L O   1 
HETATM 1342 O O   . HOH C 3 .   ? 10.839  -22.785 6.172   1.00 25.47 ? 147 HOH L O   1 
HETATM 1343 O O   . HOH C 3 .   ? 13.094  -4.135  11.847  1.00 23.31 ? 148 HOH L O   1 
HETATM 1344 O O   . HOH C 3 .   ? 1.335   7.866   28.440  1.00 25.49 ? 149 HOH L O   1 
HETATM 1345 O O   . HOH C 3 .   ? 10.539  -16.783 9.940   1.00 18.10 ? 150 HOH L O   1 
HETATM 1346 O O   . HOH C 3 .   ? 6.414   -7.745  14.843  1.00 17.81 ? 151 HOH L O   1 
HETATM 1347 O O   . HOH C 3 .   ? 4.079   2.698   4.332   1.00 13.05 ? 152 HOH L O   1 
HETATM 1348 O O   . HOH C 3 .   ? -4.585  -13.252 12.606  1.00 26.69 ? 153 HOH L O   1 
HETATM 1349 O O   . HOH C 3 .   ? 2.807   11.515  7.805   1.00 22.07 ? 154 HOH L O   1 
HETATM 1350 O O   . HOH C 3 .   ? -4.446  8.549   9.463   1.00 28.70 ? 155 HOH L O   1 
HETATM 1351 O O   . HOH C 3 .   ? -0.098  14.746  26.539  1.00 25.21 ? 156 HOH L O   1 
HETATM 1352 O O   . HOH C 3 .   ? -6.233  3.978   4.798   1.00 32.84 ? 157 HOH L O   1 
HETATM 1353 O O   . HOH C 3 .   ? -3.913  -2.409  7.795   1.00 19.39 ? 158 HOH L O   1 
HETATM 1354 O O   . HOH C 3 .   ? -10.283 13.890  3.112   1.00 24.25 ? 159 HOH L O   1 
HETATM 1355 O O   . HOH C 3 .   ? 1.084   -7.742  12.660  1.00 21.43 ? 160 HOH L O   1 
HETATM 1356 O O   . HOH C 3 .   ? 5.173   3.605   2.075   1.00 17.85 ? 161 HOH L O   1 
HETATM 1357 O O   . HOH C 3 .   ? -5.923  -34.250 6.980   1.00 33.38 ? 162 HOH L O   1 
HETATM 1358 O O   . HOH C 3 .   ? 10.752  -19.548 -2.199  1.00 25.62 ? 163 HOH L O   1 
HETATM 1359 O O   . HOH C 3 .   ? -0.259  -13.714 12.517  1.00 30.77 ? 164 HOH L O   1 
HETATM 1360 O O   . HOH C 3 .   ? 9.924   4.514   3.427   1.00 22.71 ? 165 HOH L O   1 
HETATM 1361 O O   . HOH C 3 .   ? 3.035   4.335   0.675   1.00 16.36 ? 166 HOH L O   1 
HETATM 1362 O O   . HOH C 3 .   ? -23.536 16.166  17.091  1.00 24.41 ? 167 HOH L O   1 
HETATM 1363 O O   . HOH C 3 .   ? -14.698 -3.323  2.506   1.00 24.11 ? 168 HOH L O   1 
HETATM 1364 O O   . HOH C 3 .   ? -11.655 -7.269  3.183   1.00 25.27 ? 169 HOH L O   1 
HETATM 1365 O O   . HOH C 3 .   ? 6.478   6.076   2.739   1.00 23.31 ? 170 HOH L O   1 
HETATM 1366 O O   . HOH C 3 .   ? 1.463   -25.290 6.191   1.00 30.61 ? 171 HOH L O   1 
HETATM 1367 O O   . HOH C 3 .   ? -9.571  -1.809  0.544   1.00 19.60 ? 172 HOH L O   1 
HETATM 1368 O O   . HOH C 3 .   ? -13.164 4.024   -7.706  1.00 20.70 ? 173 HOH L O   1 
HETATM 1369 O O   . HOH C 3 .   ? 6.472   -6.228  8.512   1.00 21.24 ? 174 HOH L O   1 
HETATM 1370 O O   . HOH C 3 .   ? -3.648  2.729   -21.924 1.00 23.22 ? 175 HOH L O   1 
HETATM 1371 O O   . HOH C 3 .   ? 10.360  -6.924  2.398   1.00 27.74 ? 176 HOH L O   1 
HETATM 1372 O O   . HOH C 3 .   ? 7.307   -0.480  -3.922  1.00 25.34 ? 177 HOH L O   1 
HETATM 1373 O O   . HOH C 3 .   ? 8.708   -6.866  8.016   1.00 19.37 ? 178 HOH L O   1 
HETATM 1374 O O   . HOH C 3 .   ? 12.800  -10.005 11.508  1.00 30.44 ? 179 HOH L O   1 
HETATM 1375 O O   . HOH C 3 .   ? -7.794  -1.891  2.984   1.00 23.46 ? 180 HOH L O   1 
HETATM 1376 O O   . HOH C 3 .   ? -3.561  9.458   1.198   1.00 24.76 ? 181 HOH L O   1 
HETATM 1377 O O   . HOH C 3 .   ? -21.938 13.278  6.907   1.00 24.91 ? 182 HOH L O   1 
HETATM 1378 O O   . HOH C 3 .   ? 1.248   -5.896  14.756  1.00 20.15 ? 183 HOH L O   1 
HETATM 1379 O O   . HOH C 3 .   ? 8.761   -4.892  -11.040 1.00 19.45 ? 184 HOH L O   1 
HETATM 1380 O O   . HOH C 3 .   ? -4.957  21.701  10.423  1.00 27.18 ? 185 HOH L O   1 
HETATM 1381 O O   . HOH C 3 .   ? -2.242  6.930   -21.419 1.00 25.25 ? 186 HOH L O   1 
HETATM 1382 O O   . HOH C 3 .   ? 5.367   15.989  15.549  1.00 30.78 ? 187 HOH L O   1 
HETATM 1383 O O   . HOH C 3 .   ? -13.586 2.299   -17.134 1.00 24.22 ? 188 HOH L O   1 
HETATM 1384 O O   . HOH C 3 .   ? -1.791  -1.799  -7.480  1.00 19.15 ? 189 HOH L O   1 
HETATM 1385 O O   . HOH C 3 .   ? -8.867  3.682   -4.358  1.00 25.52 ? 190 HOH L O   1 
HETATM 1386 O O   . HOH C 3 .   ? 5.568   11.578  7.407   1.00 25.37 ? 191 HOH L O   1 
HETATM 1387 O O   . HOH C 3 .   ? -13.537 11.476  16.003  1.00 21.74 ? 192 HOH L O   1 
HETATM 1388 O O   . HOH C 3 .   ? -10.040 3.421   -6.847  1.00 22.56 ? 193 HOH L O   1 
HETATM 1389 O O   . HOH C 3 .   ? 0.994   18.502  21.004  1.00 33.24 ? 194 HOH L O   1 
HETATM 1390 O O   . HOH C 3 .   ? 12.136  -4.027  -7.259  1.00 28.32 ? 195 HOH L O   1 
HETATM 1391 O O   . HOH C 3 .   ? 14.987  5.074   18.321  1.00 26.28 ? 196 HOH L O   1 
HETATM 1392 O O   . HOH C 3 .   ? -13.668 11.651  18.684  1.00 30.46 ? 197 HOH L O   1 
HETATM 1393 O O   . HOH C 3 .   ? 9.057   6.628   2.441   1.00 29.22 ? 198 HOH L O   1 
HETATM 1394 O O   . HOH C 3 .   ? -7.738  7.990   -3.069  1.00 21.09 ? 199 HOH L O   1 
HETATM 1395 O O   . HOH C 3 .   ? 6.228   9.319   18.218  1.00 27.26 ? 200 HOH L O   1 
HETATM 1396 O O   . HOH C 3 .   ? -11.584 10.319  -12.254 1.00 33.17 ? 201 HOH L O   1 
HETATM 1397 O O   . HOH C 3 .   ? 11.939  0.091   -15.693 1.00 27.44 ? 202 HOH L O   1 
HETATM 1398 O O   . HOH C 3 .   ? -3.803  23.469  13.641  1.00 24.97 ? 203 HOH L O   1 
HETATM 1399 O O   . HOH C 3 .   ? -6.840  5.837   -4.348  1.00 21.27 ? 204 HOH L O   1 
HETATM 1400 O O   . HOH C 3 .   ? 4.524   -22.747 8.066   1.00 26.17 ? 205 HOH L O   1 
HETATM 1401 O O   . HOH C 3 .   ? 9.879   -6.296  -13.297 1.00 30.81 ? 206 HOH L O   1 
HETATM 1402 O O   . HOH C 3 .   ? -7.532  -15.268 9.725   1.00 31.77 ? 207 HOH L O   1 
HETATM 1403 O O   . HOH C 3 .   ? 16.309  8.410   11.711  1.00 28.66 ? 208 HOH L O   1 
HETATM 1404 O O   . HOH C 3 .   ? -27.153 5.484   14.847  1.00 43.36 ? 209 HOH L O   1 
HETATM 1405 O O   . HOH C 3 .   ? -9.309  0.688   11.151  1.00 64.80 ? 210 HOH L O   1 
HETATM 1406 O O   . HOH C 3 .   ? -8.372  2.619   11.238  1.00 41.14 ? 211 HOH L O   1 
HETATM 1407 O O   . HOH C 3 .   ? -8.290  2.440   8.484   1.00 30.17 ? 212 HOH L O   1 
HETATM 1408 O O   . HOH C 3 .   ? -19.489 10.613  24.324  1.00 41.06 ? 213 HOH L O   1 
HETATM 1409 O O   . HOH C 3 .   ? 4.911   11.817  26.937  1.00 40.37 ? 214 HOH L O   1 
HETATM 1410 O O   . HOH C 3 .   ? 2.918   10.433  23.847  1.00 30.96 ? 215 HOH L O   1 
HETATM 1411 O O   . HOH C 3 .   ? -5.672  9.169   -0.966  1.00 30.27 ? 216 HOH L O   1 
# 
